data_1ZMZ
#
_entry.id   1ZMZ
#
_cell.length_a   1.000
_cell.length_b   1.000
_cell.length_c   1.000
_cell.angle_alpha   90.00
_cell.angle_beta   90.00
_cell.angle_gamma   90.00
#
_symmetry.space_group_name_H-M   'P 1'
#
_entity_poly.entity_id   1
_entity_poly.type   'polypeptide(L)'
_entity_poly.pdbx_seq_one_letter_code
;MASNFKKANMASSSQRKRMSPKPELTEEQKQEIREAFDLFDADGTGTIDVKELKVAMRALGFEPKKEEIKKMISEIDKEG
TGKMNFGDFLTVMTQKMS
;
_entity_poly.pdbx_strand_id   A
#
# COMPACT_ATOMS: atom_id res chain seq x y z
N MET A 1 12.14 11.06 28.22
CA MET A 1 11.76 9.79 28.91
C MET A 1 11.91 8.58 27.94
N ALA A 2 12.63 7.52 28.36
CA ALA A 2 12.76 6.26 27.56
C ALA A 2 11.56 5.26 27.67
N SER A 3 11.08 4.94 28.89
CA SER A 3 9.92 4.03 29.09
C SER A 3 8.53 4.70 28.83
N ASN A 4 7.49 3.87 28.65
CA ASN A 4 6.08 4.36 28.50
C ASN A 4 5.45 4.69 29.89
N PHE A 5 5.43 5.99 30.24
CA PHE A 5 4.78 6.49 31.49
C PHE A 5 3.23 6.77 31.41
N LYS A 6 2.54 6.49 30.29
CA LYS A 6 1.05 6.61 30.11
C LYS A 6 0.57 8.11 30.05
N LYS A 7 -0.70 8.31 29.60
CA LYS A 7 -1.31 9.65 29.32
C LYS A 7 -0.63 10.40 28.12
N ALA A 8 -0.80 9.86 26.89
CA ALA A 8 -0.41 10.56 25.63
C ALA A 8 -1.63 11.31 25.01
N ASN A 9 -2.62 10.61 24.43
CA ASN A 9 -3.90 11.20 23.97
C ASN A 9 -5.10 10.49 24.69
N MET A 10 -5.73 11.18 25.65
CA MET A 10 -7.02 10.73 26.26
C MET A 10 -8.28 11.17 25.44
N ALA A 11 -8.43 12.47 25.09
CA ALA A 11 -9.51 12.94 24.20
C ALA A 11 -9.18 12.71 22.69
N SER A 12 -9.74 11.63 22.12
CA SER A 12 -9.44 11.21 20.72
C SER A 12 -10.28 11.97 19.64
N SER A 13 -9.78 13.15 19.21
CA SER A 13 -10.34 13.87 18.04
C SER A 13 -9.84 13.25 16.70
N SER A 14 -10.50 12.17 16.25
CA SER A 14 -10.02 11.34 15.11
C SER A 14 -10.43 11.95 13.73
N GLN A 15 -9.62 12.90 13.23
CA GLN A 15 -9.98 13.71 12.03
C GLN A 15 -9.68 12.97 10.69
N ARG A 16 -10.61 12.09 10.26
CA ARG A 16 -10.54 11.43 8.92
C ARG A 16 -11.18 12.30 7.77
N LYS A 17 -10.71 13.57 7.65
CA LYS A 17 -11.18 14.56 6.64
C LYS A 17 -10.14 15.72 6.60
N ARG A 18 -9.02 15.53 5.87
CA ARG A 18 -7.88 16.50 5.86
C ARG A 18 -7.41 16.84 4.41
N MET A 19 -6.98 15.86 3.59
CA MET A 19 -6.55 16.10 2.18
C MET A 19 -7.55 15.46 1.18
N SER A 20 -8.31 16.31 0.46
CA SER A 20 -9.16 15.87 -0.68
C SER A 20 -8.29 15.62 -1.97
N PRO A 21 -8.31 14.43 -2.67
CA PRO A 21 -7.33 14.12 -3.75
C PRO A 21 -7.43 15.00 -5.03
N LYS A 22 -6.26 15.49 -5.49
CA LYS A 22 -6.11 16.20 -6.79
C LYS A 22 -5.56 15.14 -7.85
N PRO A 23 -4.54 15.32 -8.76
CA PRO A 23 -3.97 14.19 -9.55
C PRO A 23 -2.96 13.33 -8.71
N GLU A 24 -3.53 12.34 -8.04
CA GLU A 24 -2.85 11.49 -7.01
C GLU A 24 -3.70 10.20 -6.68
N LEU A 25 -3.31 9.43 -5.64
CA LEU A 25 -4.14 8.31 -5.10
C LEU A 25 -5.52 8.78 -4.51
N THR A 26 -6.61 8.01 -4.71
CA THR A 26 -8.00 8.48 -4.37
C THR A 26 -8.50 7.92 -2.99
N GLU A 27 -9.82 7.98 -2.70
CA GLU A 27 -10.42 7.65 -1.37
C GLU A 27 -10.06 6.26 -0.76
N GLU A 28 -10.31 5.18 -1.53
CA GLU A 28 -9.84 3.79 -1.21
C GLU A 28 -8.31 3.67 -0.88
N GLN A 29 -7.43 4.14 -1.79
CA GLN A 29 -5.96 4.09 -1.56
C GLN A 29 -5.47 5.03 -0.41
N LYS A 30 -5.86 6.34 -0.40
CA LYS A 30 -5.63 7.29 0.75
C LYS A 30 -5.88 6.71 2.18
N GLN A 31 -7.13 6.27 2.42
CA GLN A 31 -7.55 5.55 3.64
C GLN A 31 -6.71 4.28 3.96
N GLU A 32 -6.52 3.32 3.05
CA GLU A 32 -5.86 2.01 3.42
C GLU A 32 -4.34 2.14 3.77
N ILE A 33 -3.49 2.81 2.95
CA ILE A 33 -2.05 3.02 3.30
C ILE A 33 -1.87 4.03 4.50
N ARG A 34 -2.54 5.22 4.57
CA ARG A 34 -2.49 6.07 5.79
C ARG A 34 -3.02 5.32 7.05
N GLU A 35 -4.25 4.78 7.06
CA GLU A 35 -4.83 4.23 8.31
C GLU A 35 -4.11 2.93 8.81
N ALA A 36 -3.54 2.05 7.93
CA ALA A 36 -2.67 0.94 8.39
C ALA A 36 -1.29 1.42 8.96
N PHE A 37 -0.46 2.17 8.19
CA PHE A 37 0.85 2.67 8.70
C PHE A 37 0.73 3.59 9.97
N ASP A 38 -0.24 4.52 10.02
CA ASP A 38 -0.58 5.30 11.26
C ASP A 38 -1.14 4.42 12.46
N LEU A 39 -1.90 3.31 12.24
CA LEU A 39 -2.26 2.34 13.31
C LEU A 39 -1.02 1.71 14.03
N PHE A 40 0.02 1.29 13.29
CA PHE A 40 1.30 0.77 13.88
C PHE A 40 2.25 1.93 14.34
N ASP A 41 2.50 2.96 13.51
CA ASP A 41 3.25 4.18 13.91
C ASP A 41 2.26 5.29 14.46
N ALA A 42 1.88 5.16 15.74
CA ALA A 42 0.79 5.99 16.33
C ALA A 42 1.18 7.44 16.75
N ASP A 43 2.27 7.63 17.52
CA ASP A 43 2.74 8.96 17.99
C ASP A 43 3.62 9.77 16.98
N GLY A 44 4.19 9.15 15.93
CA GLY A 44 5.00 9.83 14.89
C GLY A 44 6.50 9.51 14.99
N THR A 45 6.91 8.33 14.49
CA THR A 45 8.27 7.79 14.69
C THR A 45 9.04 7.68 13.33
N GLY A 46 8.63 6.80 12.40
CA GLY A 46 9.33 6.63 11.09
C GLY A 46 9.12 5.27 10.44
N THR A 47 9.72 4.21 11.01
CA THR A 47 9.66 2.84 10.43
C THR A 47 8.73 1.91 11.25
N ILE A 48 7.99 1.09 10.50
CA ILE A 48 7.19 -0.05 11.03
C ILE A 48 8.00 -1.36 10.69
N ASP A 49 7.96 -2.39 11.57
CA ASP A 49 8.81 -3.60 11.39
C ASP A 49 8.00 -4.79 10.74
N VAL A 50 8.65 -5.91 10.36
CA VAL A 50 7.94 -7.10 9.76
C VAL A 50 6.82 -7.75 10.62
N LYS A 51 6.92 -7.79 11.95
CA LYS A 51 5.78 -8.20 12.82
C LYS A 51 4.49 -7.32 12.63
N GLU A 52 4.61 -6.00 12.89
CA GLU A 52 3.58 -4.98 12.56
C GLU A 52 3.15 -4.92 11.05
N LEU A 53 4.11 -4.86 10.09
CA LEU A 53 3.83 -4.89 8.64
C LEU A 53 3.12 -6.19 8.11
N LYS A 54 3.41 -7.39 8.63
CA LYS A 54 2.62 -8.62 8.33
C LYS A 54 1.13 -8.51 8.81
N VAL A 55 0.88 -8.02 10.04
CA VAL A 55 -0.52 -7.66 10.49
C VAL A 55 -1.17 -6.53 9.58
N ALA A 56 -0.38 -5.54 9.14
CA ALA A 56 -0.81 -4.54 8.12
C ALA A 56 -1.20 -5.11 6.73
N MET A 57 -0.39 -6.06 6.21
CA MET A 57 -0.69 -6.82 4.97
C MET A 57 -1.93 -7.77 5.08
N ARG A 58 -2.16 -8.46 6.22
CA ARG A 58 -3.43 -9.21 6.48
C ARG A 58 -4.71 -8.29 6.42
N ALA A 59 -4.75 -7.13 7.13
CA ALA A 59 -5.84 -6.12 6.95
C ALA A 59 -5.96 -5.43 5.53
N LEU A 60 -4.84 -5.08 4.86
CA LEU A 60 -4.85 -4.42 3.52
C LEU A 60 -5.08 -5.35 2.29
N GLY A 61 -4.53 -6.58 2.28
CA GLY A 61 -4.72 -7.54 1.16
C GLY A 61 -6.17 -7.93 0.79
N PHE A 62 -6.93 -8.45 1.77
CA PHE A 62 -8.37 -8.87 1.66
C PHE A 62 -8.55 -10.10 0.72
N GLU A 63 -8.44 -9.86 -0.58
CA GLU A 63 -8.77 -10.80 -1.66
C GLU A 63 -7.75 -10.51 -2.80
N PRO A 64 -6.42 -10.92 -2.95
CA PRO A 64 -5.61 -10.30 -4.04
C PRO A 64 -5.20 -11.26 -5.21
N LYS A 65 -4.30 -10.77 -6.10
CA LYS A 65 -3.98 -11.47 -7.37
C LYS A 65 -3.09 -12.74 -7.18
N LYS A 66 -1.76 -12.62 -7.02
CA LYS A 66 -0.84 -13.79 -6.84
C LYS A 66 0.36 -13.33 -5.93
N GLU A 67 1.43 -12.77 -6.54
CA GLU A 67 2.66 -12.35 -5.83
C GLU A 67 2.62 -10.88 -5.29
N GLU A 68 1.74 -10.60 -4.30
CA GLU A 68 1.54 -9.23 -3.77
C GLU A 68 1.92 -9.09 -2.28
N ILE A 69 1.26 -9.84 -1.38
CA ILE A 69 1.44 -9.65 0.10
C ILE A 69 2.75 -10.39 0.58
N LYS A 70 2.94 -11.65 0.13
CA LYS A 70 4.21 -12.42 0.30
C LYS A 70 5.46 -11.75 -0.38
N LYS A 71 5.30 -11.20 -1.60
CA LYS A 71 6.35 -10.41 -2.31
C LYS A 71 6.83 -9.12 -1.56
N MET A 72 5.94 -8.22 -1.08
CA MET A 72 6.36 -7.09 -0.18
C MET A 72 7.10 -7.56 1.12
N ILE A 73 6.54 -8.48 1.96
CA ILE A 73 7.21 -8.91 3.23
C ILE A 73 8.58 -9.66 3.01
N SER A 74 8.68 -10.60 2.05
CA SER A 74 9.96 -11.25 1.68
C SER A 74 11.02 -10.36 0.93
N GLU A 75 10.63 -9.33 0.17
CA GLU A 75 11.58 -8.42 -0.54
C GLU A 75 12.21 -7.31 0.36
N ILE A 76 11.48 -6.70 1.32
CA ILE A 76 12.11 -5.76 2.32
C ILE A 76 12.84 -6.48 3.52
N ASP A 77 12.54 -7.76 3.82
CA ASP A 77 13.31 -8.59 4.79
C ASP A 77 14.58 -9.19 4.09
N LYS A 78 15.68 -8.39 3.96
CA LYS A 78 16.85 -8.77 3.12
C LYS A 78 18.27 -8.47 3.73
N GLU A 79 18.61 -7.18 3.89
CA GLU A 79 19.98 -6.70 4.25
C GLU A 79 20.14 -6.53 5.79
N GLY A 80 19.29 -5.72 6.43
CA GLY A 80 19.21 -5.65 7.91
C GLY A 80 17.85 -6.15 8.45
N THR A 81 17.40 -7.31 7.93
CA THR A 81 16.04 -7.90 8.10
C THR A 81 14.95 -6.87 7.62
N GLY A 82 13.73 -6.99 8.12
CA GLY A 82 12.56 -6.26 7.59
C GLY A 82 12.11 -5.05 8.41
N LYS A 83 12.43 -3.91 7.81
CA LYS A 83 11.94 -2.57 8.23
C LYS A 83 11.41 -1.80 6.99
N MET A 84 10.27 -1.12 7.17
CA MET A 84 9.63 -0.32 6.09
C MET A 84 9.30 1.10 6.64
N ASN A 85 9.66 2.15 5.86
CA ASN A 85 9.21 3.55 6.15
C ASN A 85 7.99 3.88 5.20
N PHE A 86 7.34 5.02 5.41
CA PHE A 86 6.09 5.37 4.66
C PHE A 86 6.34 5.66 3.15
N GLY A 87 7.47 6.26 2.74
CA GLY A 87 7.86 6.35 1.31
C GLY A 87 7.96 4.98 0.57
N ASP A 88 8.54 3.94 1.20
CA ASP A 88 8.51 2.54 0.70
C ASP A 88 7.04 1.99 0.61
N PHE A 89 6.26 2.03 1.72
CA PHE A 89 4.84 1.54 1.76
C PHE A 89 3.87 2.25 0.75
N LEU A 90 3.90 3.58 0.68
CA LEU A 90 3.16 4.37 -0.35
C LEU A 90 3.55 4.04 -1.82
N THR A 91 4.83 4.12 -2.21
CA THR A 91 5.29 3.79 -3.59
C THR A 91 5.08 2.29 -3.99
N VAL A 92 5.56 1.32 -3.18
CA VAL A 92 5.41 -0.14 -3.50
C VAL A 92 3.93 -0.67 -3.48
N MET A 93 3.12 -0.38 -2.44
CA MET A 93 1.70 -0.81 -2.39
C MET A 93 0.76 -0.09 -3.43
N THR A 94 0.81 1.25 -3.61
CA THR A 94 0.06 1.93 -4.72
C THR A 94 0.51 1.44 -6.13
N GLN A 95 1.80 1.49 -6.54
CA GLN A 95 2.22 0.99 -7.88
C GLN A 95 1.98 -0.54 -8.16
N LYS A 96 2.03 -1.45 -7.15
CA LYS A 96 1.59 -2.86 -7.33
C LYS A 96 0.04 -3.05 -7.55
N MET A 97 -0.84 -2.34 -6.82
CA MET A 97 -2.32 -2.36 -7.11
C MET A 97 -2.78 -1.43 -8.30
N SER A 98 -2.58 -0.10 -8.23
CA SER A 98 -2.77 0.84 -9.38
C SER A 98 -1.57 0.86 -10.37
N MET A 1 -9.22 -26.33 -5.47
CA MET A 1 -9.34 -25.37 -4.33
C MET A 1 -10.00 -24.02 -4.79
N ALA A 2 -9.30 -23.14 -5.53
CA ALA A 2 -9.88 -21.87 -6.02
C ALA A 2 -10.79 -22.05 -7.28
N SER A 3 -12.07 -21.66 -7.18
CA SER A 3 -13.06 -21.82 -8.27
C SER A 3 -13.20 -20.53 -9.14
N ASN A 4 -12.95 -20.64 -10.45
CA ASN A 4 -13.06 -19.49 -11.40
C ASN A 4 -14.52 -19.24 -11.90
N PHE A 5 -15.10 -20.12 -12.74
CA PHE A 5 -16.39 -19.83 -13.43
C PHE A 5 -17.63 -20.33 -12.62
N LYS A 6 -18.12 -19.50 -11.67
CA LYS A 6 -19.42 -19.73 -10.98
C LYS A 6 -20.24 -18.40 -10.93
N LYS A 7 -21.01 -18.10 -11.98
CA LYS A 7 -21.84 -16.86 -12.06
C LYS A 7 -23.19 -17.17 -12.77
N ALA A 8 -24.31 -17.22 -12.02
CA ALA A 8 -25.66 -17.38 -12.60
C ALA A 8 -26.32 -16.00 -12.95
N ASN A 9 -26.00 -15.47 -14.15
CA ASN A 9 -26.49 -14.13 -14.59
C ASN A 9 -27.91 -14.21 -15.26
N MET A 10 -28.96 -13.85 -14.49
CA MET A 10 -30.34 -13.66 -15.03
C MET A 10 -30.51 -12.41 -15.98
N ALA A 11 -29.98 -11.23 -15.61
CA ALA A 11 -29.93 -10.05 -16.50
C ALA A 11 -28.86 -10.15 -17.64
N SER A 12 -29.18 -9.60 -18.82
CA SER A 12 -28.28 -9.67 -20.01
C SER A 12 -27.13 -8.63 -19.97
N SER A 13 -25.87 -9.12 -20.01
CA SER A 13 -24.66 -8.25 -19.95
C SER A 13 -24.36 -7.46 -21.26
N SER A 14 -23.76 -6.26 -21.12
CA SER A 14 -23.28 -5.46 -22.28
C SER A 14 -21.96 -6.01 -22.90
N GLN A 15 -21.86 -6.01 -24.25
CA GLN A 15 -20.76 -6.70 -24.98
C GLN A 15 -19.41 -5.89 -25.06
N ARG A 16 -18.78 -5.67 -23.89
CA ARG A 16 -17.43 -5.04 -23.78
C ARG A 16 -16.79 -5.57 -22.44
N LYS A 17 -16.77 -4.77 -21.36
CA LYS A 17 -16.39 -5.22 -20.00
C LYS A 17 -17.01 -4.19 -18.98
N ARG A 18 -16.20 -3.37 -18.28
CA ARG A 18 -16.68 -2.23 -17.47
C ARG A 18 -15.61 -1.08 -17.62
N MET A 19 -15.73 -0.24 -18.67
CA MET A 19 -14.72 0.81 -18.97
C MET A 19 -15.20 2.23 -18.52
N SER A 20 -14.46 2.81 -17.56
CA SER A 20 -14.74 4.15 -17.00
C SER A 20 -13.38 4.84 -16.63
N PRO A 21 -12.81 5.84 -17.39
CA PRO A 21 -11.46 6.40 -17.09
C PRO A 21 -11.30 7.16 -15.73
N LYS A 22 -10.25 6.80 -15.00
CA LYS A 22 -9.95 7.34 -13.63
C LYS A 22 -8.43 7.10 -13.35
N PRO A 23 -7.54 8.11 -13.12
CA PRO A 23 -6.13 7.85 -12.72
C PRO A 23 -5.92 7.61 -11.18
N GLU A 24 -4.81 6.92 -10.84
CA GLU A 24 -4.29 6.75 -9.44
C GLU A 24 -5.32 6.18 -8.37
N LEU A 25 -4.91 6.12 -7.08
CA LEU A 25 -5.80 5.78 -5.94
C LEU A 25 -6.84 6.94 -5.72
N THR A 26 -8.13 6.58 -5.55
CA THR A 26 -9.24 7.57 -5.56
C THR A 26 -9.48 8.25 -4.17
N GLU A 27 -10.39 7.72 -3.36
CA GLU A 27 -10.80 8.33 -2.06
C GLU A 27 -10.62 7.26 -0.94
N GLU A 28 -11.30 6.10 -1.09
CA GLU A 28 -11.10 4.89 -0.25
C GLU A 28 -9.65 4.31 -0.27
N GLN A 29 -8.98 4.12 -1.43
CA GLN A 29 -7.56 3.63 -1.46
C GLN A 29 -6.51 4.61 -0.82
N LYS A 30 -6.65 5.93 -1.07
CA LYS A 30 -5.88 7.00 -0.36
C LYS A 30 -5.96 6.88 1.21
N GLN A 31 -7.21 6.87 1.70
CA GLN A 31 -7.55 6.54 3.11
C GLN A 31 -7.00 5.16 3.60
N GLU A 32 -7.09 4.03 2.86
CA GLU A 32 -6.45 2.72 3.24
C GLU A 32 -4.94 2.79 3.61
N ILE A 33 -4.08 3.37 2.74
CA ILE A 33 -2.62 3.49 3.02
C ILE A 33 -2.31 4.54 4.14
N ARG A 34 -2.89 5.77 4.12
CA ARG A 34 -2.74 6.73 5.25
C ARG A 34 -3.35 6.23 6.60
N GLU A 35 -4.62 5.78 6.65
CA GLU A 35 -5.23 5.22 7.90
C GLU A 35 -4.46 4.01 8.50
N ALA A 36 -4.00 3.01 7.69
CA ALA A 36 -3.16 1.90 8.23
C ALA A 36 -1.77 2.33 8.80
N PHE A 37 -0.92 3.03 8.01
CA PHE A 37 0.41 3.50 8.50
C PHE A 37 0.33 4.52 9.68
N ASP A 38 -0.56 5.54 9.63
CA ASP A 38 -0.86 6.43 10.80
C ASP A 38 -1.50 5.71 12.06
N LEU A 39 -2.37 4.68 11.92
CA LEU A 39 -2.83 3.84 13.05
C LEU A 39 -1.67 3.17 13.87
N PHE A 40 -0.71 2.52 13.18
CA PHE A 40 0.48 1.91 13.84
C PHE A 40 1.59 2.97 14.18
N ASP A 41 1.93 3.93 13.28
CA ASP A 41 2.80 5.09 13.60
C ASP A 41 1.94 6.26 14.20
N ALA A 42 1.57 6.14 15.49
CA ALA A 42 0.57 7.05 16.14
C ALA A 42 1.09 8.49 16.49
N ASP A 43 2.27 8.59 17.12
CA ASP A 43 2.88 9.89 17.52
C ASP A 43 3.63 10.68 16.38
N GLY A 44 4.03 10.01 15.27
CA GLY A 44 4.79 10.63 14.16
C GLY A 44 6.29 10.29 14.24
N THR A 45 6.68 9.08 13.81
CA THR A 45 8.05 8.54 14.03
C THR A 45 8.77 8.25 12.68
N GLY A 46 8.34 7.24 11.88
CA GLY A 46 9.10 6.83 10.66
C GLY A 46 8.79 5.41 10.14
N THR A 47 9.04 4.39 10.98
CA THR A 47 8.90 2.95 10.60
C THR A 47 7.72 2.26 11.36
N ILE A 48 6.99 1.44 10.60
CA ILE A 48 5.97 0.51 11.16
C ILE A 48 6.71 -0.86 11.09
N ASP A 49 6.87 -1.50 12.25
CA ASP A 49 7.75 -2.70 12.39
C ASP A 49 6.97 -4.05 12.34
N VAL A 50 7.72 -5.07 11.89
CA VAL A 50 7.26 -6.45 11.52
C VAL A 50 6.05 -7.07 12.30
N LYS A 51 5.98 -7.01 13.64
CA LYS A 51 4.77 -7.40 14.41
C LYS A 51 3.45 -6.62 14.02
N GLU A 52 3.49 -5.28 14.18
CA GLU A 52 2.39 -4.36 13.78
C GLU A 52 2.22 -4.25 12.22
N LEU A 53 3.32 -4.24 11.42
CA LEU A 53 3.24 -4.37 9.95
C LEU A 53 2.54 -5.68 9.44
N LYS A 54 2.73 -6.85 10.08
CA LYS A 54 1.96 -8.08 9.80
C LYS A 54 0.43 -7.91 10.09
N VAL A 55 0.05 -7.35 11.25
CA VAL A 55 -1.38 -6.93 11.52
C VAL A 55 -1.93 -5.91 10.44
N ALA A 56 -1.08 -4.97 9.98
CA ALA A 56 -1.40 -4.09 8.81
C ALA A 56 -1.62 -4.85 7.46
N MET A 57 -0.80 -5.89 7.16
CA MET A 57 -1.04 -6.82 6.03
C MET A 57 -2.25 -7.79 6.24
N ARG A 58 -2.69 -8.13 7.47
CA ARG A 58 -3.98 -8.86 7.70
C ARG A 58 -5.22 -7.99 7.23
N ALA A 59 -5.34 -6.70 7.67
CA ALA A 59 -6.35 -5.77 7.10
C ALA A 59 -6.15 -5.37 5.59
N LEU A 60 -4.98 -4.85 5.17
CA LEU A 60 -4.72 -4.41 3.76
C LEU A 60 -4.45 -5.53 2.70
N GLY A 61 -4.00 -6.73 3.11
CA GLY A 61 -3.93 -7.92 2.24
C GLY A 61 -5.25 -8.37 1.60
N PHE A 62 -6.27 -8.72 2.41
CA PHE A 62 -7.63 -9.16 1.95
C PHE A 62 -7.62 -10.60 1.33
N GLU A 63 -8.70 -11.38 1.48
CA GLU A 63 -8.89 -12.68 0.74
C GLU A 63 -10.49 -12.86 0.19
N PRO A 64 -10.06 -12.33 -0.99
CA PRO A 64 -9.97 -11.88 -2.45
C PRO A 64 -8.54 -11.23 -2.65
N LYS A 65 -7.49 -12.02 -2.99
CA LYS A 65 -6.15 -11.47 -3.42
C LYS A 65 -5.21 -12.56 -4.04
N LYS A 66 -5.02 -13.71 -3.35
CA LYS A 66 -4.21 -14.89 -3.81
C LYS A 66 -2.72 -14.79 -3.33
N GLU A 67 -1.74 -14.36 -4.16
CA GLU A 67 -0.29 -14.45 -3.81
C GLU A 67 0.47 -13.11 -4.08
N GLU A 68 0.63 -12.28 -3.04
CA GLU A 68 1.38 -10.99 -3.13
C GLU A 68 2.10 -10.55 -1.81
N ILE A 69 1.48 -10.61 -0.61
CA ILE A 69 2.06 -9.99 0.63
C ILE A 69 3.37 -10.69 1.16
N LYS A 70 3.52 -12.02 1.07
CA LYS A 70 4.82 -12.71 1.34
C LYS A 70 6.01 -12.24 0.42
N LYS A 71 5.75 -12.01 -0.89
CA LYS A 71 6.71 -11.37 -1.84
C LYS A 71 7.13 -9.92 -1.40
N MET A 72 6.16 -8.99 -1.17
CA MET A 72 6.46 -7.59 -0.73
C MET A 72 7.31 -7.50 0.59
N ILE A 73 6.92 -8.18 1.70
CA ILE A 73 7.76 -8.25 2.96
C ILE A 73 9.20 -8.85 2.72
N SER A 74 9.31 -9.99 2.01
CA SER A 74 10.61 -10.61 1.62
C SER A 74 11.57 -9.77 0.69
N GLU A 75 11.01 -8.98 -0.25
CA GLU A 75 11.78 -8.08 -1.15
C GLU A 75 12.26 -6.77 -0.45
N ILE A 76 11.46 -6.15 0.45
CA ILE A 76 11.84 -4.87 1.13
C ILE A 76 12.82 -5.12 2.34
N ASP A 77 12.46 -6.00 3.29
CA ASP A 77 13.40 -6.48 4.36
C ASP A 77 14.00 -7.83 3.83
N LYS A 78 15.28 -7.77 3.41
CA LYS A 78 15.94 -8.89 2.67
C LYS A 78 16.76 -9.94 3.48
N GLU A 79 17.68 -9.50 4.36
CA GLU A 79 18.65 -10.40 5.03
C GLU A 79 18.24 -10.79 6.48
N GLY A 80 17.85 -9.81 7.33
CA GLY A 80 17.49 -10.11 8.73
C GLY A 80 17.28 -8.89 9.64
N THR A 81 16.30 -8.04 9.32
CA THR A 81 15.85 -6.93 10.21
C THR A 81 14.32 -7.15 10.47
N GLY A 82 13.53 -6.09 10.40
CA GLY A 82 12.05 -6.20 10.41
C GLY A 82 11.34 -4.85 10.55
N LYS A 83 11.28 -4.18 9.42
CA LYS A 83 10.85 -2.76 9.33
C LYS A 83 10.28 -2.38 7.94
N MET A 84 9.44 -1.35 7.91
CA MET A 84 8.99 -0.73 6.65
C MET A 84 8.69 0.79 6.91
N ASN A 85 9.18 1.66 6.02
CA ASN A 85 8.95 3.12 6.10
C ASN A 85 7.81 3.59 5.14
N PHE A 86 7.32 4.84 5.25
CA PHE A 86 6.21 5.33 4.36
C PHE A 86 6.63 5.60 2.88
N GLY A 87 7.93 5.79 2.55
CA GLY A 87 8.39 5.82 1.13
C GLY A 87 8.34 4.39 0.50
N ASP A 88 8.84 3.37 1.22
CA ASP A 88 8.67 1.93 0.85
C ASP A 88 7.15 1.49 0.78
N PHE A 89 6.33 1.78 1.81
CA PHE A 89 4.86 1.48 1.82
C PHE A 89 4.02 2.23 0.75
N LEU A 90 4.18 3.55 0.58
CA LEU A 90 3.46 4.31 -0.49
C LEU A 90 3.91 3.97 -1.95
N THR A 91 5.23 3.86 -2.28
CA THR A 91 5.69 3.45 -3.64
C THR A 91 5.25 1.99 -4.03
N VAL A 92 5.46 0.97 -3.17
CA VAL A 92 4.98 -0.41 -3.45
C VAL A 92 3.42 -0.55 -3.57
N MET A 93 2.62 0.02 -2.63
CA MET A 93 1.14 0.00 -2.71
C MET A 93 0.53 0.87 -3.87
N THR A 94 0.99 2.10 -4.15
CA THR A 94 0.59 2.87 -5.38
C THR A 94 0.93 2.10 -6.71
N GLN A 95 2.19 1.66 -6.94
CA GLN A 95 2.56 0.82 -8.12
C GLN A 95 1.79 -0.54 -8.28
N LYS A 96 1.54 -1.30 -7.20
CA LYS A 96 0.63 -2.49 -7.25
C LYS A 96 -0.91 -2.21 -7.45
N MET A 97 -1.50 -1.17 -6.82
CA MET A 97 -2.96 -0.86 -6.98
C MET A 97 -3.33 -0.15 -8.33
N SER A 98 -2.79 1.05 -8.64
CA SER A 98 -2.93 1.68 -9.98
C SER A 98 -1.92 1.11 -11.02
N MET A 1 26.26 11.20 -36.31
CA MET A 1 25.11 10.42 -35.76
C MET A 1 23.77 10.83 -36.47
N ALA A 2 23.01 9.85 -36.97
CA ALA A 2 21.66 10.10 -37.54
C ALA A 2 20.61 10.45 -36.43
N SER A 3 20.33 11.75 -36.28
CA SER A 3 19.53 12.27 -35.12
C SER A 3 18.01 12.38 -35.44
N ASN A 4 17.34 11.22 -35.56
CA ASN A 4 15.92 11.14 -36.02
C ASN A 4 14.97 11.04 -34.80
N PHE A 5 14.52 12.21 -34.28
CA PHE A 5 13.77 12.29 -33.00
C PHE A 5 12.24 12.00 -33.19
N LYS A 6 11.86 10.70 -33.13
CA LYS A 6 10.45 10.26 -33.31
C LYS A 6 9.62 10.40 -32.00
N LYS A 7 9.12 11.63 -31.72
CA LYS A 7 8.40 12.02 -30.47
C LYS A 7 9.36 12.13 -29.24
N ALA A 8 9.33 13.28 -28.54
CA ALA A 8 10.01 13.46 -27.23
C ALA A 8 9.27 12.72 -26.06
N ASN A 9 10.03 12.02 -25.20
CA ASN A 9 9.46 11.17 -24.12
C ASN A 9 8.83 11.97 -22.92
N MET A 10 9.61 12.73 -22.13
CA MET A 10 9.08 13.44 -20.93
C MET A 10 8.51 14.87 -21.28
N ALA A 11 7.36 14.88 -21.98
CA ALA A 11 6.75 16.14 -22.50
C ALA A 11 5.67 16.74 -21.55
N SER A 12 6.11 17.45 -20.49
CA SER A 12 5.20 18.24 -19.61
C SER A 12 5.47 19.76 -19.78
N SER A 13 4.49 20.49 -20.37
CA SER A 13 4.54 21.98 -20.40
C SER A 13 3.99 22.57 -19.05
N SER A 14 4.88 22.65 -18.04
CA SER A 14 4.50 23.06 -16.65
C SER A 14 4.37 24.61 -16.48
N GLN A 15 3.27 25.16 -17.02
CA GLN A 15 3.00 26.62 -17.02
C GLN A 15 2.45 27.13 -15.65
N ARG A 16 1.31 26.58 -15.18
CA ARG A 16 0.79 26.82 -13.80
C ARG A 16 -0.05 25.56 -13.37
N LYS A 17 -1.22 25.35 -13.97
CA LYS A 17 -2.01 24.09 -13.82
C LYS A 17 -2.56 23.72 -15.24
N ARG A 18 -1.78 23.00 -16.07
CA ARG A 18 -2.13 22.79 -17.51
C ARG A 18 -1.68 21.40 -18.07
N MET A 19 -0.37 21.06 -18.12
CA MET A 19 0.12 19.79 -18.75
C MET A 19 0.90 18.93 -17.70
N SER A 20 0.22 17.94 -17.10
CA SER A 20 0.80 17.05 -16.06
C SER A 20 -0.05 15.73 -15.94
N PRO A 21 0.50 14.48 -16.02
CA PRO A 21 -0.30 13.22 -15.90
C PRO A 21 -1.14 13.04 -14.59
N LYS A 22 -2.37 12.52 -14.73
CA LYS A 22 -3.36 12.45 -13.61
C LYS A 22 -3.46 10.97 -13.08
N PRO A 23 -2.96 10.56 -11.87
CA PRO A 23 -3.09 9.16 -11.38
C PRO A 23 -4.50 8.83 -10.78
N GLU A 24 -4.92 7.55 -10.81
CA GLU A 24 -6.24 7.13 -10.26
C GLU A 24 -6.08 6.44 -8.87
N LEU A 25 -5.97 7.29 -7.82
CA LEU A 25 -5.87 6.86 -6.41
C LEU A 25 -7.08 7.49 -5.67
N THR A 26 -8.14 6.68 -5.47
CA THR A 26 -9.45 7.19 -4.98
C THR A 26 -9.60 6.96 -3.44
N GLU A 27 -10.84 6.95 -2.93
CA GLU A 27 -11.10 6.90 -1.46
C GLU A 27 -10.65 5.57 -0.75
N GLU A 28 -11.05 4.39 -1.25
CA GLU A 28 -10.52 3.06 -0.80
C GLU A 28 -8.96 2.99 -0.70
N GLN A 29 -8.23 3.32 -1.79
CA GLN A 29 -6.73 3.38 -1.78
C GLN A 29 -6.15 4.44 -0.79
N LYS A 30 -6.48 5.73 -0.95
CA LYS A 30 -6.09 6.83 0.00
C LYS A 30 -6.39 6.59 1.52
N GLN A 31 -7.65 6.28 1.89
CA GLN A 31 -8.03 6.04 3.30
C GLN A 31 -7.40 4.75 3.93
N GLU A 32 -7.44 3.56 3.28
CA GLU A 32 -6.78 2.33 3.82
C GLU A 32 -5.23 2.41 3.98
N ILE A 33 -4.47 3.07 3.08
CA ILE A 33 -3.00 3.28 3.30
C ILE A 33 -2.72 4.28 4.49
N ARG A 34 -3.39 5.48 4.57
CA ARG A 34 -3.30 6.33 5.80
C ARG A 34 -3.75 5.59 7.09
N GLU A 35 -4.97 5.00 7.13
CA GLU A 35 -5.46 4.26 8.32
C GLU A 35 -4.58 3.07 8.80
N ALA A 36 -4.01 2.21 7.91
CA ALA A 36 -3.09 1.12 8.35
C ALA A 36 -1.70 1.58 8.91
N PHE A 37 -0.91 2.40 8.15
CA PHE A 37 0.40 2.89 8.68
C PHE A 37 0.23 3.83 9.93
N ASP A 38 -0.73 4.78 9.94
CA ASP A 38 -1.08 5.55 11.16
C ASP A 38 -1.64 4.64 12.34
N LEU A 39 -2.35 3.50 12.10
CA LEU A 39 -2.70 2.50 13.14
C LEU A 39 -1.47 2.02 13.97
N PHE A 40 -0.43 1.53 13.27
CA PHE A 40 0.80 1.01 13.91
C PHE A 40 1.79 2.15 14.33
N ASP A 41 2.05 3.16 13.49
CA ASP A 41 2.80 4.40 13.87
C ASP A 41 1.82 5.60 14.10
N ALA A 42 1.21 5.68 15.31
CA ALA A 42 0.21 6.74 15.64
C ALA A 42 0.78 8.12 16.12
N ASP A 43 1.95 8.14 16.80
CA ASP A 43 2.69 9.39 17.12
C ASP A 43 3.32 10.13 15.88
N GLY A 44 3.86 9.38 14.89
CA GLY A 44 4.56 9.96 13.70
C GLY A 44 6.10 9.84 13.80
N THR A 45 6.62 8.61 13.80
CA THR A 45 8.05 8.31 14.09
C THR A 45 8.86 7.95 12.82
N GLY A 46 8.46 6.92 12.04
CA GLY A 46 9.26 6.46 10.87
C GLY A 46 8.87 5.10 10.31
N THR A 47 9.08 4.01 11.08
CA THR A 47 8.94 2.62 10.56
C THR A 47 7.86 1.78 11.30
N ILE A 48 7.16 0.99 10.47
CA ILE A 48 6.22 -0.07 10.91
C ILE A 48 7.00 -1.35 10.46
N ASP A 49 7.26 -2.25 11.41
CA ASP A 49 8.19 -3.41 11.18
C ASP A 49 7.37 -4.71 10.87
N VAL A 50 8.04 -5.77 10.36
CA VAL A 50 7.36 -7.01 9.81
C VAL A 50 6.28 -7.70 10.71
N LYS A 51 6.41 -7.73 12.04
CA LYS A 51 5.32 -8.16 12.98
C LYS A 51 3.96 -7.37 12.78
N GLU A 52 4.04 -6.04 12.96
CA GLU A 52 2.96 -5.05 12.63
C GLU A 52 2.50 -5.08 11.13
N LEU A 53 3.40 -5.07 10.12
CA LEU A 53 3.01 -5.23 8.69
C LEU A 53 2.25 -6.56 8.33
N LYS A 54 2.61 -7.71 8.95
CA LYS A 54 1.84 -8.99 8.83
C LYS A 54 0.38 -8.91 9.38
N VAL A 55 0.17 -8.47 10.64
CA VAL A 55 -1.23 -8.16 11.15
C VAL A 55 -1.96 -7.02 10.36
N ALA A 56 -1.21 -6.03 9.81
CA ALA A 56 -1.76 -5.02 8.86
C ALA A 56 -2.34 -5.66 7.55
N MET A 57 -1.63 -6.60 6.91
CA MET A 57 -2.17 -7.43 5.80
C MET A 57 -3.33 -8.40 6.22
N ARG A 58 -3.43 -8.90 7.48
CA ARG A 58 -4.64 -9.64 7.96
C ARG A 58 -5.94 -8.74 7.89
N ALA A 59 -5.93 -7.49 8.41
CA ALA A 59 -7.04 -6.51 8.18
C ALA A 59 -7.21 -5.95 6.73
N LEU A 60 -6.14 -5.45 6.07
CA LEU A 60 -6.21 -4.83 4.70
C LEU A 60 -6.35 -5.81 3.48
N GLY A 61 -5.73 -6.99 3.58
CA GLY A 61 -5.54 -7.99 2.48
C GLY A 61 -6.68 -8.25 1.47
N PHE A 62 -7.94 -8.39 1.94
CA PHE A 62 -9.14 -8.56 1.05
C PHE A 62 -9.20 -10.04 0.60
N GLU A 63 -10.36 -10.71 0.75
CA GLU A 63 -10.40 -12.21 0.55
C GLU A 63 -9.87 -12.81 -0.80
N PRO A 64 -9.89 -12.24 -2.03
CA PRO A 64 -9.14 -12.81 -3.18
C PRO A 64 -7.69 -13.43 -2.91
N LYS A 65 -6.83 -12.69 -2.17
CA LYS A 65 -5.52 -13.17 -1.63
C LYS A 65 -4.52 -13.69 -2.71
N LYS A 66 -4.30 -15.02 -2.82
CA LYS A 66 -3.23 -15.65 -3.66
C LYS A 66 -1.79 -15.36 -3.12
N GLU A 67 -1.29 -14.11 -3.19
CA GLU A 67 0.01 -13.71 -2.59
C GLU A 67 -0.13 -12.29 -1.88
N GLU A 68 0.70 -11.33 -2.32
CA GLU A 68 0.96 -9.97 -1.77
C GLU A 68 1.90 -10.05 -0.54
N ILE A 69 1.51 -10.76 0.52
CA ILE A 69 2.27 -10.76 1.82
C ILE A 69 3.60 -11.61 1.76
N LYS A 70 3.68 -12.70 0.97
CA LYS A 70 4.93 -13.44 0.68
C LYS A 70 5.93 -12.57 -0.17
N LYS A 71 5.40 -11.84 -1.19
CA LYS A 71 6.17 -10.81 -1.94
C LYS A 71 6.65 -9.64 -1.03
N MET A 72 5.81 -8.99 -0.18
CA MET A 72 6.29 -7.88 0.72
C MET A 72 7.41 -8.32 1.74
N ILE A 73 7.29 -9.49 2.45
CA ILE A 73 8.37 -9.98 3.37
C ILE A 73 9.70 -10.33 2.62
N SER A 74 9.68 -11.09 1.50
CA SER A 74 10.91 -11.37 0.68
C SER A 74 11.48 -10.19 -0.17
N GLU A 75 10.69 -9.14 -0.47
CA GLU A 75 11.12 -7.92 -1.18
C GLU A 75 11.87 -6.89 -0.26
N ILE A 76 11.24 -6.35 0.81
CA ILE A 76 11.92 -5.33 1.69
C ILE A 76 12.93 -5.93 2.76
N ASP A 77 12.76 -7.18 3.24
CA ASP A 77 13.79 -7.88 4.07
C ASP A 77 14.73 -8.68 3.11
N LYS A 78 16.05 -8.41 3.20
CA LYS A 78 17.06 -8.95 2.26
C LYS A 78 18.17 -9.84 2.91
N GLU A 79 18.94 -9.30 3.87
CA GLU A 79 19.97 -10.09 4.63
C GLU A 79 19.39 -10.59 5.99
N GLY A 80 18.88 -9.68 6.84
CA GLY A 80 18.11 -10.06 8.05
C GLY A 80 17.58 -8.86 8.88
N THR A 81 16.89 -7.91 8.24
CA THR A 81 16.24 -6.76 8.93
C THR A 81 14.91 -6.37 8.19
N GLY A 82 13.74 -6.76 8.71
CA GLY A 82 12.44 -6.45 8.07
C GLY A 82 11.73 -5.23 8.67
N LYS A 83 11.74 -4.18 7.87
CA LYS A 83 11.18 -2.85 8.21
C LYS A 83 10.48 -2.18 7.00
N MET A 84 9.60 -1.21 7.29
CA MET A 84 8.91 -0.43 6.24
C MET A 84 8.70 1.04 6.70
N ASN A 85 9.12 1.99 5.87
CA ASN A 85 8.81 3.43 6.06
C ASN A 85 7.63 3.81 5.14
N PHE A 86 7.03 4.96 5.44
CA PHE A 86 5.88 5.47 4.64
C PHE A 86 6.22 5.84 3.15
N GLY A 87 7.51 6.09 2.82
CA GLY A 87 7.97 6.24 1.41
C GLY A 87 7.97 4.87 0.67
N ASP A 88 8.53 3.81 1.29
CA ASP A 88 8.42 2.42 0.80
C ASP A 88 6.94 1.88 0.75
N PHE A 89 6.09 2.10 1.79
CA PHE A 89 4.63 1.83 1.77
C PHE A 89 3.83 2.47 0.60
N LEU A 90 3.92 3.80 0.39
CA LEU A 90 3.23 4.48 -0.74
C LEU A 90 3.83 4.20 -2.15
N THR A 91 5.16 4.14 -2.33
CA THR A 91 5.77 3.67 -3.62
C THR A 91 5.32 2.22 -4.02
N VAL A 92 5.49 1.21 -3.14
CA VAL A 92 5.12 -0.21 -3.45
C VAL A 92 3.59 -0.45 -3.66
N MET A 93 2.70 0.01 -2.75
CA MET A 93 1.22 -0.14 -2.92
C MET A 93 0.61 0.72 -4.07
N THR A 94 0.89 2.04 -4.20
CA THR A 94 0.39 2.88 -5.34
C THR A 94 0.89 2.38 -6.74
N GLN A 95 2.21 2.12 -6.97
CA GLN A 95 2.70 1.52 -8.24
C GLN A 95 2.14 0.09 -8.58
N LYS A 96 2.02 -0.84 -7.60
CA LYS A 96 1.38 -2.17 -7.86
C LYS A 96 -0.20 -2.17 -7.96
N MET A 97 -0.96 -1.33 -7.23
CA MET A 97 -2.44 -1.22 -7.40
C MET A 97 -2.90 -0.40 -8.66
N SER A 98 -2.54 0.89 -8.78
CA SER A 98 -2.86 1.73 -9.98
C SER A 98 -1.94 1.54 -11.22
N MET A 1 3.31 35.71 -15.56
CA MET A 1 2.02 34.95 -15.43
C MET A 1 0.81 35.90 -15.78
N ALA A 2 0.03 35.56 -16.82
CA ALA A 2 -1.09 36.43 -17.28
C ALA A 2 -2.45 36.16 -16.54
N SER A 3 -2.57 36.68 -15.30
CA SER A 3 -3.83 36.57 -14.51
C SER A 3 -4.83 37.73 -14.87
N ASN A 4 -5.60 37.55 -15.96
CA ASN A 4 -6.43 38.65 -16.56
C ASN A 4 -7.72 39.02 -15.75
N PHE A 5 -8.66 38.07 -15.53
CA PHE A 5 -9.99 38.40 -14.94
C PHE A 5 -9.93 38.41 -13.37
N LYS A 6 -9.41 39.53 -12.81
CA LYS A 6 -9.06 39.66 -11.35
C LYS A 6 -7.85 38.73 -11.00
N LYS A 7 -8.10 37.42 -10.75
CA LYS A 7 -7.02 36.40 -10.62
C LYS A 7 -7.51 35.10 -11.33
N ALA A 8 -7.29 35.01 -12.66
CA ALA A 8 -7.79 33.88 -13.48
C ALA A 8 -6.92 32.58 -13.37
N ASN A 9 -7.18 31.80 -12.31
CA ASN A 9 -6.46 30.51 -12.05
C ASN A 9 -7.05 29.24 -12.75
N MET A 10 -8.39 29.13 -12.92
CA MET A 10 -9.04 27.94 -13.53
C MET A 10 -8.95 27.96 -15.09
N ALA A 11 -8.15 27.03 -15.67
CA ALA A 11 -7.97 26.93 -17.14
C ALA A 11 -9.13 26.15 -17.84
N SER A 12 -10.08 26.89 -18.44
CA SER A 12 -11.28 26.30 -19.10
C SER A 12 -10.97 25.58 -20.45
N SER A 13 -11.66 24.44 -20.69
CA SER A 13 -11.36 23.55 -21.86
C SER A 13 -11.93 24.02 -23.25
N SER A 14 -11.43 25.17 -23.73
CA SER A 14 -11.66 25.68 -25.11
C SER A 14 -10.56 25.18 -26.08
N GLN A 15 -9.30 25.67 -25.94
CA GLN A 15 -8.12 25.12 -26.65
C GLN A 15 -7.63 23.76 -26.06
N ARG A 16 -7.37 23.65 -24.74
CA ARG A 16 -7.12 22.34 -24.06
C ARG A 16 -8.46 21.57 -23.79
N LYS A 17 -9.07 21.03 -24.87
CA LYS A 17 -10.44 20.46 -24.83
C LYS A 17 -10.53 18.99 -24.28
N ARG A 18 -9.69 18.05 -24.76
CA ARG A 18 -9.64 16.67 -24.17
C ARG A 18 -8.57 16.61 -23.04
N MET A 19 -9.01 16.74 -21.79
CA MET A 19 -8.14 16.71 -20.58
C MET A 19 -8.88 15.94 -19.45
N SER A 20 -8.42 14.71 -19.12
CA SER A 20 -9.01 13.91 -17.99
C SER A 20 -7.89 13.46 -16.99
N PRO A 21 -7.53 14.24 -15.92
CA PRO A 21 -6.52 13.80 -14.91
C PRO A 21 -7.00 12.62 -14.00
N LYS A 22 -6.14 11.60 -13.82
CA LYS A 22 -6.52 10.33 -13.14
C LYS A 22 -5.44 9.97 -12.05
N PRO A 23 -5.50 10.45 -10.77
CA PRO A 23 -4.47 10.13 -9.74
C PRO A 23 -4.41 8.65 -9.25
N GLU A 24 -3.24 8.27 -8.69
CA GLU A 24 -3.07 6.97 -7.97
C GLU A 24 -3.91 6.81 -6.66
N LEU A 25 -3.90 7.83 -5.79
CA LEU A 25 -4.47 7.77 -4.42
C LEU A 25 -5.80 8.55 -4.40
N THR A 26 -6.89 7.82 -4.69
CA THR A 26 -8.23 8.45 -4.93
C THR A 26 -8.99 8.61 -3.58
N GLU A 27 -9.75 7.59 -3.22
CA GLU A 27 -10.55 7.54 -1.96
C GLU A 27 -10.27 6.18 -1.26
N GLU A 28 -10.56 5.06 -1.94
CA GLU A 28 -10.15 3.70 -1.52
C GLU A 28 -8.61 3.50 -1.30
N GLN A 29 -7.72 3.79 -2.28
CA GLN A 29 -6.25 3.58 -2.07
C GLN A 29 -5.60 4.61 -1.06
N LYS A 30 -6.05 5.88 -1.09
CA LYS A 30 -5.72 6.92 -0.06
C LYS A 30 -6.09 6.50 1.41
N GLN A 31 -7.36 6.08 1.63
CA GLN A 31 -7.81 5.45 2.90
C GLN A 31 -7.01 4.16 3.31
N GLU A 32 -6.74 3.19 2.41
CA GLU A 32 -5.88 2.00 2.71
C GLU A 32 -4.48 2.33 3.33
N ILE A 33 -3.66 3.16 2.66
CA ILE A 33 -2.30 3.49 3.14
C ILE A 33 -2.32 4.36 4.46
N ARG A 34 -3.13 5.45 4.62
CA ARG A 34 -3.18 6.13 5.94
C ARG A 34 -3.87 5.25 7.03
N GLU A 35 -5.02 4.56 6.80
CA GLU A 35 -5.60 3.64 7.83
C GLU A 35 -4.60 2.61 8.39
N ALA A 36 -3.84 1.84 7.57
CA ALA A 36 -2.84 0.88 8.13
C ALA A 36 -1.55 1.51 8.76
N PHE A 37 -0.85 2.43 8.06
CA PHE A 37 0.42 3.02 8.62
C PHE A 37 0.18 3.91 9.88
N ASP A 38 -0.85 4.78 9.89
CA ASP A 38 -1.28 5.50 11.12
C ASP A 38 -1.82 4.54 12.26
N LEU A 39 -2.50 3.38 11.97
CA LEU A 39 -2.82 2.33 12.98
C LEU A 39 -1.58 1.87 13.83
N PHE A 40 -0.52 1.43 13.13
CA PHE A 40 0.73 0.93 13.76
C PHE A 40 1.71 2.07 14.22
N ASP A 41 1.87 3.16 13.46
CA ASP A 41 2.58 4.39 13.89
C ASP A 41 1.59 5.59 14.04
N ALA A 42 0.92 5.70 15.21
CA ALA A 42 -0.10 6.75 15.46
C ALA A 42 0.43 8.14 15.94
N ASP A 43 1.53 8.19 16.72
CA ASP A 43 2.25 9.45 17.05
C ASP A 43 2.97 10.15 15.83
N GLY A 44 3.60 9.38 14.92
CA GLY A 44 4.39 9.93 13.78
C GLY A 44 5.91 9.81 13.99
N THR A 45 6.41 8.58 14.06
CA THR A 45 7.82 8.28 14.47
C THR A 45 8.71 7.92 13.25
N GLY A 46 8.37 6.90 12.44
CA GLY A 46 9.22 6.50 11.29
C GLY A 46 8.82 5.17 10.62
N THR A 47 9.03 4.03 11.30
CA THR A 47 8.88 2.69 10.67
C THR A 47 7.78 1.79 11.32
N ILE A 48 7.14 1.04 10.43
CA ILE A 48 6.20 -0.06 10.77
C ILE A 48 6.99 -1.32 10.24
N ASP A 49 7.24 -2.28 11.14
CA ASP A 49 8.16 -3.42 10.87
C ASP A 49 7.34 -4.70 10.47
N VAL A 50 8.01 -5.76 9.96
CA VAL A 50 7.35 -6.97 9.34
C VAL A 50 6.25 -7.70 10.19
N LYS A 51 6.36 -7.84 11.52
CA LYS A 51 5.22 -8.33 12.36
C LYS A 51 3.90 -7.47 12.22
N GLU A 52 4.00 -6.17 12.56
CA GLU A 52 2.96 -5.14 12.31
C GLU A 52 2.50 -5.05 10.81
N LEU A 53 3.41 -4.98 9.82
CA LEU A 53 3.04 -5.02 8.37
C LEU A 53 2.28 -6.31 7.88
N LYS A 54 2.60 -7.52 8.41
CA LYS A 54 1.79 -8.76 8.17
C LYS A 54 0.31 -8.68 8.69
N VAL A 55 0.07 -8.35 9.97
CA VAL A 55 -1.32 -8.05 10.46
C VAL A 55 -2.00 -6.80 9.78
N ALA A 56 -1.21 -5.79 9.38
CA ALA A 56 -1.68 -4.66 8.52
C ALA A 56 -2.24 -5.08 7.13
N MET A 57 -1.53 -5.97 6.39
CA MET A 57 -2.06 -6.62 5.16
C MET A 57 -3.30 -7.56 5.38
N ARG A 58 -3.45 -8.25 6.53
CA ARG A 58 -4.72 -8.97 6.85
C ARG A 58 -5.97 -7.99 6.93
N ALA A 59 -5.89 -6.86 7.68
CA ALA A 59 -6.93 -5.80 7.62
C ALA A 59 -7.07 -5.00 6.27
N LEU A 60 -5.96 -4.51 5.67
CA LEU A 60 -5.98 -3.70 4.40
C LEU A 60 -6.25 -4.51 3.11
N GLY A 61 -5.64 -5.70 2.93
CA GLY A 61 -5.64 -6.46 1.66
C GLY A 61 -6.97 -6.63 0.91
N PHE A 62 -7.97 -7.23 1.59
CA PHE A 62 -9.38 -7.40 1.07
C PHE A 62 -9.43 -8.44 -0.09
N GLU A 63 -10.32 -9.43 -0.02
CA GLU A 63 -10.28 -10.55 -1.04
C GLU A 63 -10.46 -10.22 -2.57
N PRO A 64 -11.00 -9.12 -3.17
CA PRO A 64 -10.87 -8.85 -4.63
C PRO A 64 -9.49 -9.15 -5.36
N LYS A 65 -8.35 -8.86 -4.71
CA LYS A 65 -6.99 -8.98 -5.31
C LYS A 65 -6.30 -10.36 -5.02
N LYS A 66 -5.44 -10.81 -5.95
CA LYS A 66 -4.83 -12.17 -5.87
C LYS A 66 -3.63 -12.27 -4.87
N GLU A 67 -2.45 -11.68 -5.17
CA GLU A 67 -1.24 -11.83 -4.32
C GLU A 67 -0.31 -10.57 -4.41
N GLU A 68 -0.12 -9.94 -3.25
CA GLU A 68 0.87 -8.86 -3.00
C GLU A 68 1.69 -9.11 -1.67
N ILE A 69 1.10 -9.63 -0.57
CA ILE A 69 1.82 -9.77 0.75
C ILE A 69 2.99 -10.83 0.76
N LYS A 70 2.96 -11.92 -0.04
CA LYS A 70 4.16 -12.81 -0.21
C LYS A 70 5.33 -12.07 -0.94
N LYS A 71 5.02 -11.33 -2.03
CA LYS A 71 5.98 -10.39 -2.69
C LYS A 71 6.52 -9.30 -1.71
N MET A 72 5.66 -8.62 -0.93
CA MET A 72 6.10 -7.54 0.02
C MET A 72 7.09 -8.03 1.13
N ILE A 73 6.77 -9.11 1.89
CA ILE A 73 7.71 -9.69 2.92
C ILE A 73 9.02 -10.28 2.27
N SER A 74 8.92 -11.05 1.16
CA SER A 74 10.10 -11.54 0.39
C SER A 74 11.05 -10.46 -0.25
N GLU A 75 10.50 -9.32 -0.72
CA GLU A 75 11.26 -8.21 -1.33
C GLU A 75 11.92 -7.26 -0.28
N ILE A 76 11.20 -6.98 0.82
CA ILE A 76 11.64 -6.12 1.93
C ILE A 76 12.60 -6.76 3.01
N ASP A 77 12.65 -8.09 3.13
CA ASP A 77 13.38 -8.80 4.23
C ASP A 77 14.67 -9.47 3.67
N LYS A 78 15.83 -8.77 3.76
CA LYS A 78 17.08 -9.20 3.07
C LYS A 78 18.39 -8.97 3.89
N GLU A 79 18.67 -7.75 4.37
CA GLU A 79 19.98 -7.37 4.97
C GLU A 79 19.98 -7.59 6.52
N GLY A 80 19.02 -6.96 7.22
CA GLY A 80 18.76 -7.24 8.65
C GLY A 80 17.26 -7.39 9.05
N THR A 81 16.44 -7.99 8.17
CA THR A 81 14.96 -8.14 8.30
C THR A 81 14.22 -6.80 8.00
N GLY A 82 12.98 -6.92 7.50
CA GLY A 82 12.20 -5.80 6.95
C GLY A 82 11.62 -4.77 7.94
N LYS A 83 12.05 -3.54 7.67
CA LYS A 83 11.51 -2.30 8.29
C LYS A 83 11.03 -1.35 7.15
N MET A 84 9.79 -0.89 7.28
CA MET A 84 9.11 -0.07 6.25
C MET A 84 8.84 1.36 6.77
N ASN A 85 9.25 2.39 6.02
CA ASN A 85 8.84 3.79 6.33
C ASN A 85 7.65 4.19 5.39
N PHE A 86 7.02 5.35 5.63
CA PHE A 86 5.83 5.76 4.81
C PHE A 86 6.17 6.07 3.32
N GLY A 87 7.35 6.65 2.99
CA GLY A 87 7.82 6.75 1.58
C GLY A 87 7.96 5.37 0.85
N ASP A 88 8.53 4.34 1.54
CA ASP A 88 8.52 2.93 1.06
C ASP A 88 7.06 2.39 0.85
N PHE A 89 6.19 2.45 1.90
CA PHE A 89 4.76 2.03 1.82
C PHE A 89 3.92 2.69 0.68
N LEU A 90 3.98 4.03 0.55
CA LEU A 90 3.28 4.77 -0.53
C LEU A 90 3.76 4.42 -1.97
N THR A 91 5.08 4.47 -2.27
CA THR A 91 5.64 4.04 -3.58
C THR A 91 5.40 2.53 -3.91
N VAL A 92 5.77 1.59 -3.02
CA VAL A 92 5.62 0.13 -3.27
C VAL A 92 4.13 -0.36 -3.33
N MET A 93 3.23 0.00 -2.39
CA MET A 93 1.78 -0.36 -2.46
C MET A 93 1.02 0.29 -3.67
N THR A 94 1.21 1.58 -4.05
CA THR A 94 0.64 2.11 -5.33
C THR A 94 1.16 1.31 -6.58
N GLN A 95 2.49 1.18 -6.80
CA GLN A 95 3.05 0.33 -7.91
C GLN A 95 2.65 -1.20 -7.90
N LYS A 96 2.54 -1.87 -6.74
CA LYS A 96 2.04 -3.27 -6.66
C LYS A 96 0.49 -3.43 -6.89
N MET A 97 -0.39 -2.63 -6.23
CA MET A 97 -1.87 -2.74 -6.42
C MET A 97 -2.45 -2.05 -7.71
N SER A 98 -2.31 -0.72 -7.89
CA SER A 98 -2.80 -0.01 -9.11
C SER A 98 -1.84 -0.12 -10.33
N MET A 1 -4.26 -1.25 -44.54
CA MET A 1 -2.81 -1.31 -44.18
C MET A 1 -2.58 -2.14 -42.89
N ALA A 2 -1.54 -3.00 -42.88
CA ALA A 2 -1.19 -3.81 -41.67
C ALA A 2 -0.34 -2.98 -40.65
N SER A 3 -0.94 -2.59 -39.51
CA SER A 3 -0.24 -1.84 -38.43
C SER A 3 -1.00 -1.95 -37.08
N ASN A 4 -2.20 -1.35 -36.94
CA ASN A 4 -3.00 -1.41 -35.67
C ASN A 4 -3.88 -2.69 -35.57
N PHE A 5 -3.26 -3.86 -35.29
CA PHE A 5 -3.99 -5.12 -34.96
C PHE A 5 -4.32 -5.14 -33.43
N LYS A 6 -5.35 -4.39 -33.02
CA LYS A 6 -5.67 -4.13 -31.59
C LYS A 6 -7.17 -4.42 -31.34
N LYS A 7 -7.51 -5.68 -31.02
CA LYS A 7 -8.91 -6.11 -30.79
C LYS A 7 -9.29 -5.93 -29.28
N ALA A 8 -9.81 -4.74 -28.94
CA ALA A 8 -10.01 -4.34 -27.53
C ALA A 8 -11.28 -4.95 -26.86
N ASN A 9 -11.06 -5.88 -25.91
CA ASN A 9 -12.14 -6.52 -25.09
C ASN A 9 -13.09 -7.44 -25.93
N MET A 10 -12.71 -8.71 -26.10
CA MET A 10 -13.51 -9.70 -26.88
C MET A 10 -14.72 -10.26 -26.04
N ALA A 11 -15.91 -9.67 -26.22
CA ALA A 11 -17.09 -9.96 -25.36
C ALA A 11 -17.87 -11.28 -25.71
N SER A 12 -17.25 -12.43 -25.42
CA SER A 12 -17.91 -13.77 -25.54
C SER A 12 -18.81 -14.15 -24.32
N SER A 13 -18.31 -14.06 -23.08
CA SER A 13 -19.14 -14.18 -21.85
C SER A 13 -19.87 -12.84 -21.53
N SER A 14 -21.16 -12.72 -21.91
CA SER A 14 -21.90 -11.43 -21.81
C SER A 14 -22.35 -11.09 -20.35
N GLN A 15 -21.56 -10.25 -19.67
CA GLN A 15 -21.82 -9.85 -18.26
C GLN A 15 -21.47 -8.34 -18.07
N ARG A 16 -22.49 -7.46 -17.96
CA ARG A 16 -22.27 -6.03 -17.55
C ARG A 16 -22.18 -5.92 -15.99
N LYS A 17 -21.06 -6.40 -15.44
CA LYS A 17 -20.85 -6.60 -13.98
C LYS A 17 -19.31 -6.53 -13.73
N ARG A 18 -18.77 -5.33 -13.49
CA ARG A 18 -17.28 -5.12 -13.46
C ARG A 18 -16.85 -3.95 -12.52
N MET A 19 -15.72 -4.13 -11.82
CA MET A 19 -15.06 -3.02 -11.04
C MET A 19 -13.72 -2.67 -11.78
N SER A 20 -13.65 -1.49 -12.40
CA SER A 20 -12.47 -1.07 -13.22
C SER A 20 -11.29 -0.48 -12.36
N PRO A 21 -10.07 -1.07 -12.25
CA PRO A 21 -8.94 -0.44 -11.51
C PRO A 21 -8.31 0.79 -12.23
N LYS A 22 -7.97 1.82 -11.45
CA LYS A 22 -7.44 3.13 -11.96
C LYS A 22 -6.21 3.61 -11.10
N PRO A 23 -5.19 4.40 -11.61
CA PRO A 23 -4.06 4.90 -10.78
C PRO A 23 -4.39 5.58 -9.40
N GLU A 24 -3.59 5.21 -8.38
CA GLU A 24 -3.80 5.53 -6.94
C GLU A 24 -5.03 4.77 -6.32
N LEU A 25 -4.78 4.10 -5.18
CA LEU A 25 -5.82 3.50 -4.31
C LEU A 25 -6.84 4.58 -3.80
N THR A 26 -8.15 4.24 -3.77
CA THR A 26 -9.22 5.28 -3.52
C THR A 26 -9.40 5.57 -1.99
N GLU A 27 -10.50 6.21 -1.58
CA GLU A 27 -10.65 6.73 -0.20
C GLU A 27 -10.61 5.62 0.92
N GLU A 28 -11.32 4.48 0.77
CA GLU A 28 -11.16 3.29 1.67
C GLU A 28 -9.70 2.72 1.70
N GLN A 29 -9.09 2.37 0.54
CA GLN A 29 -7.71 1.80 0.48
C GLN A 29 -6.56 2.78 0.94
N LYS A 30 -6.61 4.06 0.52
CA LYS A 30 -5.72 5.15 1.03
C LYS A 30 -5.82 5.38 2.58
N GLN A 31 -7.05 5.47 3.12
CA GLN A 31 -7.29 5.46 4.60
C GLN A 31 -6.79 4.16 5.33
N GLU A 32 -6.99 2.95 4.78
CA GLU A 32 -6.40 1.67 5.32
C GLU A 32 -4.82 1.65 5.41
N ILE A 33 -4.07 2.08 4.38
CA ILE A 33 -2.58 2.22 4.49
C ILE A 33 -2.15 3.30 5.55
N ARG A 34 -2.73 4.53 5.62
CA ARG A 34 -2.44 5.46 6.74
C ARG A 34 -2.83 4.88 8.13
N GLU A 35 -4.06 4.40 8.36
CA GLU A 35 -4.47 3.75 9.64
C GLU A 35 -3.61 2.51 10.07
N ALA A 36 -3.22 1.60 9.15
CA ALA A 36 -2.24 0.51 9.46
C ALA A 36 -0.82 0.99 9.91
N PHE A 37 -0.12 1.79 9.07
CA PHE A 37 1.19 2.39 9.45
C PHE A 37 1.14 3.32 10.70
N ASP A 38 0.13 4.18 10.87
CA ASP A 38 -0.12 4.95 12.13
C ASP A 38 -0.44 4.05 13.39
N LEU A 39 -1.17 2.91 13.28
CA LEU A 39 -1.32 1.93 14.38
C LEU A 39 0.05 1.39 14.93
N PHE A 40 0.99 1.00 14.04
CA PHE A 40 2.36 0.59 14.46
C PHE A 40 3.30 1.81 14.77
N ASP A 41 3.33 2.87 13.94
CA ASP A 41 4.03 4.15 14.26
C ASP A 41 3.10 5.10 15.11
N ALA A 42 2.96 4.78 16.41
CA ALA A 42 1.94 5.46 17.29
C ALA A 42 2.26 6.93 17.72
N ASP A 43 3.48 7.21 18.19
CA ASP A 43 3.90 8.56 18.66
C ASP A 43 4.47 9.54 17.55
N GLY A 44 4.77 9.04 16.33
CA GLY A 44 5.44 9.83 15.27
C GLY A 44 6.96 9.55 15.23
N THR A 45 7.36 8.46 14.57
CA THR A 45 8.76 7.94 14.62
C THR A 45 9.41 7.92 13.20
N GLY A 46 8.94 7.05 12.28
CA GLY A 46 9.59 6.86 10.96
C GLY A 46 9.32 5.47 10.36
N THR A 47 9.98 4.42 10.92
CA THR A 47 9.93 3.05 10.33
C THR A 47 9.03 2.07 11.15
N ILE A 48 8.29 1.27 10.39
CA ILE A 48 7.51 0.11 10.92
C ILE A 48 8.37 -1.11 10.44
N ASP A 49 8.82 -1.92 11.41
CA ASP A 49 9.83 -2.99 11.14
C ASP A 49 9.14 -4.38 11.01
N VAL A 50 9.88 -5.33 10.42
CA VAL A 50 9.40 -6.67 9.97
C VAL A 50 8.40 -7.46 10.91
N LYS A 51 8.61 -7.48 12.24
CA LYS A 51 7.60 -8.01 13.21
C LYS A 51 6.18 -7.32 13.13
N GLU A 52 6.17 -5.99 13.33
CA GLU A 52 4.99 -5.10 13.08
C GLU A 52 4.44 -5.17 11.61
N LEU A 53 5.28 -5.10 10.56
CA LEU A 53 4.86 -5.33 9.14
C LEU A 53 4.18 -6.72 8.85
N LYS A 54 4.66 -7.81 9.45
CA LYS A 54 4.01 -9.16 9.40
C LYS A 54 2.56 -9.21 10.01
N VAL A 55 2.35 -8.74 11.26
CA VAL A 55 0.96 -8.56 11.81
C VAL A 55 0.11 -7.49 11.02
N ALA A 56 0.75 -6.43 10.49
CA ALA A 56 0.11 -5.49 9.53
C ALA A 56 -0.38 -6.15 8.21
N MET A 57 0.45 -7.00 7.57
CA MET A 57 0.07 -7.87 6.43
C MET A 57 -1.06 -8.92 6.75
N ARG A 58 -1.15 -9.47 7.98
CA ARG A 58 -2.33 -10.29 8.42
C ARG A 58 -3.66 -9.45 8.32
N ALA A 59 -3.81 -8.31 9.05
CA ALA A 59 -5.00 -7.43 8.90
C ALA A 59 -5.21 -6.72 7.50
N LEU A 60 -4.18 -6.07 6.92
CA LEU A 60 -4.29 -5.33 5.62
C LEU A 60 -4.32 -6.20 4.33
N GLY A 61 -3.60 -7.33 4.27
CA GLY A 61 -3.74 -8.32 3.16
C GLY A 61 -5.12 -9.01 2.98
N PHE A 62 -5.82 -9.38 4.07
CA PHE A 62 -7.23 -9.88 4.07
C PHE A 62 -7.36 -11.29 3.44
N GLU A 63 -7.82 -12.29 4.21
CA GLU A 63 -7.77 -13.71 3.73
C GLU A 63 -8.68 -14.21 2.54
N PRO A 64 -9.75 -13.61 1.96
CA PRO A 64 -10.38 -14.09 0.69
C PRO A 64 -9.50 -14.72 -0.47
N LYS A 65 -8.36 -14.07 -0.80
CA LYS A 65 -7.40 -14.54 -1.85
C LYS A 65 -5.94 -14.36 -1.33
N LYS A 66 -5.51 -13.11 -1.02
CA LYS A 66 -4.21 -12.79 -0.36
C LYS A 66 -2.91 -13.11 -1.19
N GLU A 67 -2.90 -12.81 -2.51
CA GLU A 67 -1.68 -12.85 -3.35
C GLU A 67 -0.86 -11.51 -3.32
N GLU A 68 0.38 -11.55 -3.84
CA GLU A 68 1.37 -10.42 -3.90
C GLU A 68 2.03 -10.07 -2.52
N ILE A 69 1.22 -10.09 -1.44
CA ILE A 69 1.65 -9.74 -0.05
C ILE A 69 2.69 -10.73 0.58
N LYS A 70 2.64 -12.03 0.27
CA LYS A 70 3.71 -13.01 0.64
C LYS A 70 5.11 -12.69 -0.01
N LYS A 71 5.12 -12.31 -1.31
CA LYS A 71 6.34 -11.76 -1.99
C LYS A 71 6.78 -10.36 -1.46
N MET A 72 5.90 -9.37 -1.19
CA MET A 72 6.32 -8.07 -0.56
C MET A 72 7.02 -8.26 0.85
N ILE A 73 6.53 -9.09 1.80
CA ILE A 73 7.31 -9.44 3.06
C ILE A 73 8.65 -10.21 2.77
N SER A 74 8.69 -11.20 1.86
CA SER A 74 9.96 -11.91 1.49
C SER A 74 11.02 -11.10 0.64
N GLU A 75 10.59 -10.06 -0.10
CA GLU A 75 11.46 -9.09 -0.82
C GLU A 75 12.03 -7.96 0.11
N ILE A 76 11.23 -7.54 1.10
CA ILE A 76 11.50 -6.35 1.94
C ILE A 76 12.68 -6.52 3.00
N ASP A 77 13.08 -7.74 3.38
CA ASP A 77 14.30 -8.00 4.20
C ASP A 77 15.58 -7.86 3.29
N LYS A 78 16.33 -6.74 3.40
CA LYS A 78 17.42 -6.40 2.43
C LYS A 78 18.83 -6.02 3.00
N GLU A 79 18.97 -4.87 3.68
CA GLU A 79 20.30 -4.30 4.06
C GLU A 79 20.69 -4.62 5.54
N GLY A 80 19.82 -4.19 6.48
CA GLY A 80 19.92 -4.61 7.90
C GLY A 80 18.62 -5.25 8.42
N THR A 81 18.11 -6.25 7.68
CA THR A 81 16.78 -6.87 7.86
C THR A 81 15.61 -5.88 7.51
N GLY A 82 14.36 -6.38 7.53
CA GLY A 82 13.18 -5.66 7.02
C GLY A 82 12.69 -4.48 7.87
N LYS A 83 12.75 -3.33 7.23
CA LYS A 83 12.33 -2.03 7.82
C LYS A 83 11.77 -1.10 6.71
N MET A 84 10.54 -0.59 6.92
CA MET A 84 9.82 0.23 5.92
C MET A 84 9.47 1.61 6.51
N ASN A 85 9.71 2.70 5.76
CA ASN A 85 9.20 4.06 6.14
C ASN A 85 7.90 4.37 5.30
N PHE A 86 7.20 5.45 5.63
CA PHE A 86 5.87 5.76 5.00
C PHE A 86 5.96 6.18 3.49
N GLY A 87 7.05 6.87 3.07
CA GLY A 87 7.32 7.11 1.63
C GLY A 87 7.53 5.79 0.82
N ASP A 88 8.28 4.81 1.36
CA ASP A 88 8.37 3.43 0.81
C ASP A 88 6.97 2.72 0.77
N PHE A 89 6.22 2.71 1.91
CA PHE A 89 4.86 2.11 2.04
C PHE A 89 3.83 2.56 0.96
N LEU A 90 3.71 3.87 0.70
CA LEU A 90 2.77 4.41 -0.33
C LEU A 90 3.31 4.30 -1.79
N THR A 91 4.59 4.62 -2.08
CA THR A 91 5.19 4.35 -3.44
C THR A 91 5.15 2.83 -3.84
N VAL A 92 5.62 1.91 -2.99
CA VAL A 92 5.55 0.43 -3.24
C VAL A 92 4.06 -0.08 -3.35
N MET A 93 3.19 0.08 -2.33
CA MET A 93 1.79 -0.46 -2.39
C MET A 93 0.86 0.22 -3.45
N THR A 94 0.88 1.56 -3.66
CA THR A 94 0.14 2.20 -4.79
C THR A 94 0.69 1.79 -6.20
N GLN A 95 2.00 1.98 -6.53
CA GLN A 95 2.56 1.55 -7.85
C GLN A 95 2.49 0.01 -8.18
N LYS A 96 2.64 -0.91 -7.20
CA LYS A 96 2.36 -2.35 -7.42
C LYS A 96 0.85 -2.73 -7.62
N MET A 97 -0.09 -2.26 -6.78
CA MET A 97 -1.54 -2.61 -6.91
C MET A 97 -2.29 -1.87 -8.08
N SER A 98 -2.33 -0.52 -8.10
CA SER A 98 -2.85 0.25 -9.25
C SER A 98 -1.80 0.41 -10.40
N MET A 1 15.43 11.93 -16.01
CA MET A 1 13.95 12.07 -16.20
C MET A 1 13.61 12.43 -17.69
N ALA A 2 13.69 13.71 -18.10
CA ALA A 2 13.35 14.13 -19.49
C ALA A 2 14.54 13.94 -20.49
N SER A 3 14.57 12.77 -21.17
CA SER A 3 15.67 12.40 -22.10
C SER A 3 15.17 11.56 -23.32
N ASN A 4 14.62 10.34 -23.11
CA ASN A 4 14.12 9.48 -24.22
C ASN A 4 12.64 9.81 -24.57
N PHE A 5 12.43 10.79 -25.46
CA PHE A 5 11.07 11.34 -25.76
C PHE A 5 10.32 10.47 -26.81
N LYS A 6 9.50 9.52 -26.33
CA LYS A 6 8.86 8.49 -27.20
C LYS A 6 7.63 8.97 -28.04
N LYS A 7 6.67 9.72 -27.45
CA LYS A 7 5.47 10.24 -28.19
C LYS A 7 5.06 11.63 -27.63
N ALA A 8 5.33 12.70 -28.39
CA ALA A 8 4.91 14.09 -28.03
C ALA A 8 3.55 14.49 -28.69
N ASN A 9 2.72 15.25 -27.96
CA ASN A 9 1.49 15.87 -28.53
C ASN A 9 1.81 17.14 -29.39
N MET A 10 2.10 16.94 -30.68
CA MET A 10 2.33 18.05 -31.65
C MET A 10 1.18 18.01 -32.72
N ALA A 11 1.33 17.26 -33.82
CA ALA A 11 0.20 17.00 -34.77
C ALA A 11 -0.98 16.16 -34.16
N SER A 12 -0.69 15.01 -33.50
CA SER A 12 -1.69 14.26 -32.70
C SER A 12 -1.85 14.87 -31.26
N SER A 13 -2.54 16.01 -31.18
CA SER A 13 -2.74 16.76 -29.91
C SER A 13 -4.14 16.50 -29.29
N SER A 14 -4.18 15.86 -28.11
CA SER A 14 -5.44 15.71 -27.32
C SER A 14 -5.92 17.04 -26.65
N GLN A 15 -7.23 17.12 -26.35
CA GLN A 15 -7.85 18.32 -25.70
C GLN A 15 -8.72 17.89 -24.47
N ARG A 16 -9.85 17.17 -24.70
CA ARG A 16 -10.77 16.73 -23.62
C ARG A 16 -10.28 15.40 -22.95
N LYS A 17 -10.04 15.41 -21.62
CA LYS A 17 -9.45 14.28 -20.84
C LYS A 17 -7.92 14.10 -21.14
N ARG A 18 -7.05 14.64 -20.27
CA ARG A 18 -5.57 14.50 -20.40
C ARG A 18 -4.97 14.07 -19.02
N MET A 19 -4.39 14.99 -18.22
CA MET A 19 -3.76 14.69 -16.91
C MET A 19 -3.77 16.00 -16.06
N SER A 20 -4.38 15.95 -14.86
CA SER A 20 -4.39 17.10 -13.91
C SER A 20 -3.02 17.32 -13.15
N PRO A 21 -2.29 18.46 -13.25
CA PRO A 21 -1.06 18.73 -12.45
C PRO A 21 -1.22 18.65 -10.88
N LYS A 22 -0.11 18.34 -10.18
CA LYS A 22 -0.08 18.09 -8.70
C LYS A 22 -0.82 16.74 -8.32
N PRO A 23 -0.19 15.52 -8.38
CA PRO A 23 -0.86 14.25 -7.97
C PRO A 23 -1.20 14.13 -6.43
N GLU A 24 -2.38 13.59 -6.12
CA GLU A 24 -2.88 13.45 -4.72
C GLU A 24 -3.51 12.04 -4.45
N LEU A 25 -3.64 11.72 -3.14
CA LEU A 25 -4.22 10.42 -2.69
C LEU A 25 -5.74 10.59 -2.39
N THR A 26 -6.57 9.66 -2.90
CA THR A 26 -8.07 9.83 -2.87
C THR A 26 -8.66 9.24 -1.54
N GLU A 27 -9.83 8.62 -1.60
CA GLU A 27 -10.50 8.00 -0.42
C GLU A 27 -9.92 6.60 -0.03
N GLU A 28 -9.96 5.61 -0.95
CA GLU A 28 -9.35 4.26 -0.78
C GLU A 28 -7.84 4.26 -0.36
N GLN A 29 -6.96 5.00 -1.06
CA GLN A 29 -5.51 5.10 -0.71
C GLN A 29 -5.26 5.76 0.69
N LYS A 30 -5.77 6.98 0.95
CA LYS A 30 -5.78 7.61 2.30
C LYS A 30 -6.26 6.68 3.46
N GLN A 31 -7.52 6.17 3.39
CA GLN A 31 -8.06 5.22 4.39
C GLN A 31 -7.24 3.91 4.54
N GLU A 32 -6.96 3.12 3.49
CA GLU A 32 -6.25 1.81 3.67
C GLU A 32 -4.76 1.93 4.11
N ILE A 33 -3.90 2.59 3.33
CA ILE A 33 -2.45 2.66 3.65
C ILE A 33 -2.13 3.74 4.73
N ARG A 34 -2.72 4.98 4.79
CA ARG A 34 -2.46 5.85 5.97
C ARG A 34 -3.24 5.37 7.22
N GLU A 35 -4.55 4.99 7.23
CA GLU A 35 -5.18 4.50 8.49
C GLU A 35 -4.47 3.20 9.05
N ALA A 36 -3.98 2.23 8.23
CA ALA A 36 -3.12 1.13 8.78
C ALA A 36 -1.72 1.60 9.33
N PHE A 37 -0.84 2.22 8.50
CA PHE A 37 0.51 2.67 8.97
C PHE A 37 0.48 3.72 10.13
N ASP A 38 -0.39 4.75 10.08
CA ASP A 38 -0.65 5.67 11.22
C ASP A 38 -1.26 4.97 12.51
N LEU A 39 -2.11 3.91 12.40
CA LEU A 39 -2.52 3.08 13.57
C LEU A 39 -1.32 2.42 14.34
N PHE A 40 -0.33 1.86 13.62
CA PHE A 40 0.92 1.32 14.24
C PHE A 40 1.97 2.44 14.57
N ASP A 41 2.21 3.43 13.70
CA ASP A 41 3.02 4.65 14.03
C ASP A 41 2.17 5.70 14.84
N ALA A 42 1.84 5.38 16.11
CA ALA A 42 0.86 6.19 16.91
C ALA A 42 1.41 7.49 17.58
N ASP A 43 2.68 7.51 18.05
CA ASP A 43 3.35 8.74 18.56
C ASP A 43 3.85 9.74 17.45
N GLY A 44 4.19 9.27 16.23
CA GLY A 44 4.84 10.10 15.17
C GLY A 44 6.34 9.80 15.07
N THR A 45 6.71 8.71 14.38
CA THR A 45 8.10 8.17 14.38
C THR A 45 8.67 8.07 12.94
N GLY A 46 8.27 7.10 12.11
CA GLY A 46 8.94 6.85 10.79
C GLY A 46 8.76 5.43 10.22
N THR A 47 9.30 4.41 10.92
CA THR A 47 9.19 2.98 10.49
C THR A 47 8.22 2.17 11.40
N ILE A 48 7.51 1.23 10.76
CA ILE A 48 6.69 0.19 11.44
C ILE A 48 7.46 -1.16 11.26
N ASP A 49 7.57 -1.94 12.35
CA ASP A 49 8.46 -3.15 12.39
C ASP A 49 7.66 -4.48 12.17
N VAL A 50 8.35 -5.58 11.77
CA VAL A 50 7.71 -6.86 11.30
C VAL A 50 6.57 -7.47 12.19
N LYS A 51 6.61 -7.39 13.54
CA LYS A 51 5.45 -7.76 14.42
C LYS A 51 4.14 -6.95 14.12
N GLU A 52 4.20 -5.60 14.25
CA GLU A 52 3.08 -4.68 13.89
C GLU A 52 2.79 -4.64 12.35
N LEU A 53 3.80 -4.75 11.44
CA LEU A 53 3.54 -4.94 9.98
C LEU A 53 2.71 -6.24 9.66
N LYS A 54 2.90 -7.37 10.39
CA LYS A 54 2.00 -8.56 10.30
C LYS A 54 0.55 -8.25 10.78
N VAL A 55 0.36 -7.52 11.90
CA VAL A 55 -1.00 -7.00 12.30
C VAL A 55 -1.62 -6.07 11.18
N ALA A 56 -0.78 -5.25 10.51
CA ALA A 56 -1.17 -4.48 9.29
C ALA A 56 -1.66 -5.40 8.10
N MET A 57 -1.00 -6.55 7.86
CA MET A 57 -1.48 -7.62 6.92
C MET A 57 -2.87 -8.25 7.29
N ARG A 58 -3.16 -8.51 8.58
CA ARG A 58 -4.53 -8.91 9.06
C ARG A 58 -5.65 -7.87 8.65
N ALA A 59 -5.48 -6.55 8.94
CA ALA A 59 -6.39 -5.49 8.40
C ALA A 59 -6.38 -5.25 6.84
N LEU A 60 -5.22 -5.22 6.17
CA LEU A 60 -5.11 -4.97 4.68
C LEU A 60 -5.39 -6.16 3.72
N GLY A 61 -5.32 -7.41 4.20
CA GLY A 61 -5.35 -8.63 3.36
C GLY A 61 -6.53 -8.78 2.36
N PHE A 62 -7.78 -8.80 2.86
CA PHE A 62 -9.03 -8.78 2.03
C PHE A 62 -9.20 -9.99 1.04
N GLU A 63 -10.39 -10.61 0.97
CA GLU A 63 -10.66 -11.70 -0.03
C GLU A 63 -12.17 -11.52 -0.80
N PRO A 64 -11.51 -10.81 -1.77
CA PRO A 64 -11.19 -10.07 -3.07
C PRO A 64 -9.63 -9.79 -3.15
N LYS A 65 -8.76 -10.83 -3.21
CA LYS A 65 -7.30 -10.66 -3.48
C LYS A 65 -6.63 -12.01 -3.90
N LYS A 66 -5.61 -11.95 -4.78
CA LYS A 66 -4.77 -13.14 -5.13
C LYS A 66 -3.52 -13.27 -4.19
N GLU A 67 -2.44 -12.50 -4.40
CA GLU A 67 -1.26 -12.47 -3.47
C GLU A 67 -0.49 -11.12 -3.60
N GLU A 68 -0.29 -10.42 -2.47
CA GLU A 68 0.52 -9.17 -2.40
C GLU A 68 1.54 -9.17 -1.24
N ILE A 69 1.08 -9.28 0.02
CA ILE A 69 1.95 -9.06 1.23
C ILE A 69 3.16 -10.07 1.35
N LYS A 70 2.98 -11.31 0.86
CA LYS A 70 4.05 -12.33 0.67
C LYS A 70 5.26 -11.81 -0.22
N LYS A 71 4.98 -11.11 -1.34
CA LYS A 71 6.02 -10.39 -2.11
C LYS A 71 6.56 -9.07 -1.45
N MET A 72 5.76 -8.24 -0.73
CA MET A 72 6.31 -7.10 0.09
C MET A 72 7.40 -7.56 1.13
N ILE A 73 7.13 -8.57 2.00
CA ILE A 73 8.18 -9.17 2.89
C ILE A 73 9.39 -9.80 2.11
N SER A 74 9.14 -10.60 1.05
CA SER A 74 10.21 -11.17 0.18
C SER A 74 11.11 -10.13 -0.60
N GLU A 75 10.59 -8.95 -0.98
CA GLU A 75 11.35 -7.90 -1.68
C GLU A 75 12.24 -7.03 -0.72
N ILE A 76 11.67 -6.39 0.35
CA ILE A 76 12.44 -5.39 1.17
C ILE A 76 13.41 -6.00 2.25
N ASP A 77 12.96 -6.99 3.04
CA ASP A 77 13.70 -7.51 4.23
C ASP A 77 13.80 -9.08 4.19
N LYS A 78 15.02 -9.61 3.98
CA LYS A 78 15.27 -11.09 3.98
C LYS A 78 16.58 -11.59 4.67
N GLU A 79 17.69 -10.87 4.52
CA GLU A 79 19.05 -11.30 4.93
C GLU A 79 19.34 -11.12 6.44
N GLY A 80 19.02 -9.93 6.98
CA GLY A 80 19.06 -9.70 8.43
C GLY A 80 18.49 -8.36 8.90
N THR A 81 17.26 -8.01 8.49
CA THR A 81 16.60 -6.74 8.84
C THR A 81 15.09 -7.08 9.17
N GLY A 82 14.28 -6.03 9.25
CA GLY A 82 12.81 -6.15 9.43
C GLY A 82 12.12 -4.89 9.94
N LYS A 83 12.01 -3.93 9.03
CA LYS A 83 11.34 -2.62 9.30
C LYS A 83 10.92 -1.94 7.96
N MET A 84 9.64 -1.52 7.84
CA MET A 84 9.15 -0.78 6.64
C MET A 84 8.97 0.74 6.94
N ASN A 85 9.36 1.61 6.01
CA ASN A 85 9.11 3.09 6.09
C ASN A 85 7.88 3.50 5.21
N PHE A 86 7.25 4.66 5.50
CA PHE A 86 6.02 5.10 4.77
C PHE A 86 6.25 5.59 3.30
N GLY A 87 7.48 5.99 2.91
CA GLY A 87 7.83 6.26 1.49
C GLY A 87 7.84 4.96 0.65
N ASP A 88 8.44 3.88 1.18
CA ASP A 88 8.35 2.52 0.60
C ASP A 88 6.90 1.93 0.68
N PHE A 89 6.18 1.96 1.82
CA PHE A 89 4.74 1.59 1.90
C PHE A 89 3.78 2.33 0.90
N LEU A 90 3.98 3.65 0.67
CA LEU A 90 3.20 4.42 -0.35
C LEU A 90 3.62 4.08 -1.82
N THR A 91 4.91 4.15 -2.19
CA THR A 91 5.40 3.75 -3.56
C THR A 91 5.14 2.25 -3.93
N VAL A 92 5.43 1.31 -3.02
CA VAL A 92 5.13 -0.15 -3.22
C VAL A 92 3.60 -0.41 -3.35
N MET A 93 2.72 -0.09 -2.37
CA MET A 93 1.25 -0.37 -2.53
C MET A 93 0.56 0.37 -3.74
N THR A 94 0.86 1.64 -4.05
CA THR A 94 0.40 2.31 -5.32
C THR A 94 0.91 1.61 -6.63
N GLN A 95 2.24 1.44 -6.84
CA GLN A 95 2.79 0.77 -8.07
C GLN A 95 2.49 -0.77 -8.21
N LYS A 96 2.47 -1.56 -7.12
CA LYS A 96 1.99 -2.98 -7.17
C LYS A 96 0.44 -3.15 -7.44
N MET A 97 -0.46 -2.31 -6.87
CA MET A 97 -1.92 -2.36 -7.17
C MET A 97 -2.33 -1.74 -8.56
N SER A 98 -2.08 -0.43 -8.79
CA SER A 98 -2.45 0.27 -10.05
C SER A 98 -1.48 0.03 -11.23
N MET A 1 -32.24 -17.73 -10.83
CA MET A 1 -31.26 -18.45 -11.71
C MET A 1 -29.85 -18.50 -11.06
N ALA A 2 -29.13 -19.64 -11.21
CA ALA A 2 -27.75 -19.79 -10.67
C ALA A 2 -26.68 -19.17 -11.63
N SER A 3 -26.10 -18.02 -11.25
CA SER A 3 -25.05 -17.33 -12.05
C SER A 3 -24.28 -16.30 -11.15
N ASN A 4 -22.97 -16.51 -10.94
CA ASN A 4 -22.15 -15.63 -10.06
C ASN A 4 -21.63 -14.36 -10.84
N PHE A 5 -22.44 -13.29 -10.83
CA PHE A 5 -22.07 -12.00 -11.48
C PHE A 5 -21.10 -11.20 -10.57
N LYS A 6 -19.78 -11.25 -10.87
CA LYS A 6 -18.73 -10.71 -9.96
C LYS A 6 -17.58 -9.94 -10.68
N LYS A 7 -16.87 -10.55 -11.65
CA LYS A 7 -15.75 -9.87 -12.37
C LYS A 7 -16.26 -8.98 -13.55
N ALA A 8 -16.61 -7.71 -13.24
CA ALA A 8 -17.06 -6.74 -14.28
C ALA A 8 -15.88 -6.04 -15.00
N ASN A 9 -15.31 -6.71 -16.02
CA ASN A 9 -14.14 -6.21 -16.78
C ASN A 9 -14.42 -6.31 -18.31
N MET A 10 -14.88 -5.21 -18.94
CA MET A 10 -15.18 -5.16 -20.39
C MET A 10 -14.71 -3.80 -21.02
N ALA A 11 -15.44 -2.69 -20.81
CA ALA A 11 -15.08 -1.37 -21.37
C ALA A 11 -14.07 -0.59 -20.45
N SER A 12 -12.77 -0.83 -20.65
CA SER A 12 -11.69 -0.26 -19.79
C SER A 12 -11.58 1.30 -19.81
N SER A 13 -11.43 1.95 -20.97
CA SER A 13 -11.54 3.44 -21.09
C SER A 13 -13.01 3.95 -21.18
N SER A 14 -13.80 3.79 -20.08
CA SER A 14 -15.20 4.27 -20.02
C SER A 14 -15.31 5.77 -19.58
N GLN A 15 -14.87 6.69 -20.47
CA GLN A 15 -14.88 8.16 -20.19
C GLN A 15 -16.08 8.82 -20.96
N ARG A 16 -17.32 8.56 -20.50
CA ARG A 16 -18.56 8.98 -21.24
C ARG A 16 -19.12 10.34 -20.69
N LYS A 17 -18.46 11.45 -21.06
CA LYS A 17 -18.92 12.83 -20.71
C LYS A 17 -18.42 13.81 -21.82
N ARG A 18 -17.40 14.64 -21.54
CA ARG A 18 -16.68 15.46 -22.56
C ARG A 18 -15.24 15.62 -22.00
N MET A 19 -14.98 16.62 -21.11
CA MET A 19 -13.69 16.72 -20.37
C MET A 19 -13.81 15.77 -19.12
N SER A 20 -13.09 14.64 -19.15
CA SER A 20 -13.26 13.55 -18.15
C SER A 20 -11.97 13.33 -17.28
N PRO A 21 -11.81 13.91 -16.05
CA PRO A 21 -10.63 13.67 -15.18
C PRO A 21 -10.41 12.19 -14.71
N LYS A 22 -9.14 11.75 -14.67
CA LYS A 22 -8.77 10.35 -14.30
C LYS A 22 -7.77 10.36 -13.09
N PRO A 23 -8.17 10.50 -11.79
CA PRO A 23 -7.18 10.66 -10.69
C PRO A 23 -6.59 9.33 -10.13
N GLU A 24 -5.26 9.29 -10.12
CA GLU A 24 -4.44 8.23 -9.47
C GLU A 24 -4.27 8.51 -7.94
N LEU A 25 -4.61 7.50 -7.11
CA LEU A 25 -4.73 7.63 -5.58
C LEU A 25 -5.89 8.63 -5.21
N THR A 26 -7.04 8.06 -4.80
CA THR A 26 -8.23 8.86 -4.36
C THR A 26 -8.42 8.71 -2.82
N GLU A 27 -9.64 8.97 -2.34
CA GLU A 27 -9.95 9.09 -0.90
C GLU A 27 -9.92 7.75 -0.09
N GLU A 28 -10.54 6.65 -0.58
CA GLU A 28 -10.41 5.28 -0.01
C GLU A 28 -8.93 4.78 0.11
N GLN A 29 -8.13 4.79 -0.98
CA GLN A 29 -6.67 4.47 -0.96
C GLN A 29 -5.81 5.31 0.05
N LYS A 30 -5.96 6.65 0.02
CA LYS A 30 -5.40 7.61 1.02
C LYS A 30 -5.71 7.23 2.52
N GLN A 31 -6.99 7.04 2.91
CA GLN A 31 -7.34 6.55 4.27
C GLN A 31 -6.87 5.09 4.57
N GLU A 32 -6.98 4.08 3.67
CA GLU A 32 -6.41 2.71 3.91
C GLU A 32 -4.90 2.66 4.33
N ILE A 33 -4.01 3.34 3.58
CA ILE A 33 -2.56 3.36 3.88
C ILE A 33 -2.18 4.27 5.10
N ARG A 34 -2.75 5.50 5.28
CA ARG A 34 -2.54 6.26 6.55
C ARG A 34 -3.26 5.59 7.77
N GLU A 35 -4.54 5.15 7.74
CA GLU A 35 -5.17 4.37 8.86
C GLU A 35 -4.33 3.14 9.34
N ALA A 36 -3.81 2.27 8.45
CA ALA A 36 -2.86 1.19 8.88
C ALA A 36 -1.46 1.68 9.41
N PHE A 37 -0.71 2.47 8.60
CA PHE A 37 0.64 2.95 9.03
C PHE A 37 0.61 3.92 10.25
N ASP A 38 -0.26 4.93 10.30
CA ASP A 38 -0.51 5.77 11.52
C ASP A 38 -1.04 4.96 12.77
N LEU A 39 -1.87 3.89 12.63
CA LEU A 39 -2.21 2.96 13.77
C LEU A 39 -0.94 2.34 14.45
N PHE A 40 0.01 1.78 13.67
CA PHE A 40 1.27 1.23 14.22
C PHE A 40 2.36 2.34 14.52
N ASP A 41 2.58 3.31 13.62
CA ASP A 41 3.41 4.52 13.88
C ASP A 41 2.54 5.64 14.55
N ALA A 42 2.30 5.50 15.87
CA ALA A 42 1.39 6.42 16.61
C ALA A 42 1.92 7.87 16.86
N ASP A 43 3.20 7.99 17.24
CA ASP A 43 3.87 9.30 17.48
C ASP A 43 4.34 10.08 16.20
N GLY A 44 4.61 9.39 15.08
CA GLY A 44 5.21 10.00 13.86
C GLY A 44 6.74 9.90 13.87
N THR A 45 7.28 8.69 13.69
CA THR A 45 8.73 8.39 13.88
C THR A 45 9.45 7.70 12.67
N GLY A 46 8.87 6.82 11.82
CA GLY A 46 9.62 6.27 10.66
C GLY A 46 9.18 4.89 10.15
N THR A 47 9.44 3.85 10.96
CA THR A 47 9.28 2.43 10.53
C THR A 47 8.20 1.65 11.34
N ILE A 48 7.46 0.81 10.60
CA ILE A 48 6.53 -0.20 11.16
C ILE A 48 7.28 -1.55 10.92
N ASP A 49 7.60 -2.24 12.03
CA ASP A 49 8.51 -3.42 12.03
C ASP A 49 7.76 -4.80 12.05
N VAL A 50 8.42 -5.88 11.62
CA VAL A 50 7.83 -7.25 11.35
C VAL A 50 6.76 -7.80 12.35
N LYS A 51 6.81 -7.59 13.68
CA LYS A 51 5.65 -7.93 14.58
C LYS A 51 4.30 -7.18 14.19
N GLU A 52 4.37 -5.83 14.26
CA GLU A 52 3.29 -4.89 13.88
C GLU A 52 3.02 -4.88 12.33
N LEU A 53 4.06 -4.89 11.47
CA LEU A 53 3.90 -5.10 10.01
C LEU A 53 3.24 -6.48 9.61
N LYS A 54 3.55 -7.63 10.25
CA LYS A 54 2.78 -8.90 10.04
C LYS A 54 1.26 -8.84 10.33
N VAL A 55 0.83 -8.33 11.51
CA VAL A 55 -0.65 -8.04 11.71
C VAL A 55 -1.23 -6.97 10.70
N ALA A 56 -0.42 -5.98 10.30
CA ALA A 56 -0.78 -5.04 9.19
C ALA A 56 -0.93 -5.72 7.78
N MET A 57 0.02 -6.60 7.40
CA MET A 57 -0.04 -7.46 6.18
C MET A 57 -1.28 -8.43 6.12
N ARG A 58 -1.70 -9.03 7.26
CA ARG A 58 -2.99 -9.79 7.34
C ARG A 58 -4.26 -8.89 7.08
N ALA A 59 -4.45 -7.75 7.79
CA ALA A 59 -5.52 -6.77 7.46
C ALA A 59 -5.49 -6.11 6.04
N LEU A 60 -4.33 -5.64 5.55
CA LEU A 60 -4.17 -5.01 4.20
C LEU A 60 -4.12 -5.98 2.97
N GLY A 61 -3.77 -7.27 3.15
CA GLY A 61 -3.75 -8.27 2.04
C GLY A 61 -5.04 -8.44 1.21
N PHE A 62 -6.18 -8.66 1.90
CA PHE A 62 -7.55 -8.74 1.28
C PHE A 62 -7.76 -10.09 0.53
N GLU A 63 -8.93 -10.73 0.69
CA GLU A 63 -9.15 -12.06 0.00
C GLU A 63 -9.22 -12.18 -1.57
N PRO A 64 -9.26 -11.22 -2.54
CA PRO A 64 -9.09 -11.50 -4.01
C PRO A 64 -8.09 -12.61 -4.55
N LYS A 65 -6.98 -12.90 -3.84
CA LYS A 65 -5.84 -13.77 -4.29
C LYS A 65 -4.93 -12.98 -5.29
N LYS A 66 -4.03 -12.16 -4.73
CA LYS A 66 -2.94 -11.48 -5.49
C LYS A 66 -1.64 -11.56 -4.61
N GLU A 67 -0.52 -12.07 -5.15
CA GLU A 67 0.75 -12.22 -4.37
C GLU A 67 1.51 -10.86 -4.22
N GLU A 68 1.07 -10.05 -3.24
CA GLU A 68 1.69 -8.73 -2.93
C GLU A 68 2.25 -8.69 -1.47
N ILE A 69 1.45 -8.88 -0.41
CA ILE A 69 1.93 -8.75 1.01
C ILE A 69 3.05 -9.80 1.39
N LYS A 70 2.92 -11.06 0.93
CA LYS A 70 3.96 -12.12 1.01
C LYS A 70 5.31 -11.74 0.29
N LYS A 71 5.23 -11.24 -0.96
CA LYS A 71 6.41 -10.68 -1.68
C LYS A 71 6.92 -9.30 -1.12
N MET A 72 6.12 -8.42 -0.48
CA MET A 72 6.65 -7.22 0.25
C MET A 72 7.60 -7.65 1.42
N ILE A 73 7.18 -8.53 2.38
CA ILE A 73 8.11 -9.05 3.45
C ILE A 73 9.39 -9.78 2.89
N SER A 74 9.28 -10.62 1.84
CA SER A 74 10.45 -11.28 1.22
C SER A 74 11.41 -10.37 0.36
N GLU A 75 10.89 -9.47 -0.49
CA GLU A 75 11.67 -8.60 -1.42
C GLU A 75 12.32 -7.34 -0.80
N ILE A 76 11.61 -6.71 0.16
CA ILE A 76 11.94 -5.38 0.71
C ILE A 76 13.05 -5.28 1.82
N ASP A 77 13.40 -6.35 2.54
CA ASP A 77 14.59 -6.35 3.45
C ASP A 77 15.69 -7.30 2.84
N LYS A 78 16.78 -6.71 2.35
CA LYS A 78 17.94 -7.44 1.75
C LYS A 78 19.31 -7.27 2.50
N GLU A 79 19.23 -7.23 3.83
CA GLU A 79 20.37 -6.89 4.74
C GLU A 79 20.44 -7.91 5.93
N GLY A 80 19.31 -8.11 6.64
CA GLY A 80 19.20 -9.02 7.80
C GLY A 80 18.33 -8.46 8.96
N THR A 81 17.16 -7.89 8.64
CA THR A 81 16.32 -7.13 9.60
C THR A 81 14.83 -7.51 9.34
N GLY A 82 13.97 -6.51 9.19
CA GLY A 82 12.51 -6.71 9.05
C GLY A 82 11.75 -5.44 9.46
N LYS A 83 11.68 -4.59 8.45
CA LYS A 83 11.21 -3.19 8.58
C LYS A 83 10.48 -2.68 7.30
N MET A 84 9.68 -1.63 7.48
CA MET A 84 9.08 -0.89 6.34
C MET A 84 8.89 0.60 6.74
N ASN A 85 9.25 1.57 5.88
CA ASN A 85 8.89 3.00 6.11
C ASN A 85 7.65 3.36 5.26
N PHE A 86 7.15 4.56 5.51
CA PHE A 86 6.06 5.16 4.68
C PHE A 86 6.51 5.54 3.23
N GLY A 87 7.82 5.71 2.92
CA GLY A 87 8.27 5.86 1.50
C GLY A 87 8.08 4.52 0.71
N ASP A 88 8.55 3.37 1.26
CA ASP A 88 8.25 2.00 0.76
C ASP A 88 6.71 1.73 0.67
N PHE A 89 5.97 1.90 1.78
CA PHE A 89 4.51 1.63 1.88
C PHE A 89 3.63 2.38 0.81
N LEU A 90 3.74 3.72 0.74
CA LEU A 90 3.02 4.53 -0.26
C LEU A 90 3.45 4.28 -1.75
N THR A 91 4.76 4.27 -2.08
CA THR A 91 5.24 3.98 -3.48
C THR A 91 4.98 2.50 -3.95
N VAL A 92 5.33 1.48 -3.15
CA VAL A 92 5.06 0.05 -3.51
C VAL A 92 3.54 -0.33 -3.64
N MET A 93 2.67 0.09 -2.69
CA MET A 93 1.19 -0.11 -2.81
C MET A 93 0.54 0.66 -4.01
N THR A 94 0.86 1.95 -4.29
CA THR A 94 0.41 2.62 -5.55
C THR A 94 0.89 1.89 -6.86
N GLN A 95 2.22 1.67 -7.06
CA GLN A 95 2.78 0.96 -8.23
C GLN A 95 2.23 -0.50 -8.46
N LYS A 96 2.28 -1.39 -7.46
CA LYS A 96 1.83 -2.81 -7.62
C LYS A 96 0.27 -3.05 -7.54
N MET A 97 -0.56 -2.25 -6.83
CA MET A 97 -2.05 -2.34 -6.93
C MET A 97 -2.66 -1.68 -8.23
N SER A 98 -2.40 -0.38 -8.51
CA SER A 98 -3.05 0.36 -9.64
C SER A 98 -2.43 0.08 -11.04
N MET A 1 -20.43 -23.07 19.65
CA MET A 1 -21.44 -23.07 18.54
C MET A 1 -21.00 -22.11 17.39
N ALA A 2 -21.17 -20.77 17.53
CA ALA A 2 -20.73 -19.81 16.49
C ALA A 2 -19.20 -19.47 16.56
N SER A 3 -18.46 -19.73 15.46
CA SER A 3 -17.00 -19.42 15.37
C SER A 3 -16.61 -18.98 13.92
N ASN A 4 -16.55 -19.91 12.95
CA ASN A 4 -16.18 -19.57 11.54
C ASN A 4 -17.44 -19.09 10.73
N PHE A 5 -17.47 -17.81 10.35
CA PHE A 5 -18.61 -17.20 9.62
C PHE A 5 -18.54 -17.45 8.07
N LYS A 6 -18.89 -18.68 7.64
CA LYS A 6 -18.84 -19.08 6.21
C LYS A 6 -20.01 -20.06 5.88
N LYS A 7 -20.95 -19.64 5.00
CA LYS A 7 -21.99 -20.56 4.45
C LYS A 7 -22.37 -20.14 2.99
N ALA A 8 -23.11 -19.05 2.78
CA ALA A 8 -23.55 -18.61 1.43
C ALA A 8 -22.56 -17.59 0.77
N ASN A 9 -21.55 -18.11 0.05
CA ASN A 9 -20.52 -17.26 -0.64
C ASN A 9 -20.91 -16.87 -2.10
N MET A 10 -21.12 -17.84 -3.02
CA MET A 10 -21.35 -17.55 -4.47
C MET A 10 -22.87 -17.34 -4.77
N ALA A 11 -23.31 -16.08 -4.73
CA ALA A 11 -24.73 -15.70 -5.06
C ALA A 11 -24.82 -14.40 -5.93
N SER A 12 -24.39 -13.23 -5.43
CA SER A 12 -24.53 -11.94 -6.15
C SER A 12 -23.38 -11.68 -7.18
N SER A 13 -23.73 -11.23 -8.40
CA SER A 13 -22.75 -10.96 -9.48
C SER A 13 -21.97 -9.60 -9.32
N SER A 14 -20.79 -9.65 -8.70
CA SER A 14 -19.98 -8.42 -8.41
C SER A 14 -19.26 -7.77 -9.64
N GLN A 15 -18.50 -8.53 -10.45
CA GLN A 15 -17.66 -7.95 -11.55
C GLN A 15 -18.48 -7.69 -12.85
N ARG A 16 -19.15 -6.53 -12.93
CA ARG A 16 -19.96 -6.12 -14.12
C ARG A 16 -19.43 -4.87 -14.91
N LYS A 17 -18.73 -3.90 -14.27
CA LYS A 17 -18.12 -2.69 -14.92
C LYS A 17 -19.16 -1.57 -15.22
N ARG A 18 -18.99 -0.40 -14.58
CA ARG A 18 -19.76 0.84 -14.90
C ARG A 18 -18.75 2.04 -14.84
N MET A 19 -18.48 2.62 -13.64
CA MET A 19 -17.45 3.68 -13.47
C MET A 19 -16.04 3.04 -13.29
N SER A 20 -15.09 3.40 -14.16
CA SER A 20 -13.72 2.77 -14.20
C SER A 20 -12.60 3.83 -13.96
N PRO A 21 -12.04 4.05 -12.73
CA PRO A 21 -10.89 4.98 -12.52
C PRO A 21 -9.55 4.60 -13.22
N LYS A 22 -8.72 5.62 -13.52
CA LYS A 22 -7.31 5.40 -13.99
C LYS A 22 -6.30 5.11 -12.80
N PRO A 23 -4.99 4.71 -12.97
CA PRO A 23 -4.08 4.45 -11.81
C PRO A 23 -3.83 5.68 -10.86
N GLU A 24 -4.40 5.52 -9.68
CA GLU A 24 -4.53 6.58 -8.64
C GLU A 24 -4.95 5.89 -7.29
N LEU A 25 -4.48 6.41 -6.13
CA LEU A 25 -5.00 5.98 -4.79
C LEU A 25 -6.21 6.93 -4.53
N THR A 26 -7.44 6.40 -4.64
CA THR A 26 -8.69 7.25 -4.64
C THR A 26 -9.08 7.80 -3.24
N GLU A 27 -10.01 7.15 -2.55
CA GLU A 27 -10.53 7.58 -1.22
C GLU A 27 -10.35 6.39 -0.24
N GLU A 28 -10.95 5.23 -0.55
CA GLU A 28 -10.73 3.95 0.15
C GLU A 28 -9.23 3.55 0.30
N GLN A 29 -8.47 3.54 -0.83
CA GLN A 29 -7.00 3.26 -0.81
C GLN A 29 -6.14 4.37 -0.12
N LYS A 30 -6.36 5.66 -0.46
CA LYS A 30 -5.71 6.83 0.18
C LYS A 30 -5.87 6.90 1.75
N GLN A 31 -7.11 6.86 2.27
CA GLN A 31 -7.36 6.70 3.74
C GLN A 31 -6.85 5.33 4.32
N GLU A 32 -6.95 4.19 3.60
CA GLU A 32 -6.36 2.88 4.07
C GLU A 32 -4.82 2.95 4.31
N ILE A 33 -3.98 3.42 3.36
CA ILE A 33 -2.50 3.54 3.60
C ILE A 33 -2.16 4.59 4.72
N ARG A 34 -2.77 5.82 4.74
CA ARG A 34 -2.56 6.77 5.88
C ARG A 34 -3.09 6.25 7.26
N GLU A 35 -4.35 5.81 7.38
CA GLU A 35 -4.90 5.22 8.64
C GLU A 35 -4.17 3.92 9.13
N ALA A 36 -3.81 2.95 8.25
CA ALA A 36 -3.00 1.76 8.66
C ALA A 36 -1.55 2.09 9.16
N PHE A 37 -0.71 2.76 8.35
CA PHE A 37 0.67 3.15 8.77
C PHE A 37 0.73 4.08 10.02
N ASP A 38 -0.13 5.10 10.13
CA ASP A 38 -0.30 5.92 11.37
C ASP A 38 -0.87 5.14 12.61
N LEU A 39 -1.82 4.16 12.47
CA LEU A 39 -2.23 3.25 13.57
C LEU A 39 -1.03 2.50 14.25
N PHE A 40 -0.13 1.91 13.44
CA PHE A 40 1.09 1.22 13.94
C PHE A 40 2.26 2.22 14.30
N ASP A 41 2.51 3.30 13.54
CA ASP A 41 3.43 4.39 13.92
C ASP A 41 2.70 5.41 14.89
N ALA A 42 2.50 4.99 16.15
CA ALA A 42 1.63 5.76 17.11
C ALA A 42 2.22 7.08 17.69
N ASP A 43 3.47 7.06 18.16
CA ASP A 43 4.15 8.25 18.74
C ASP A 43 4.79 9.25 17.69
N GLY A 44 4.99 8.85 16.43
CA GLY A 44 5.70 9.65 15.40
C GLY A 44 7.17 9.24 15.27
N THR A 45 7.44 8.15 14.54
CA THR A 45 8.79 7.50 14.51
C THR A 45 9.36 7.44 13.06
N GLY A 46 8.77 6.65 12.14
CA GLY A 46 9.40 6.37 10.81
C GLY A 46 9.03 5.00 10.21
N THR A 47 9.33 3.90 10.93
CA THR A 47 9.16 2.52 10.42
C THR A 47 8.03 1.74 11.16
N ILE A 48 7.28 0.96 10.38
CA ILE A 48 6.30 -0.03 10.87
C ILE A 48 7.01 -1.40 10.60
N ASP A 49 7.25 -2.15 11.69
CA ASP A 49 8.12 -3.37 11.65
C ASP A 49 7.29 -4.69 11.59
N VAL A 50 7.97 -5.73 11.08
CA VAL A 50 7.44 -7.06 10.68
C VAL A 50 6.20 -7.65 11.42
N LYS A 51 6.14 -7.72 12.77
CA LYS A 51 4.88 -8.07 13.50
C LYS A 51 3.63 -7.17 13.18
N GLU A 52 3.79 -5.86 13.44
CA GLU A 52 2.77 -4.82 13.14
C GLU A 52 2.54 -4.63 11.60
N LEU A 53 3.59 -4.68 10.74
CA LEU A 53 3.43 -4.75 9.27
C LEU A 53 2.65 -6.01 8.73
N LYS A 54 2.82 -7.21 9.31
CA LYS A 54 2.00 -8.41 9.00
C LYS A 54 0.47 -8.26 9.30
N VAL A 55 0.05 -7.83 10.51
CA VAL A 55 -1.39 -7.45 10.77
C VAL A 55 -1.89 -6.26 9.87
N ALA A 56 -1.02 -5.30 9.54
CA ALA A 56 -1.32 -4.25 8.51
C ALA A 56 -1.59 -4.80 7.07
N MET A 57 -0.75 -5.74 6.59
CA MET A 57 -0.99 -6.52 5.35
C MET A 57 -2.22 -7.51 5.41
N ARG A 58 -2.62 -8.05 6.59
CA ARG A 58 -3.92 -8.80 6.71
C ARG A 58 -5.15 -7.87 6.39
N ALA A 59 -5.28 -6.66 7.01
CA ALA A 59 -6.29 -5.65 6.59
C ALA A 59 -6.18 -5.11 5.11
N LEU A 60 -4.99 -4.65 4.68
CA LEU A 60 -4.77 -4.04 3.33
C LEU A 60 -4.71 -5.04 2.14
N GLY A 61 -4.06 -6.22 2.30
CA GLY A 61 -4.00 -7.28 1.27
C GLY A 61 -5.32 -7.79 0.65
N PHE A 62 -6.41 -7.93 1.44
CA PHE A 62 -7.77 -8.33 0.94
C PHE A 62 -7.84 -9.85 0.55
N GLU A 63 -9.03 -10.50 0.64
CA GLU A 63 -9.19 -11.93 0.11
C GLU A 63 -10.39 -12.10 -1.09
N PRO A 64 -9.50 -11.56 -1.97
CA PRO A 64 -8.87 -11.13 -3.30
C PRO A 64 -7.35 -10.88 -2.98
N LYS A 65 -6.48 -11.92 -3.06
CA LYS A 65 -5.07 -11.81 -2.56
C LYS A 65 -4.08 -11.00 -3.47
N LYS A 66 -3.92 -11.35 -4.76
CA LYS A 66 -2.90 -10.75 -5.69
C LYS A 66 -1.39 -11.03 -5.31
N GLU A 67 -0.50 -10.87 -6.30
CA GLU A 67 0.96 -11.12 -6.14
C GLU A 67 1.71 -9.85 -5.59
N GLU A 68 1.61 -9.61 -4.27
CA GLU A 68 2.33 -8.48 -3.62
C GLU A 68 2.70 -8.73 -2.13
N ILE A 69 1.83 -9.16 -1.21
CA ILE A 69 2.16 -9.17 0.26
C ILE A 69 3.21 -10.26 0.67
N LYS A 70 3.20 -11.50 0.13
CA LYS A 70 4.32 -12.48 0.35
C LYS A 70 5.67 -11.98 -0.28
N LYS A 71 5.65 -11.44 -1.52
CA LYS A 71 6.82 -10.75 -2.14
C LYS A 71 7.35 -9.53 -1.30
N MET A 72 6.50 -8.56 -0.87
CA MET A 72 6.93 -7.39 -0.06
C MET A 72 7.59 -7.79 1.33
N ILE A 73 7.03 -8.72 2.14
CA ILE A 73 7.71 -9.22 3.38
C ILE A 73 9.08 -9.91 3.06
N SER A 74 9.17 -10.91 2.16
CA SER A 74 10.47 -11.55 1.78
C SER A 74 11.54 -10.66 1.04
N GLU A 75 11.12 -9.55 0.41
CA GLU A 75 11.99 -8.54 -0.22
C GLU A 75 12.61 -7.54 0.82
N ILE A 76 11.82 -6.97 1.78
CA ILE A 76 12.36 -6.08 2.87
C ILE A 76 13.01 -6.89 4.07
N ASP A 77 12.56 -8.11 4.39
CA ASP A 77 13.25 -9.03 5.37
C ASP A 77 14.55 -9.64 4.71
N LYS A 78 15.60 -8.81 4.61
CA LYS A 78 16.82 -9.15 3.81
C LYS A 78 18.16 -8.46 4.23
N GLU A 79 18.13 -7.15 4.57
CA GLU A 79 19.36 -6.32 4.79
C GLU A 79 19.66 -6.15 6.30
N GLY A 80 18.70 -5.57 7.05
CA GLY A 80 18.75 -5.53 8.52
C GLY A 80 17.39 -5.82 9.18
N THR A 81 16.77 -6.96 8.82
CA THR A 81 15.47 -7.45 9.38
C THR A 81 14.24 -6.64 8.84
N GLY A 82 13.07 -7.28 8.86
CA GLY A 82 11.82 -6.75 8.23
C GLY A 82 11.25 -5.48 8.85
N LYS A 83 11.31 -4.46 8.03
CA LYS A 83 10.95 -3.06 8.41
C LYS A 83 10.53 -2.28 7.15
N MET A 84 9.47 -1.47 7.28
CA MET A 84 8.96 -0.65 6.16
C MET A 84 8.82 0.82 6.62
N ASN A 85 9.31 1.77 5.81
CA ASN A 85 9.04 3.21 6.02
C ASN A 85 7.88 3.67 5.07
N PHE A 86 7.35 4.89 5.29
CA PHE A 86 6.19 5.37 4.46
C PHE A 86 6.56 5.65 2.96
N GLY A 87 7.82 5.96 2.60
CA GLY A 87 8.28 6.00 1.18
C GLY A 87 8.22 4.60 0.48
N ASP A 88 8.71 3.51 1.12
CA ASP A 88 8.50 2.10 0.65
C ASP A 88 6.97 1.76 0.52
N PHE A 89 6.19 1.97 1.60
CA PHE A 89 4.71 1.76 1.64
C PHE A 89 3.87 2.52 0.56
N LEU A 90 4.07 3.84 0.38
CA LEU A 90 3.33 4.65 -0.63
C LEU A 90 3.71 4.27 -2.11
N THR A 91 5.01 4.21 -2.48
CA THR A 91 5.44 3.82 -3.87
C THR A 91 5.03 2.36 -4.27
N VAL A 92 5.24 1.36 -3.39
CA VAL A 92 4.84 -0.06 -3.68
C VAL A 92 3.29 -0.28 -3.72
N MET A 93 2.49 0.18 -2.72
CA MET A 93 1.00 0.08 -2.79
C MET A 93 0.34 0.87 -3.97
N THR A 94 0.79 2.09 -4.35
CA THR A 94 0.33 2.76 -5.62
C THR A 94 0.65 1.91 -6.90
N GLN A 95 1.94 1.59 -7.19
CA GLN A 95 2.34 0.77 -8.38
C GLN A 95 1.80 -0.71 -8.43
N LYS A 96 1.72 -1.45 -7.30
CA LYS A 96 1.14 -2.82 -7.27
C LYS A 96 -0.44 -2.86 -7.30
N MET A 97 -1.17 -2.09 -6.46
CA MET A 97 -2.66 -2.10 -6.48
C MET A 97 -3.32 -1.23 -7.62
N SER A 98 -3.04 0.09 -7.72
CA SER A 98 -3.73 0.99 -8.68
C SER A 98 -3.18 0.94 -10.15
N MET A 1 7.85 10.05 18.98
CA MET A 1 9.31 10.07 19.28
C MET A 1 9.99 8.79 18.70
N ALA A 2 10.99 8.95 17.81
CA ALA A 2 11.71 7.79 17.19
C ALA A 2 12.50 6.84 18.14
N SER A 3 13.18 7.37 19.19
CA SER A 3 13.76 6.52 20.27
C SER A 3 12.65 6.01 21.25
N ASN A 4 12.61 4.68 21.48
CA ASN A 4 11.52 4.05 22.30
C ASN A 4 11.78 4.22 23.84
N PHE A 5 11.36 5.36 24.38
CA PHE A 5 11.51 5.68 25.84
C PHE A 5 10.52 4.92 26.81
N LYS A 6 9.39 4.35 26.32
CA LYS A 6 8.31 3.75 27.14
C LYS A 6 7.47 4.89 27.81
N LYS A 7 6.27 5.19 27.27
CA LYS A 7 5.46 6.40 27.64
C LYS A 7 6.16 7.71 27.12
N ALA A 8 6.13 7.94 25.79
CA ALA A 8 6.87 9.05 25.13
C ALA A 8 5.92 10.17 24.60
N ASN A 9 5.18 9.96 23.49
CA ASN A 9 4.22 10.94 22.95
C ASN A 9 2.78 10.31 22.94
N MET A 10 2.12 10.30 24.12
CA MET A 10 0.70 9.84 24.25
C MET A 10 -0.35 10.82 23.61
N ALA A 11 -0.23 12.15 23.79
CA ALA A 11 -1.05 13.15 23.04
C ALA A 11 -0.50 13.38 21.59
N SER A 12 -0.70 12.38 20.71
CA SER A 12 -0.06 12.34 19.37
C SER A 12 -0.88 13.10 18.29
N SER A 13 -0.27 14.12 17.66
CA SER A 13 -0.87 14.82 16.49
C SER A 13 -0.74 14.00 15.15
N SER A 14 -1.46 12.87 15.07
CA SER A 14 -1.44 11.97 13.88
C SER A 14 -2.54 12.42 12.87
N GLN A 15 -2.15 13.35 11.97
CA GLN A 15 -3.09 14.09 11.08
C GLN A 15 -3.70 13.24 9.92
N ARG A 16 -4.98 12.87 10.09
CA ARG A 16 -5.78 12.11 9.09
C ARG A 16 -6.21 12.91 7.82
N LYS A 17 -6.75 14.13 7.96
CA LYS A 17 -7.01 15.03 6.80
C LYS A 17 -5.75 15.89 6.46
N ARG A 18 -5.11 15.62 5.31
CA ARG A 18 -3.94 16.40 4.81
C ARG A 18 -4.10 16.78 3.30
N MET A 19 -4.15 15.80 2.37
CA MET A 19 -4.22 16.06 0.91
C MET A 19 -5.50 15.40 0.31
N SER A 20 -6.43 16.22 -0.22
CA SER A 20 -7.63 15.73 -0.98
C SER A 20 -7.29 14.90 -2.28
N PRO A 21 -8.02 13.82 -2.67
CA PRO A 21 -7.68 13.02 -3.88
C PRO A 21 -7.82 13.76 -5.24
N LYS A 22 -6.70 13.82 -5.99
CA LYS A 22 -6.67 14.40 -7.36
C LYS A 22 -5.91 13.36 -8.31
N PRO A 23 -5.03 13.63 -9.33
CA PRO A 23 -4.30 12.55 -10.05
C PRO A 23 -3.04 12.03 -9.29
N GLU A 24 -3.32 11.12 -8.37
CA GLU A 24 -2.34 10.56 -7.39
C GLU A 24 -2.93 9.25 -6.78
N LEU A 25 -3.88 9.32 -5.84
CA LEU A 25 -4.50 8.11 -5.21
C LEU A 25 -5.91 8.46 -4.62
N THR A 26 -6.92 7.57 -4.76
CA THR A 26 -8.34 7.94 -4.43
C THR A 26 -8.74 7.38 -3.01
N GLU A 27 -10.04 7.33 -2.68
CA GLU A 27 -10.58 7.05 -1.31
C GLU A 27 -10.11 5.70 -0.66
N GLU A 28 -10.31 4.57 -1.37
CA GLU A 28 -9.72 3.24 -1.01
C GLU A 28 -8.18 3.25 -0.72
N GLN A 29 -7.37 3.77 -1.67
CA GLN A 29 -5.89 3.85 -1.48
C GLN A 29 -5.46 4.81 -0.31
N LYS A 30 -5.91 6.07 -0.30
CA LYS A 30 -5.70 7.05 0.83
C LYS A 30 -5.94 6.47 2.28
N GLN A 31 -7.19 6.02 2.50
CA GLN A 31 -7.61 5.26 3.71
C GLN A 31 -6.73 4.03 4.06
N GLU A 32 -6.51 3.06 3.16
CA GLU A 32 -5.86 1.77 3.57
C GLU A 32 -4.33 1.92 3.84
N ILE A 33 -3.48 2.51 2.98
CA ILE A 33 -2.03 2.69 3.30
C ILE A 33 -1.81 3.76 4.43
N ARG A 34 -2.45 4.97 4.43
CA ARG A 34 -2.25 5.95 5.53
C ARG A 34 -2.84 5.49 6.90
N GLU A 35 -4.05 4.88 6.98
CA GLU A 35 -4.59 4.37 8.27
C GLU A 35 -3.85 3.08 8.79
N ALA A 36 -3.38 2.14 7.93
CA ALA A 36 -2.51 1.01 8.40
C ALA A 36 -1.12 1.45 8.97
N PHE A 37 -0.29 2.21 8.22
CA PHE A 37 1.01 2.73 8.74
C PHE A 37 0.85 3.63 10.03
N ASP A 38 -0.15 4.53 10.11
CA ASP A 38 -0.51 5.26 11.36
C ASP A 38 -1.07 4.35 12.52
N LEU A 39 -1.85 3.26 12.26
CA LEU A 39 -2.21 2.24 13.29
C LEU A 39 -0.98 1.63 14.04
N PHE A 40 0.09 1.25 13.31
CA PHE A 40 1.36 0.77 13.92
C PHE A 40 2.27 1.94 14.42
N ASP A 41 2.53 2.99 13.61
CA ASP A 41 3.25 4.21 14.07
C ASP A 41 2.28 5.28 14.69
N ALA A 42 1.90 5.08 15.96
CA ALA A 42 1.01 6.02 16.70
C ALA A 42 1.74 7.14 17.53
N ASP A 43 2.89 6.85 18.17
CA ASP A 43 3.75 7.85 18.86
C ASP A 43 4.45 8.91 17.93
N GLY A 44 4.72 8.59 16.65
CA GLY A 44 5.43 9.49 15.69
C GLY A 44 6.92 9.13 15.59
N THR A 45 7.23 8.11 14.80
CA THR A 45 8.58 7.48 14.75
C THR A 45 9.26 7.67 13.35
N GLY A 46 8.70 7.06 12.27
CA GLY A 46 9.38 6.99 10.95
C GLY A 46 9.22 5.61 10.30
N THR A 47 9.87 4.58 10.89
CA THR A 47 9.82 3.19 10.36
C THR A 47 8.91 2.28 11.24
N ILE A 48 8.15 1.43 10.53
CA ILE A 48 7.37 0.30 11.12
C ILE A 48 8.23 -1.00 10.85
N ASP A 49 8.18 -2.00 11.75
CA ASP A 49 9.04 -3.22 11.62
C ASP A 49 8.26 -4.40 10.96
N VAL A 50 8.96 -5.50 10.61
CA VAL A 50 8.31 -6.71 10.00
C VAL A 50 7.23 -7.42 10.86
N LYS A 51 7.32 -7.46 12.19
CA LYS A 51 6.19 -7.91 13.06
C LYS A 51 4.86 -7.10 12.82
N GLU A 52 4.91 -5.77 13.04
CA GLU A 52 3.85 -4.81 12.67
C GLU A 52 3.45 -4.81 11.15
N LEU A 53 4.40 -4.73 10.19
CA LEU A 53 4.12 -4.78 8.73
C LEU A 53 3.48 -6.11 8.20
N LYS A 54 3.85 -7.29 8.73
CA LYS A 54 3.14 -8.57 8.45
C LYS A 54 1.65 -8.55 8.94
N VAL A 55 1.38 -8.04 10.18
CA VAL A 55 -0.04 -7.74 10.62
C VAL A 55 -0.73 -6.66 9.70
N ALA A 56 0.02 -5.65 9.22
CA ALA A 56 -0.48 -4.65 8.23
C ALA A 56 -0.90 -5.25 6.84
N MET A 57 -0.12 -6.19 6.30
CA MET A 57 -0.47 -6.95 5.07
C MET A 57 -1.69 -7.93 5.24
N ARG A 58 -1.85 -8.62 6.40
CA ARG A 58 -3.10 -9.38 6.71
C ARG A 58 -4.40 -8.48 6.71
N ALA A 59 -4.42 -7.32 7.40
CA ALA A 59 -5.52 -6.31 7.25
C ALA A 59 -5.71 -5.65 5.84
N LEU A 60 -4.62 -5.28 5.13
CA LEU A 60 -4.69 -4.56 3.81
C LEU A 60 -5.01 -5.43 2.57
N GLY A 61 -4.52 -6.69 2.49
CA GLY A 61 -4.73 -7.55 1.32
C GLY A 61 -6.20 -7.85 0.91
N PHE A 62 -6.95 -8.46 1.84
CA PHE A 62 -8.40 -8.86 1.69
C PHE A 62 -8.59 -9.94 0.58
N GLU A 63 -8.51 -9.50 -0.66
CA GLU A 63 -8.87 -10.26 -1.88
C GLU A 63 -7.89 -9.76 -2.99
N PRO A 64 -6.56 -10.13 -3.27
CA PRO A 64 -5.80 -9.28 -4.23
C PRO A 64 -5.39 -9.95 -5.59
N LYS A 65 -4.51 -9.27 -6.34
CA LYS A 65 -4.11 -9.66 -7.72
C LYS A 65 -3.39 -11.06 -7.77
N LYS A 66 -2.07 -11.18 -7.53
CA LYS A 66 -1.38 -12.49 -7.35
C LYS A 66 -0.11 -12.30 -6.46
N GLU A 67 1.02 -11.89 -7.05
CA GLU A 67 2.33 -11.78 -6.36
C GLU A 67 2.53 -10.40 -5.62
N GLU A 68 1.71 -10.13 -4.59
CA GLU A 68 1.63 -8.78 -3.94
C GLU A 68 1.99 -8.79 -2.44
N ILE A 69 1.25 -9.53 -1.60
CA ILE A 69 1.39 -9.46 -0.11
C ILE A 69 2.63 -10.29 0.38
N LYS A 70 2.79 -11.54 -0.13
CA LYS A 70 4.02 -12.36 0.05
C LYS A 70 5.30 -11.73 -0.59
N LYS A 71 5.20 -11.14 -1.80
CA LYS A 71 6.30 -10.38 -2.46
C LYS A 71 6.82 -9.15 -1.64
N MET A 72 5.96 -8.24 -1.11
CA MET A 72 6.42 -7.16 -0.19
C MET A 72 7.09 -7.71 1.12
N ILE A 73 6.43 -8.59 1.93
CA ILE A 73 7.03 -9.08 3.23
C ILE A 73 8.32 -9.94 3.06
N SER A 74 8.40 -10.84 2.05
CA SER A 74 9.66 -11.55 1.72
C SER A 74 10.80 -10.66 1.12
N GLU A 75 10.53 -9.68 0.24
CA GLU A 75 11.59 -8.87 -0.43
C GLU A 75 12.26 -7.79 0.47
N ILE A 76 11.51 -7.04 1.30
CA ILE A 76 12.15 -6.07 2.27
C ILE A 76 12.71 -6.74 3.58
N ASP A 77 12.28 -7.96 3.94
CA ASP A 77 12.91 -8.77 5.04
C ASP A 77 14.14 -9.62 4.52
N LYS A 78 15.28 -8.96 4.19
CA LYS A 78 16.46 -9.62 3.55
C LYS A 78 17.87 -8.97 3.82
N GLU A 79 18.01 -7.92 4.66
CA GLU A 79 19.32 -7.25 4.93
C GLU A 79 19.81 -7.69 6.36
N GLY A 80 19.17 -7.13 7.39
CA GLY A 80 19.30 -7.57 8.79
C GLY A 80 17.97 -7.33 9.53
N THR A 81 16.90 -8.01 9.07
CA THR A 81 15.47 -7.79 9.48
C THR A 81 14.87 -6.59 8.69
N GLY A 82 13.62 -6.78 8.24
CA GLY A 82 12.89 -5.76 7.46
C GLY A 82 12.30 -4.61 8.32
N LYS A 83 12.80 -3.44 7.96
CA LYS A 83 12.27 -2.13 8.44
C LYS A 83 11.78 -1.31 7.22
N MET A 84 10.53 -0.85 7.28
CA MET A 84 9.88 -0.11 6.18
C MET A 84 9.48 1.32 6.65
N ASN A 85 9.78 2.35 5.85
CA ASN A 85 9.26 3.74 6.08
C ASN A 85 8.01 3.99 5.16
N PHE A 86 7.30 5.11 5.36
CA PHE A 86 6.05 5.40 4.60
C PHE A 86 6.28 5.71 3.08
N GLY A 87 7.41 6.33 2.68
CA GLY A 87 7.79 6.42 1.24
C GLY A 87 7.90 5.05 0.50
N ASP A 88 8.52 4.02 1.13
CA ASP A 88 8.49 2.61 0.64
C ASP A 88 7.02 2.06 0.58
N PHE A 89 6.27 2.08 1.72
CA PHE A 89 4.88 1.55 1.79
C PHE A 89 3.85 2.20 0.82
N LEU A 90 3.80 3.55 0.77
CA LEU A 90 3.02 4.32 -0.24
C LEU A 90 3.39 3.99 -1.73
N THR A 91 4.66 4.17 -2.16
CA THR A 91 5.07 3.89 -3.56
C THR A 91 4.95 2.39 -3.97
N VAL A 92 5.55 1.45 -3.19
CA VAL A 92 5.52 0.00 -3.52
C VAL A 92 4.08 -0.63 -3.47
N MET A 93 3.29 -0.48 -2.38
CA MET A 93 1.90 -1.04 -2.33
C MET A 93 0.88 -0.35 -3.30
N THR A 94 0.80 0.99 -3.40
CA THR A 94 -0.12 1.66 -4.36
C THR A 94 0.26 1.40 -5.86
N GLN A 95 1.50 1.68 -6.33
CA GLN A 95 1.87 1.37 -7.75
C GLN A 95 1.89 -0.15 -8.14
N LYS A 96 2.20 -1.10 -7.23
CA LYS A 96 2.00 -2.56 -7.51
C LYS A 96 0.49 -3.02 -7.64
N MET A 97 -0.45 -2.51 -6.81
CA MET A 97 -1.91 -2.73 -7.03
C MET A 97 -2.53 -1.90 -8.21
N SER A 98 -2.50 -0.55 -8.18
CA SER A 98 -2.88 0.31 -9.33
C SER A 98 -1.74 0.48 -10.38
N MET A 1 23.61 7.04 -36.54
CA MET A 1 22.79 5.82 -36.31
C MET A 1 21.32 6.03 -36.78
N ALA A 2 20.74 5.08 -37.55
CA ALA A 2 19.32 5.13 -37.98
C ALA A 2 18.33 4.95 -36.78
N SER A 3 17.74 6.05 -36.32
CA SER A 3 16.94 6.08 -35.06
C SER A 3 15.42 5.91 -35.32
N ASN A 4 15.00 4.67 -35.64
CA ASN A 4 13.62 4.36 -36.09
C ASN A 4 12.72 3.95 -34.87
N PHE A 5 12.06 4.95 -34.26
CA PHE A 5 11.31 4.74 -32.99
C PHE A 5 9.88 4.13 -33.21
N LYS A 6 9.81 2.80 -33.33
CA LYS A 6 8.52 2.06 -33.46
C LYS A 6 7.85 1.84 -32.06
N LYS A 7 7.14 2.88 -31.57
CA LYS A 7 6.61 2.96 -30.17
C LYS A 7 7.76 3.21 -29.12
N ALA A 8 7.72 4.35 -28.42
CA ALA A 8 8.62 4.62 -27.27
C ALA A 8 8.24 3.83 -25.97
N ASN A 9 9.25 3.40 -25.20
CA ASN A 9 9.04 2.70 -23.90
C ASN A 9 8.46 3.64 -22.78
N MET A 10 9.19 4.68 -22.36
CA MET A 10 8.68 5.70 -21.39
C MET A 10 7.88 6.81 -22.15
N ALA A 11 6.63 6.52 -22.55
CA ALA A 11 5.83 7.40 -23.43
C ALA A 11 5.08 8.54 -22.67
N SER A 12 5.83 9.57 -22.24
CA SER A 12 5.27 10.71 -21.47
C SER A 12 5.95 12.06 -21.84
N SER A 13 5.54 12.69 -22.95
CA SER A 13 5.96 14.08 -23.27
C SER A 13 5.03 15.09 -22.51
N SER A 14 5.40 15.39 -21.24
CA SER A 14 4.52 16.14 -20.30
C SER A 14 4.55 17.69 -20.52
N GLN A 15 3.84 18.12 -21.58
CA GLN A 15 3.80 19.54 -22.02
C GLN A 15 2.78 20.39 -21.19
N ARG A 16 1.47 20.05 -21.23
CA ARG A 16 0.45 20.64 -20.32
C ARG A 16 -0.72 19.61 -20.14
N LYS A 17 -1.55 19.39 -21.17
CA LYS A 17 -2.54 18.27 -21.19
C LYS A 17 -2.47 17.62 -22.61
N ARG A 18 -1.54 16.66 -22.82
CA ARG A 18 -1.26 16.11 -24.18
C ARG A 18 -0.81 14.61 -24.14
N MET A 19 0.36 14.28 -23.56
CA MET A 19 0.94 12.91 -23.59
C MET A 19 1.53 12.58 -22.19
N SER A 20 0.78 11.90 -21.31
CA SER A 20 1.24 11.52 -19.94
C SER A 20 0.28 10.44 -19.34
N PRO A 21 0.71 9.20 -18.94
CA PRO A 21 -0.18 8.22 -18.26
C PRO A 21 -0.79 8.72 -16.90
N LYS A 22 -2.10 8.50 -16.73
CA LYS A 22 -2.88 9.10 -15.61
C LYS A 22 -3.17 8.03 -14.50
N PRO A 23 -2.54 8.01 -13.28
CA PRO A 23 -2.85 6.98 -12.25
C PRO A 23 -4.20 7.24 -11.47
N GLU A 24 -4.84 6.17 -10.97
CA GLU A 24 -6.16 6.29 -10.29
C GLU A 24 -6.03 6.01 -8.76
N LEU A 25 -5.96 7.11 -7.98
CA LEU A 25 -5.99 7.07 -6.49
C LEU A 25 -7.18 7.94 -6.01
N THR A 26 -8.12 7.31 -5.28
CA THR A 26 -9.35 8.00 -4.79
C THR A 26 -9.44 7.90 -3.23
N GLU A 27 -10.66 8.00 -2.70
CA GLU A 27 -10.93 8.15 -1.26
C GLU A 27 -10.74 6.87 -0.38
N GLU A 28 -11.24 5.70 -0.80
CA GLU A 28 -10.94 4.39 -0.16
C GLU A 28 -9.41 4.02 -0.09
N GLN A 29 -8.65 4.10 -1.21
CA GLN A 29 -7.16 3.92 -1.18
C GLN A 29 -6.40 4.90 -0.22
N LYS A 30 -6.70 6.22 -0.30
CA LYS A 30 -6.26 7.25 0.69
C LYS A 30 -6.57 6.89 2.20
N GLN A 31 -7.83 6.50 2.51
CA GLN A 31 -8.21 5.97 3.86
C GLN A 31 -7.46 4.66 4.28
N GLU A 32 -7.41 3.60 3.44
CA GLU A 32 -6.60 2.36 3.72
C GLU A 32 -5.11 2.58 4.12
N ILE A 33 -4.35 3.39 3.34
CA ILE A 33 -2.91 3.66 3.61
C ILE A 33 -2.70 4.55 4.88
N ARG A 34 -3.44 5.68 5.06
CA ARG A 34 -3.43 6.43 6.36
C ARG A 34 -3.90 5.54 7.54
N GLU A 35 -5.11 4.94 7.52
CA GLU A 35 -5.61 4.10 8.63
C GLU A 35 -4.65 2.95 9.07
N ALA A 36 -4.01 2.16 8.18
CA ALA A 36 -3.03 1.14 8.61
C ALA A 36 -1.65 1.68 9.16
N PHE A 37 -0.91 2.52 8.41
CA PHE A 37 0.41 3.02 8.89
C PHE A 37 0.31 3.96 10.13
N ASP A 38 -0.64 4.92 10.17
CA ASP A 38 -0.96 5.68 11.41
C ASP A 38 -1.53 4.76 12.57
N LEU A 39 -2.23 3.61 12.34
CA LEU A 39 -2.54 2.61 13.40
C LEU A 39 -1.28 2.15 14.19
N PHE A 40 -0.26 1.65 13.47
CA PHE A 40 0.99 1.13 14.10
C PHE A 40 1.99 2.26 14.50
N ASP A 41 2.24 3.27 13.64
CA ASP A 41 3.00 4.49 14.01
C ASP A 41 2.02 5.69 14.28
N ALA A 42 1.44 5.75 15.50
CA ALA A 42 0.44 6.81 15.86
C ALA A 42 1.02 8.20 16.31
N ASP A 43 2.21 8.23 16.94
CA ASP A 43 2.95 9.50 17.22
C ASP A 43 3.53 10.22 15.94
N GLY A 44 4.07 9.47 14.95
CA GLY A 44 4.72 10.04 13.75
C GLY A 44 6.25 9.96 13.80
N THR A 45 6.80 8.73 13.79
CA THR A 45 8.24 8.46 14.04
C THR A 45 9.02 8.05 12.76
N GLY A 46 8.60 7.00 12.02
CA GLY A 46 9.38 6.51 10.84
C GLY A 46 8.96 5.14 10.31
N THR A 47 9.19 4.06 11.09
CA THR A 47 9.03 2.67 10.58
C THR A 47 7.93 1.85 11.33
N ILE A 48 7.21 1.07 10.52
CA ILE A 48 6.29 0.00 10.98
C ILE A 48 7.03 -1.30 10.52
N ASP A 49 7.32 -2.19 11.49
CA ASP A 49 8.23 -3.35 11.24
C ASP A 49 7.40 -4.65 10.95
N VAL A 50 8.07 -5.70 10.40
CA VAL A 50 7.37 -6.92 9.84
C VAL A 50 6.30 -7.63 10.74
N LYS A 51 6.43 -7.68 12.08
CA LYS A 51 5.33 -8.11 12.99
C LYS A 51 3.99 -7.29 12.83
N GLU A 52 4.09 -5.98 13.06
CA GLU A 52 3.04 -4.96 12.77
C GLU A 52 2.58 -4.92 11.27
N LEU A 53 3.49 -4.90 10.26
CA LEU A 53 3.10 -4.99 8.82
C LEU A 53 2.33 -6.29 8.40
N LYS A 54 2.65 -7.47 8.96
CA LYS A 54 1.85 -8.71 8.78
C LYS A 54 0.38 -8.65 9.34
N VAL A 55 0.18 -8.23 10.60
CA VAL A 55 -1.20 -7.93 11.11
C VAL A 55 -1.90 -6.72 10.37
N ALA A 56 -1.13 -5.74 9.88
CA ALA A 56 -1.64 -4.67 8.96
C ALA A 56 -2.18 -5.21 7.60
N MET A 57 -1.43 -6.11 6.92
CA MET A 57 -1.93 -6.87 5.75
C MET A 57 -3.11 -7.86 6.04
N ARG A 58 -3.28 -8.41 7.26
CA ARG A 58 -4.52 -9.15 7.64
C ARG A 58 -5.78 -8.21 7.64
N ALA A 59 -5.80 -7.09 8.42
CA ALA A 59 -6.93 -6.12 8.41
C ALA A 59 -7.13 -5.27 7.12
N LEU A 60 -6.09 -4.65 6.53
CA LEU A 60 -6.18 -3.98 5.20
C LEU A 60 -6.16 -4.98 4.02
N GLY A 61 -5.14 -5.83 3.90
CA GLY A 61 -4.97 -6.70 2.71
C GLY A 61 -6.09 -7.75 2.48
N PHE A 62 -6.57 -8.46 3.52
CA PHE A 62 -7.71 -9.42 3.45
C PHE A 62 -7.23 -10.72 2.73
N GLU A 63 -7.34 -11.91 3.34
CA GLU A 63 -6.65 -13.12 2.76
C GLU A 63 -7.05 -13.69 1.35
N PRO A 64 -8.11 -13.37 0.55
CA PRO A 64 -8.21 -13.77 -0.90
C PRO A 64 -6.95 -13.77 -1.87
N LYS A 65 -5.87 -13.04 -1.53
CA LYS A 65 -4.70 -12.76 -2.41
C LYS A 65 -4.00 -13.93 -3.19
N LYS A 66 -3.86 -15.13 -2.57
CA LYS A 66 -2.99 -16.25 -3.07
C LYS A 66 -1.50 -16.00 -2.65
N GLU A 67 -0.87 -14.89 -3.10
CA GLU A 67 0.45 -14.42 -2.59
C GLU A 67 0.30 -12.98 -1.93
N GLU A 68 1.07 -12.01 -2.42
CA GLU A 68 1.15 -10.58 -2.01
C GLU A 68 1.97 -10.40 -0.72
N ILE A 69 1.56 -11.04 0.38
CA ILE A 69 2.25 -10.91 1.70
C ILE A 69 3.60 -11.72 1.78
N LYS A 70 3.72 -12.87 1.07
CA LYS A 70 5.01 -13.59 0.87
C LYS A 70 5.99 -12.76 -0.03
N LYS A 71 5.48 -12.13 -1.11
CA LYS A 71 6.22 -11.12 -1.90
C LYS A 71 6.65 -9.86 -1.07
N MET A 72 5.76 -9.19 -0.28
CA MET A 72 6.18 -8.01 0.56
C MET A 72 7.31 -8.35 1.62
N ILE A 73 7.22 -9.47 2.39
CA ILE A 73 8.31 -9.88 3.35
C ILE A 73 9.66 -10.22 2.63
N SER A 74 9.68 -11.06 1.56
CA SER A 74 10.91 -11.32 0.76
C SER A 74 11.46 -10.15 -0.15
N GLU A 75 10.62 -9.15 -0.48
CA GLU A 75 11.01 -7.92 -1.22
C GLU A 75 11.76 -6.87 -0.32
N ILE A 76 11.15 -6.33 0.77
CA ILE A 76 11.83 -5.30 1.64
C ILE A 76 12.84 -5.90 2.69
N ASP A 77 12.68 -7.14 3.20
CA ASP A 77 13.72 -7.83 4.01
C ASP A 77 14.65 -8.65 3.05
N LYS A 78 15.97 -8.40 3.13
CA LYS A 78 16.97 -8.96 2.18
C LYS A 78 18.06 -9.86 2.82
N GLU A 79 18.86 -9.33 3.76
CA GLU A 79 19.88 -10.12 4.51
C GLU A 79 19.31 -10.61 5.89
N GLY A 80 18.83 -9.68 6.73
CA GLY A 80 18.06 -10.03 7.96
C GLY A 80 17.58 -8.83 8.79
N THR A 81 16.89 -7.87 8.15
CA THR A 81 16.26 -6.70 8.85
C THR A 81 14.92 -6.33 8.15
N GLY A 82 13.75 -6.73 8.70
CA GLY A 82 12.44 -6.42 8.10
C GLY A 82 11.75 -5.20 8.70
N LYS A 83 11.73 -4.16 7.88
CA LYS A 83 11.17 -2.82 8.22
C LYS A 83 10.43 -2.17 7.01
N MET A 84 9.58 -1.18 7.31
CA MET A 84 8.91 -0.38 6.26
C MET A 84 8.74 1.09 6.72
N ASN A 85 9.17 2.04 5.89
CA ASN A 85 8.88 3.48 6.08
C ASN A 85 7.69 3.86 5.18
N PHE A 86 7.10 5.02 5.48
CA PHE A 86 5.96 5.54 4.69
C PHE A 86 6.30 5.93 3.20
N GLY A 87 7.59 6.14 2.86
CA GLY A 87 8.05 6.28 1.46
C GLY A 87 8.02 4.92 0.70
N ASP A 88 8.57 3.85 1.31
CA ASP A 88 8.42 2.46 0.82
C ASP A 88 6.94 1.94 0.77
N PHE A 89 6.11 2.18 1.81
CA PHE A 89 4.64 1.94 1.81
C PHE A 89 3.84 2.60 0.64
N LEU A 90 3.96 3.91 0.42
CA LEU A 90 3.27 4.61 -0.70
C LEU A 90 3.87 4.33 -2.12
N THR A 91 5.20 4.23 -2.31
CA THR A 91 5.79 3.74 -3.60
C THR A 91 5.31 2.30 -4.00
N VAL A 92 5.46 1.29 -3.13
CA VAL A 92 5.06 -0.12 -3.44
C VAL A 92 3.52 -0.33 -3.63
N MET A 93 2.65 0.17 -2.73
CA MET A 93 1.16 0.08 -2.90
C MET A 93 0.58 0.94 -4.07
N THR A 94 0.93 2.23 -4.25
CA THR A 94 0.47 3.04 -5.43
C THR A 94 0.94 2.47 -6.81
N GLN A 95 2.24 2.14 -7.02
CA GLN A 95 2.70 1.45 -8.27
C GLN A 95 2.07 0.05 -8.55
N LYS A 96 1.88 -0.83 -7.54
CA LYS A 96 1.19 -2.15 -7.74
C LYS A 96 -0.37 -2.10 -7.79
N MET A 97 -1.10 -1.20 -7.10
CA MET A 97 -2.57 -1.00 -7.30
C MET A 97 -2.96 -0.28 -8.64
N SER A 98 -2.52 0.98 -8.87
CA SER A 98 -2.77 1.70 -10.14
C SER A 98 -1.84 1.36 -11.34
N MET A 1 -1.32 23.42 -17.70
CA MET A 1 -2.05 23.77 -18.96
C MET A 1 -1.84 25.29 -19.32
N ALA A 2 -1.78 25.63 -20.62
CA ALA A 2 -1.42 27.00 -21.07
C ALA A 2 -2.58 28.03 -20.96
N SER A 3 -2.56 28.85 -19.88
CA SER A 3 -3.70 29.73 -19.51
C SER A 3 -3.76 31.07 -20.31
N ASN A 4 -4.38 31.02 -21.52
CA ASN A 4 -4.43 32.16 -22.46
C ASN A 4 -5.77 32.97 -22.47
N PHE A 5 -6.95 32.31 -22.37
CA PHE A 5 -8.28 32.96 -22.59
C PHE A 5 -8.73 33.73 -21.31
N LYS A 6 -8.35 35.03 -21.21
CA LYS A 6 -8.49 35.86 -19.96
C LYS A 6 -7.48 35.34 -18.88
N LYS A 7 -7.82 34.25 -18.16
CA LYS A 7 -6.86 33.52 -17.29
C LYS A 7 -7.37 32.04 -17.15
N ALA A 8 -7.34 31.25 -18.23
CA ALA A 8 -7.96 29.90 -18.27
C ALA A 8 -7.03 28.78 -17.72
N ASN A 9 -7.02 28.59 -16.39
CA ASN A 9 -6.19 27.53 -15.71
C ASN A 9 -6.43 26.07 -16.27
N MET A 10 -7.69 25.65 -16.44
CA MET A 10 -8.04 24.40 -17.20
C MET A 10 -8.32 24.85 -18.67
N ALA A 11 -7.26 24.92 -19.51
CA ALA A 11 -7.35 25.54 -20.85
C ALA A 11 -8.18 24.75 -21.93
N SER A 12 -8.62 25.45 -22.98
CA SER A 12 -9.60 24.91 -23.98
C SER A 12 -9.10 23.68 -24.81
N SER A 13 -9.99 22.70 -25.03
CA SER A 13 -9.64 21.42 -25.73
C SER A 13 -9.54 21.51 -27.30
N SER A 14 -8.58 22.31 -27.78
CA SER A 14 -8.18 22.38 -29.21
C SER A 14 -7.00 21.39 -29.51
N GLN A 15 -5.80 21.64 -28.94
CA GLN A 15 -4.66 20.67 -28.97
C GLN A 15 -4.88 19.45 -28.01
N ARG A 16 -5.12 19.66 -26.69
CA ARG A 16 -5.54 18.57 -25.77
C ARG A 16 -7.08 18.29 -25.87
N LYS A 17 -7.48 17.59 -26.95
CA LYS A 17 -8.91 17.30 -27.27
C LYS A 17 -9.47 16.03 -26.55
N ARG A 18 -8.79 14.87 -26.64
CA ARG A 18 -9.14 13.68 -25.80
C ARG A 18 -8.31 13.70 -24.47
N MET A 19 -9.03 13.80 -23.33
CA MET A 19 -8.42 14.04 -22.00
C MET A 19 -9.14 13.16 -20.93
N SER A 20 -8.46 12.14 -20.37
CA SER A 20 -8.99 11.32 -19.26
C SER A 20 -7.95 11.26 -18.09
N PRO A 21 -7.97 12.16 -17.06
CA PRO A 21 -7.01 12.10 -15.91
C PRO A 21 -7.24 10.88 -14.95
N LYS A 22 -6.16 10.18 -14.61
CA LYS A 22 -6.24 8.89 -13.84
C LYS A 22 -5.18 8.89 -12.69
N PRO A 23 -5.43 9.45 -11.46
CA PRO A 23 -4.43 9.42 -10.34
C PRO A 23 -4.23 8.03 -9.65
N GLU A 24 -3.05 7.84 -9.03
CA GLU A 24 -2.78 6.67 -8.15
C GLU A 24 -3.63 6.65 -6.82
N LEU A 25 -3.64 7.76 -6.07
CA LEU A 25 -4.20 7.82 -4.70
C LEU A 25 -5.50 8.66 -4.71
N THR A 26 -6.63 7.98 -4.97
CA THR A 26 -7.93 8.67 -5.24
C THR A 26 -8.70 8.88 -3.91
N GLU A 27 -9.51 7.91 -3.54
CA GLU A 27 -10.32 7.93 -2.29
C GLU A 27 -10.10 6.57 -1.55
N GLU A 28 -10.40 5.44 -2.22
CA GLU A 28 -10.05 4.07 -1.76
C GLU A 28 -8.52 3.85 -1.48
N GLN A 29 -7.60 4.06 -2.44
CA GLN A 29 -6.13 3.81 -2.19
C GLN A 29 -5.48 4.87 -1.22
N LYS A 30 -5.90 6.16 -1.30
CA LYS A 30 -5.57 7.22 -0.31
C LYS A 30 -5.99 6.85 1.17
N GLN A 31 -7.26 6.44 1.37
CA GLN A 31 -7.73 5.85 2.66
C GLN A 31 -6.96 4.56 3.12
N GLU A 32 -6.65 3.58 2.25
CA GLU A 32 -5.82 2.38 2.59
C GLU A 32 -4.44 2.71 3.25
N ILE A 33 -3.59 3.50 2.57
CA ILE A 33 -2.24 3.87 3.10
C ILE A 33 -2.31 4.81 4.36
N ARG A 34 -3.16 5.88 4.40
CA ARG A 34 -3.37 6.68 5.64
C ARG A 34 -3.96 5.85 6.82
N GLU A 35 -5.08 5.11 6.63
CA GLU A 35 -5.65 4.26 7.71
C GLU A 35 -4.66 3.22 8.31
N ALA A 36 -3.93 2.41 7.51
CA ALA A 36 -2.97 1.43 8.09
C ALA A 36 -1.67 2.02 8.72
N PHE A 37 -0.92 2.90 8.01
CA PHE A 37 0.35 3.47 8.58
C PHE A 37 0.10 4.39 9.81
N ASP A 38 -0.89 5.29 9.81
CA ASP A 38 -1.32 6.03 11.03
C ASP A 38 -1.90 5.11 12.17
N LEU A 39 -2.58 3.96 11.90
CA LEU A 39 -2.92 2.93 12.92
C LEU A 39 -1.71 2.45 13.78
N PHE A 40 -0.65 1.98 13.10
CA PHE A 40 0.58 1.45 13.74
C PHE A 40 1.58 2.57 14.19
N ASP A 41 1.79 3.63 13.39
CA ASP A 41 2.53 4.86 13.80
C ASP A 41 1.56 6.07 13.97
N ALA A 42 0.92 6.19 15.15
CA ALA A 42 -0.07 7.28 15.42
C ALA A 42 0.52 8.65 15.91
N ASP A 43 1.63 8.65 16.67
CA ASP A 43 2.39 9.88 17.03
C ASP A 43 3.14 10.58 15.83
N GLY A 44 3.76 9.81 14.91
CA GLY A 44 4.59 10.34 13.80
C GLY A 44 6.10 10.14 14.02
N THR A 45 6.54 8.88 14.02
CA THR A 45 7.92 8.48 14.43
C THR A 45 8.82 8.09 13.21
N GLY A 46 8.42 7.09 12.39
CA GLY A 46 9.28 6.63 11.27
C GLY A 46 8.85 5.30 10.62
N THR A 47 9.02 4.17 11.33
CA THR A 47 8.86 2.82 10.72
C THR A 47 7.71 1.98 11.37
N ILE A 48 7.02 1.25 10.49
CA ILE A 48 6.05 0.19 10.85
C ILE A 48 6.78 -1.10 10.34
N ASP A 49 6.99 -2.07 11.23
CA ASP A 49 7.87 -3.24 10.96
C ASP A 49 7.03 -4.51 10.54
N VAL A 50 7.66 -5.57 10.02
CA VAL A 50 6.96 -6.74 9.37
C VAL A 50 5.84 -7.45 10.21
N LYS A 51 5.96 -7.62 11.54
CA LYS A 51 4.81 -8.07 12.40
C LYS A 51 3.51 -7.18 12.27
N GLU A 52 3.66 -5.88 12.60
CA GLU A 52 2.65 -4.81 12.35
C GLU A 52 2.16 -4.73 10.86
N LEU A 53 3.07 -4.73 9.86
CA LEU A 53 2.69 -4.79 8.41
C LEU A 53 1.88 -6.06 7.96
N LYS A 54 2.17 -7.26 8.50
CA LYS A 54 1.33 -8.48 8.30
C LYS A 54 -0.14 -8.35 8.81
N VAL A 55 -0.36 -7.96 10.08
CA VAL A 55 -1.75 -7.60 10.57
C VAL A 55 -2.40 -6.36 9.83
N ALA A 56 -1.58 -5.38 9.40
CA ALA A 56 -2.01 -4.28 8.50
C ALA A 56 -2.56 -4.75 7.10
N MET A 57 -1.86 -5.68 6.42
CA MET A 57 -2.38 -6.36 5.19
C MET A 57 -3.64 -7.26 5.43
N ARG A 58 -3.83 -7.93 6.59
CA ARG A 58 -5.14 -8.58 6.93
C ARG A 58 -6.35 -7.57 6.95
N ALA A 59 -6.25 -6.40 7.64
CA ALA A 59 -7.27 -5.32 7.50
C ALA A 59 -7.35 -4.59 6.11
N LEU A 60 -6.21 -4.19 5.50
CA LEU A 60 -6.16 -3.41 4.24
C LEU A 60 -6.36 -4.20 2.93
N GLY A 61 -5.74 -5.37 2.76
CA GLY A 61 -5.68 -6.10 1.46
C GLY A 61 -6.98 -6.20 0.63
N PHE A 62 -8.02 -6.83 1.20
CA PHE A 62 -9.37 -6.99 0.58
C PHE A 62 -9.30 -7.93 -0.67
N GLU A 63 -10.12 -8.98 -0.70
CA GLU A 63 -9.95 -10.04 -1.77
C GLU A 63 -10.22 -9.70 -3.26
N PRO A 64 -10.82 -8.60 -3.82
CA PRO A 64 -10.74 -8.28 -5.28
C PRO A 64 -9.42 -8.60 -6.10
N LYS A 65 -8.23 -8.31 -5.55
CA LYS A 65 -6.91 -8.52 -6.21
C LYS A 65 -6.22 -9.87 -5.78
N LYS A 66 -5.34 -10.41 -6.66
CA LYS A 66 -4.74 -11.75 -6.45
C LYS A 66 -3.61 -11.78 -5.36
N GLU A 67 -2.42 -11.20 -5.60
CA GLU A 67 -1.25 -11.36 -4.69
C GLU A 67 -0.31 -10.11 -4.67
N GLU A 68 -0.11 -9.58 -3.46
CA GLU A 68 0.88 -8.52 -3.12
C GLU A 68 1.69 -8.85 -1.82
N ILE A 69 1.07 -9.39 -0.73
CA ILE A 69 1.79 -9.61 0.58
C ILE A 69 2.93 -10.69 0.56
N LYS A 70 2.89 -11.73 -0.30
CA LYS A 70 4.06 -12.65 -0.51
C LYS A 70 5.26 -11.90 -1.20
N LYS A 71 4.98 -11.08 -2.23
CA LYS A 71 5.97 -10.12 -2.82
C LYS A 71 6.51 -9.08 -1.79
N MET A 72 5.65 -8.46 -0.95
CA MET A 72 6.06 -7.47 0.07
C MET A 72 7.06 -8.03 1.15
N ILE A 73 6.76 -9.16 1.82
CA ILE A 73 7.72 -9.84 2.75
C ILE A 73 9.02 -10.36 2.02
N SER A 74 8.91 -11.01 0.85
CA SER A 74 10.07 -11.45 0.02
C SER A 74 11.04 -10.32 -0.49
N GLU A 75 10.51 -9.13 -0.87
CA GLU A 75 11.26 -7.97 -1.36
C GLU A 75 11.89 -7.12 -0.22
N ILE A 76 11.12 -6.85 0.84
CA ILE A 76 11.50 -6.01 1.99
C ILE A 76 12.37 -6.68 3.13
N ASP A 77 12.40 -8.00 3.25
CA ASP A 77 13.01 -8.73 4.40
C ASP A 77 14.34 -9.43 3.95
N LYS A 78 15.49 -8.74 4.14
CA LYS A 78 16.80 -9.18 3.56
C LYS A 78 18.05 -8.98 4.46
N GLU A 79 18.28 -7.76 5.00
CA GLU A 79 19.56 -7.41 5.69
C GLU A 79 19.46 -7.67 7.23
N GLY A 80 18.47 -7.03 7.89
CA GLY A 80 18.11 -7.34 9.29
C GLY A 80 16.60 -7.49 9.57
N THR A 81 15.86 -8.16 8.65
CA THR A 81 14.37 -8.25 8.61
C THR A 81 13.72 -6.86 8.28
N GLY A 82 12.55 -6.87 7.65
CA GLY A 82 11.93 -5.66 7.07
C GLY A 82 11.36 -4.60 8.04
N LYS A 83 11.91 -3.40 7.86
CA LYS A 83 11.39 -2.15 8.46
C LYS A 83 10.91 -1.26 7.27
N MET A 84 9.66 -0.83 7.38
CA MET A 84 8.97 -0.01 6.35
C MET A 84 8.77 1.44 6.84
N ASN A 85 9.23 2.44 6.08
CA ASN A 85 8.87 3.86 6.35
C ASN A 85 7.70 4.27 5.39
N PHE A 86 7.10 5.46 5.60
CA PHE A 86 5.92 5.88 4.77
C PHE A 86 6.27 6.15 3.27
N GLY A 87 7.46 6.68 2.93
CA GLY A 87 7.94 6.72 1.52
C GLY A 87 8.05 5.31 0.83
N ASP A 88 8.58 4.29 1.55
CA ASP A 88 8.53 2.87 1.13
C ASP A 88 7.06 2.37 0.91
N PHE A 89 6.18 2.49 1.95
CA PHE A 89 4.74 2.11 1.87
C PHE A 89 3.93 2.74 0.70
N LEU A 90 4.05 4.06 0.50
CA LEU A 90 3.39 4.78 -0.61
C LEU A 90 3.88 4.33 -2.04
N THR A 91 5.20 4.35 -2.32
CA THR A 91 5.76 3.82 -3.61
C THR A 91 5.48 2.29 -3.86
N VAL A 92 5.82 1.40 -2.90
CA VAL A 92 5.67 -0.08 -3.07
C VAL A 92 4.19 -0.59 -3.14
N MET A 93 3.26 -0.11 -2.28
CA MET A 93 1.81 -0.43 -2.38
C MET A 93 1.10 0.16 -3.64
N THR A 94 1.34 1.43 -4.09
CA THR A 94 0.85 1.91 -5.42
C THR A 94 1.38 1.00 -6.60
N GLN A 95 2.72 0.77 -6.73
CA GLN A 95 3.29 -0.24 -7.66
C GLN A 95 2.68 -1.69 -7.65
N LYS A 96 2.45 -2.30 -6.47
CA LYS A 96 1.79 -3.64 -6.38
C LYS A 96 0.24 -3.65 -6.64
N MET A 97 -0.57 -2.76 -6.02
CA MET A 97 -2.05 -2.74 -6.23
C MET A 97 -2.55 -2.04 -7.54
N SER A 98 -2.29 -0.73 -7.76
CA SER A 98 -2.70 -0.01 -8.99
C SER A 98 -1.75 -0.22 -10.20
N MET A 1 -22.48 -14.79 -20.79
CA MET A 1 -21.82 -16.12 -20.56
C MET A 1 -22.42 -16.83 -19.32
N ALA A 2 -22.78 -18.13 -19.44
CA ALA A 2 -23.40 -18.89 -18.32
C ALA A 2 -22.34 -19.50 -17.34
N SER A 3 -21.98 -18.73 -16.30
CA SER A 3 -21.02 -19.17 -15.23
C SER A 3 -21.10 -18.21 -14.00
N ASN A 4 -20.91 -18.75 -12.78
CA ASN A 4 -20.87 -17.91 -11.54
C ASN A 4 -19.44 -17.31 -11.32
N PHE A 5 -19.17 -16.17 -11.99
CA PHE A 5 -17.80 -15.57 -12.06
C PHE A 5 -17.26 -15.03 -10.70
N LYS A 6 -15.94 -15.12 -10.49
CA LYS A 6 -15.28 -14.67 -9.23
C LYS A 6 -13.98 -13.86 -9.54
N LYS A 7 -12.89 -14.49 -10.01
CA LYS A 7 -11.70 -13.76 -10.54
C LYS A 7 -11.77 -13.66 -12.10
N ALA A 8 -12.55 -12.69 -12.60
CA ALA A 8 -12.70 -12.45 -14.06
C ALA A 8 -11.78 -11.29 -14.58
N ASN A 9 -10.47 -11.57 -14.70
CA ASN A 9 -9.47 -10.54 -15.15
C ASN A 9 -9.33 -10.53 -16.70
N MET A 10 -10.27 -9.86 -17.39
CA MET A 10 -10.22 -9.67 -18.87
C MET A 10 -9.58 -8.28 -19.21
N ALA A 11 -10.35 -7.17 -19.19
CA ALA A 11 -9.79 -5.80 -19.34
C ALA A 11 -9.57 -5.10 -17.96
N SER A 12 -8.52 -5.51 -17.23
CA SER A 12 -8.23 -5.03 -15.85
C SER A 12 -7.91 -3.51 -15.74
N SER A 13 -6.82 -3.02 -16.36
CA SER A 13 -6.56 -1.56 -16.51
C SER A 13 -7.34 -0.96 -17.72
N SER A 14 -8.66 -0.72 -17.54
CA SER A 14 -9.53 -0.21 -18.64
C SER A 14 -9.45 1.35 -18.82
N GLN A 15 -8.31 1.81 -19.35
CA GLN A 15 -8.08 3.24 -19.72
C GLN A 15 -8.29 3.37 -21.27
N ARG A 16 -9.55 3.51 -21.71
CA ARG A 16 -9.93 3.42 -23.14
C ARG A 16 -10.43 4.78 -23.73
N LYS A 17 -9.50 5.56 -24.31
CA LYS A 17 -9.84 6.78 -25.11
C LYS A 17 -8.81 6.88 -26.29
N ARG A 18 -7.67 7.56 -26.10
CA ARG A 18 -6.52 7.55 -27.05
C ARG A 18 -5.25 7.60 -26.15
N MET A 19 -4.64 8.78 -25.90
CA MET A 19 -3.58 8.94 -24.87
C MET A 19 -4.31 8.99 -23.48
N SER A 20 -4.33 7.84 -22.79
CA SER A 20 -5.18 7.64 -21.59
C SER A 20 -4.37 7.41 -20.27
N PRO A 21 -4.15 8.42 -19.38
CA PRO A 21 -3.44 8.24 -18.08
C PRO A 21 -4.12 7.25 -17.06
N LYS A 22 -3.29 6.60 -16.23
CA LYS A 22 -3.78 5.75 -15.12
C LYS A 22 -3.98 6.57 -13.79
N PRO A 23 -5.19 6.72 -13.16
CA PRO A 23 -5.29 7.30 -11.80
C PRO A 23 -4.89 6.28 -10.69
N GLU A 24 -3.89 6.67 -9.92
CA GLU A 24 -3.19 5.78 -8.96
C GLU A 24 -3.58 6.03 -7.47
N LEU A 25 -4.21 5.02 -6.84
CA LEU A 25 -4.81 5.09 -5.43
C LEU A 25 -5.88 6.23 -5.31
N THR A 26 -7.17 5.83 -5.29
CA THR A 26 -8.29 6.81 -5.13
C THR A 26 -8.52 7.17 -3.63
N GLU A 27 -9.67 7.78 -3.31
CA GLU A 27 -9.94 8.37 -1.98
C GLU A 27 -10.03 7.35 -0.80
N GLU A 28 -10.80 6.25 -0.95
CA GLU A 28 -10.77 5.09 -0.02
C GLU A 28 -9.35 4.43 0.17
N GLN A 29 -8.61 4.12 -0.92
CA GLN A 29 -7.21 3.59 -0.84
C GLN A 29 -6.18 4.55 -0.13
N LYS A 30 -6.21 5.85 -0.47
CA LYS A 30 -5.48 6.94 0.26
C LYS A 30 -5.68 6.95 1.81
N GLN A 31 -6.95 6.99 2.31
CA GLN A 31 -7.24 6.79 3.75
C GLN A 31 -6.89 5.35 4.30
N GLU A 32 -7.13 4.23 3.59
CA GLU A 32 -6.64 2.87 4.01
C GLU A 32 -5.10 2.77 4.30
N ILE A 33 -4.22 3.26 3.40
CA ILE A 33 -2.74 3.24 3.63
C ILE A 33 -2.29 4.23 4.77
N ARG A 34 -2.77 5.50 4.86
CA ARG A 34 -2.50 6.33 6.06
C ARG A 34 -3.14 5.74 7.35
N GLU A 35 -4.47 5.47 7.44
CA GLU A 35 -5.10 4.85 8.66
C GLU A 35 -4.37 3.59 9.22
N ALA A 36 -3.92 2.62 8.39
CA ALA A 36 -3.04 1.52 8.87
C ALA A 36 -1.61 1.92 9.37
N PHE A 37 -0.80 2.60 8.52
CA PHE A 37 0.56 3.08 8.96
C PHE A 37 0.52 4.11 10.13
N ASP A 38 -0.36 5.11 10.12
CA ASP A 38 -0.64 6.01 11.28
C ASP A 38 -1.17 5.29 12.59
N LEU A 39 -2.00 4.20 12.50
CA LEU A 39 -2.33 3.33 13.67
C LEU A 39 -1.07 2.75 14.39
N PHE A 40 -0.11 2.16 13.64
CA PHE A 40 1.15 1.64 14.24
C PHE A 40 2.23 2.76 14.48
N ASP A 41 2.46 3.67 13.52
CA ASP A 41 3.28 4.90 13.72
C ASP A 41 2.39 6.08 14.25
N ALA A 42 2.12 6.07 15.56
CA ALA A 42 1.19 7.07 16.20
C ALA A 42 1.75 8.52 16.34
N ASP A 43 3.01 8.67 16.75
CA ASP A 43 3.68 9.98 16.94
C ASP A 43 4.25 10.66 15.64
N GLY A 44 4.56 9.89 14.58
CA GLY A 44 5.26 10.39 13.37
C GLY A 44 6.79 10.20 13.49
N THR A 45 7.25 8.94 13.37
CA THR A 45 8.67 8.57 13.69
C THR A 45 9.41 7.79 12.54
N GLY A 46 8.83 6.91 11.70
CA GLY A 46 9.61 6.31 10.57
C GLY A 46 9.12 4.93 10.08
N THR A 47 9.36 3.88 10.90
CA THR A 47 9.16 2.46 10.48
C THR A 47 8.05 1.73 11.29
N ILE A 48 7.30 0.90 10.56
CA ILE A 48 6.35 -0.09 11.14
C ILE A 48 7.08 -1.46 10.85
N ASP A 49 7.38 -2.18 11.93
CA ASP A 49 8.29 -3.38 11.88
C ASP A 49 7.49 -4.72 11.87
N VAL A 50 8.14 -5.83 11.43
CA VAL A 50 7.49 -7.16 11.12
C VAL A 50 6.43 -7.70 12.13
N LYS A 51 6.55 -7.53 13.46
CA LYS A 51 5.43 -7.83 14.41
C LYS A 51 4.09 -7.03 14.11
N GLU A 52 4.20 -5.69 14.18
CA GLU A 52 3.13 -4.71 13.85
C GLU A 52 2.74 -4.70 12.34
N LEU A 53 3.70 -4.76 11.40
CA LEU A 53 3.43 -4.98 9.95
C LEU A 53 2.68 -6.33 9.60
N LYS A 54 2.97 -7.47 10.24
CA LYS A 54 2.18 -8.73 10.12
C LYS A 54 0.68 -8.61 10.54
N VAL A 55 0.37 -8.12 11.77
CA VAL A 55 -1.06 -7.76 12.13
C VAL A 55 -1.71 -6.64 11.23
N ALA A 56 -0.89 -5.70 10.73
CA ALA A 56 -1.30 -4.71 9.70
C ALA A 56 -1.70 -5.33 8.32
N MET A 57 -0.87 -6.24 7.76
CA MET A 57 -1.21 -7.05 6.55
C MET A 57 -2.46 -8.00 6.71
N ARG A 58 -2.74 -8.54 7.91
CA ARG A 58 -4.02 -9.25 8.20
C ARG A 58 -5.29 -8.32 8.12
N ALA A 59 -5.33 -7.16 8.82
CA ALA A 59 -6.43 -6.16 8.63
C ALA A 59 -6.48 -5.43 7.24
N LEU A 60 -5.39 -4.82 6.77
CA LEU A 60 -5.34 -4.11 5.45
C LEU A 60 -5.14 -5.00 4.18
N GLY A 61 -4.23 -5.98 4.21
CA GLY A 61 -3.92 -6.83 3.01
C GLY A 61 -5.10 -7.60 2.40
N PHE A 62 -5.83 -8.39 3.23
CA PHE A 62 -7.07 -9.11 2.83
C PHE A 62 -6.71 -10.34 1.95
N GLU A 63 -7.24 -11.54 2.27
CA GLU A 63 -6.79 -12.78 1.55
C GLU A 63 -7.16 -13.01 0.03
N PRO A 64 -7.96 -12.28 -0.81
CA PRO A 64 -7.97 -12.45 -2.29
C PRO A 64 -6.61 -12.82 -3.00
N LYS A 65 -6.64 -13.68 -4.02
CA LYS A 65 -5.39 -14.27 -4.59
C LYS A 65 -4.65 -13.36 -5.64
N LYS A 66 -3.95 -12.36 -5.07
CA LYS A 66 -2.96 -11.48 -5.77
C LYS A 66 -1.69 -11.54 -4.87
N GLU A 67 -0.54 -12.04 -5.37
CA GLU A 67 0.68 -12.22 -4.52
C GLU A 67 1.42 -10.86 -4.28
N GLU A 68 1.02 -10.17 -3.19
CA GLU A 68 1.58 -8.85 -2.80
C GLU A 68 2.17 -8.89 -1.37
N ILE A 69 1.40 -9.18 -0.29
CA ILE A 69 1.90 -9.12 1.12
C ILE A 69 3.10 -10.12 1.41
N LYS A 70 3.01 -11.37 0.90
CA LYS A 70 4.14 -12.36 0.88
C LYS A 70 5.44 -11.84 0.16
N LYS A 71 5.29 -11.27 -1.06
CA LYS A 71 6.42 -10.62 -1.80
C LYS A 71 6.88 -9.26 -1.19
N MET A 72 6.05 -8.43 -0.52
CA MET A 72 6.54 -7.24 0.26
C MET A 72 7.53 -7.68 1.41
N ILE A 73 7.15 -8.61 2.33
CA ILE A 73 8.07 -9.11 3.39
C ILE A 73 9.38 -9.79 2.85
N SER A 74 9.30 -10.61 1.79
CA SER A 74 10.49 -11.23 1.15
C SER A 74 11.40 -10.28 0.28
N GLU A 75 10.84 -9.36 -0.54
CA GLU A 75 11.60 -8.48 -1.46
C GLU A 75 12.24 -7.22 -0.80
N ILE A 76 11.51 -6.61 0.15
CA ILE A 76 11.83 -5.28 0.70
C ILE A 76 12.93 -5.18 1.84
N ASP A 77 13.28 -6.25 2.53
CA ASP A 77 14.47 -6.26 3.45
C ASP A 77 15.57 -7.17 2.83
N LYS A 78 16.67 -6.56 2.36
CA LYS A 78 17.84 -7.28 1.75
C LYS A 78 19.20 -7.15 2.50
N GLU A 79 19.12 -7.12 3.84
CA GLU A 79 20.25 -6.82 4.75
C GLU A 79 20.29 -7.87 5.92
N GLY A 80 19.17 -8.05 6.64
CA GLY A 80 19.02 -9.01 7.76
C GLY A 80 18.13 -8.50 8.92
N THR A 81 16.97 -7.91 8.60
CA THR A 81 16.12 -7.17 9.59
C THR A 81 14.63 -7.54 9.31
N GLY A 82 13.78 -6.53 9.18
CA GLY A 82 12.31 -6.71 9.02
C GLY A 82 11.56 -5.45 9.43
N LYS A 83 11.52 -4.58 8.44
CA LYS A 83 11.07 -3.17 8.57
C LYS A 83 10.35 -2.66 7.30
N MET A 84 9.53 -1.61 7.48
CA MET A 84 8.94 -0.87 6.34
C MET A 84 8.74 0.62 6.74
N ASN A 85 9.16 1.59 5.90
CA ASN A 85 8.79 3.03 6.13
C ASN A 85 7.57 3.40 5.24
N PHE A 86 7.09 4.62 5.47
CA PHE A 86 6.01 5.20 4.62
C PHE A 86 6.48 5.60 3.18
N GLY A 87 7.80 5.79 2.90
CA GLY A 87 8.29 5.90 1.49
C GLY A 87 8.13 4.55 0.71
N ASP A 88 8.59 3.41 1.30
CA ASP A 88 8.31 2.03 0.82
C ASP A 88 6.76 1.76 0.68
N PHE A 89 5.99 1.95 1.77
CA PHE A 89 4.53 1.66 1.84
C PHE A 89 3.67 2.40 0.76
N LEU A 90 3.77 3.73 0.69
CA LEU A 90 3.07 4.54 -0.34
C LEU A 90 3.56 4.30 -1.81
N THR A 91 4.88 4.26 -2.11
CA THR A 91 5.40 3.97 -3.49
C THR A 91 5.15 2.50 -3.96
N VAL A 92 5.46 1.47 -3.14
CA VAL A 92 5.20 0.03 -3.50
C VAL A 92 3.68 -0.32 -3.67
N MET A 93 2.80 0.09 -2.74
CA MET A 93 1.31 -0.08 -2.91
C MET A 93 0.70 0.76 -4.08
N THR A 94 1.10 2.02 -4.35
CA THR A 94 0.68 2.75 -5.59
C THR A 94 1.05 2.00 -6.93
N GLN A 95 2.36 1.70 -7.17
CA GLN A 95 2.82 0.87 -8.31
C GLN A 95 2.15 -0.54 -8.43
N LYS A 96 2.21 -1.40 -7.39
CA LYS A 96 1.72 -2.80 -7.48
C LYS A 96 0.16 -3.00 -7.32
N MET A 97 -0.61 -2.13 -6.61
CA MET A 97 -2.11 -2.16 -6.65
C MET A 97 -2.72 -1.56 -7.96
N SER A 98 -2.39 -0.31 -8.38
CA SER A 98 -3.06 0.36 -9.52
C SER A 98 -2.54 -0.09 -10.92
N MET A 1 -16.11 -17.36 8.95
CA MET A 1 -17.36 -18.10 9.25
C MET A 1 -17.29 -19.56 8.68
N ALA A 2 -17.61 -19.81 7.40
CA ALA A 2 -17.49 -21.14 6.78
C ALA A 2 -16.04 -21.40 6.22
N SER A 3 -15.29 -22.31 6.84
CA SER A 3 -13.93 -22.69 6.37
C SER A 3 -13.91 -23.46 5.00
N ASN A 4 -14.54 -24.65 4.92
CA ASN A 4 -14.77 -25.33 3.62
C ASN A 4 -16.11 -24.84 2.98
N PHE A 5 -16.08 -23.66 2.32
CA PHE A 5 -17.27 -23.04 1.67
C PHE A 5 -17.55 -23.67 0.27
N LYS A 6 -18.10 -24.91 0.26
CA LYS A 6 -18.22 -25.73 -0.98
C LYS A 6 -19.49 -25.41 -1.84
N LYS A 7 -19.52 -24.20 -2.43
CA LYS A 7 -20.56 -23.79 -3.41
C LYS A 7 -20.00 -22.63 -4.30
N ALA A 8 -19.85 -21.39 -3.75
CA ALA A 8 -19.22 -20.26 -4.49
C ALA A 8 -17.69 -20.15 -4.24
N ASN A 9 -16.91 -21.07 -4.82
CA ASN A 9 -15.43 -21.14 -4.62
C ASN A 9 -14.65 -20.16 -5.56
N MET A 10 -14.75 -20.28 -6.89
CA MET A 10 -14.17 -19.28 -7.84
C MET A 10 -15.15 -18.07 -8.06
N ALA A 11 -15.23 -17.19 -7.05
CA ALA A 11 -16.22 -16.07 -7.02
C ALA A 11 -15.68 -14.67 -7.47
N SER A 12 -14.50 -14.22 -6.98
CA SER A 12 -13.98 -12.85 -7.22
C SER A 12 -13.33 -12.68 -8.63
N SER A 13 -14.13 -12.33 -9.65
CA SER A 13 -13.65 -12.13 -11.04
C SER A 13 -12.95 -10.74 -11.24
N SER A 14 -11.68 -10.64 -10.84
CA SER A 14 -10.93 -9.34 -10.78
C SER A 14 -10.47 -8.77 -12.16
N GLN A 15 -9.78 -9.56 -13.01
CA GLN A 15 -9.33 -9.10 -14.36
C GLN A 15 -10.49 -9.20 -15.41
N ARG A 16 -11.36 -8.17 -15.39
CA ARG A 16 -12.63 -8.16 -16.18
C ARG A 16 -12.87 -6.79 -16.89
N LYS A 17 -12.76 -5.64 -16.17
CA LYS A 17 -12.73 -4.26 -16.73
C LYS A 17 -14.11 -3.72 -17.28
N ARG A 18 -14.76 -2.85 -16.49
CA ARG A 18 -15.94 -2.05 -16.93
C ARG A 18 -15.66 -0.60 -16.42
N MET A 19 -15.90 -0.30 -15.12
CA MET A 19 -15.45 0.98 -14.49
C MET A 19 -13.92 0.87 -14.21
N SER A 20 -13.12 1.64 -14.95
CA SER A 20 -11.63 1.49 -14.96
C SER A 20 -10.90 2.37 -13.88
N PRO A 21 -10.12 1.83 -12.89
CA PRO A 21 -9.36 2.64 -11.91
C PRO A 21 -8.23 3.57 -12.48
N LYS A 22 -7.93 4.66 -11.75
CA LYS A 22 -6.74 5.51 -12.03
C LYS A 22 -5.42 4.86 -11.46
N PRO A 23 -4.20 4.98 -12.07
CA PRO A 23 -2.93 4.57 -11.40
C PRO A 23 -2.45 5.62 -10.34
N GLU A 24 -3.13 5.49 -9.20
CA GLU A 24 -3.14 6.44 -8.07
C GLU A 24 -3.82 5.76 -6.84
N LEU A 25 -3.40 6.08 -5.59
CA LEU A 25 -4.15 5.67 -4.36
C LEU A 25 -5.24 6.79 -4.23
N THR A 26 -6.50 6.44 -4.50
CA THR A 26 -7.60 7.46 -4.69
C THR A 26 -8.12 8.14 -3.39
N GLU A 27 -9.11 7.57 -2.72
CA GLU A 27 -9.72 8.15 -1.47
C GLU A 27 -9.78 7.03 -0.39
N GLU A 28 -10.52 5.96 -0.70
CA GLU A 28 -10.53 4.68 0.05
C GLU A 28 -9.13 4.02 0.26
N GLN A 29 -8.33 3.86 -0.82
CA GLN A 29 -6.92 3.39 -0.73
C GLN A 29 -5.96 4.40 -0.02
N LYS A 30 -6.04 5.69 -0.37
CA LYS A 30 -5.31 6.80 0.29
C LYS A 30 -5.51 6.91 1.84
N GLN A 31 -6.76 6.97 2.34
CA GLN A 31 -7.05 6.83 3.80
C GLN A 31 -6.63 5.45 4.42
N GLU A 32 -6.73 4.30 3.72
CA GLU A 32 -6.23 2.99 4.29
C GLU A 32 -4.68 2.97 4.52
N ILE A 33 -3.82 3.40 3.57
CA ILE A 33 -2.35 3.56 3.83
C ILE A 33 -2.04 4.68 4.90
N ARG A 34 -2.70 5.88 4.86
CA ARG A 34 -2.63 6.90 5.94
C ARG A 34 -2.92 6.33 7.37
N GLU A 35 -4.10 5.68 7.56
CA GLU A 35 -4.50 5.09 8.86
C GLU A 35 -3.68 3.82 9.25
N ALA A 36 -3.36 2.86 8.35
CA ALA A 36 -2.49 1.70 8.68
C ALA A 36 -1.07 2.05 9.22
N PHE A 37 -0.28 2.85 8.47
CA PHE A 37 1.04 3.32 8.96
C PHE A 37 0.94 4.22 10.25
N ASP A 38 0.00 5.17 10.38
CA ASP A 38 -0.27 5.89 11.66
C ASP A 38 -0.81 5.02 12.86
N LEU A 39 -1.66 3.99 12.65
CA LEU A 39 -2.04 3.00 13.66
C LEU A 39 -0.83 2.29 14.36
N PHE A 40 0.14 1.78 13.58
CA PHE A 40 1.39 1.20 14.12
C PHE A 40 2.48 2.27 14.51
N ASP A 41 2.69 3.35 13.71
CA ASP A 41 3.52 4.52 14.10
C ASP A 41 2.69 5.53 14.97
N ALA A 42 2.45 5.16 16.25
CA ALA A 42 1.47 5.90 17.12
C ALA A 42 1.93 7.30 17.65
N ASP A 43 3.16 7.42 18.18
CA ASP A 43 3.70 8.70 18.73
C ASP A 43 4.41 9.65 17.70
N GLY A 44 4.69 9.20 16.46
CA GLY A 44 5.48 9.97 15.46
C GLY A 44 6.96 9.54 15.46
N THR A 45 7.27 8.46 14.72
CA THR A 45 8.59 7.79 14.78
C THR A 45 9.30 7.77 13.39
N GLY A 46 8.80 7.02 12.39
CA GLY A 46 9.56 6.80 11.12
C GLY A 46 9.29 5.44 10.45
N THR A 47 9.55 4.33 11.18
CA THR A 47 9.43 2.94 10.65
C THR A 47 8.33 2.12 11.38
N ILE A 48 7.60 1.33 10.57
CA ILE A 48 6.66 0.28 11.05
C ILE A 48 7.44 -1.05 10.80
N ASP A 49 7.72 -1.77 11.90
CA ASP A 49 8.64 -2.93 11.89
C ASP A 49 7.91 -4.30 11.85
N VAL A 50 8.71 -5.28 11.38
CA VAL A 50 8.35 -6.66 10.98
C VAL A 50 7.08 -7.35 11.63
N LYS A 51 6.97 -7.39 12.96
CA LYS A 51 5.73 -7.83 13.68
C LYS A 51 4.42 -7.02 13.33
N GLU A 52 4.47 -5.70 13.59
CA GLU A 52 3.42 -4.71 13.26
C GLU A 52 3.18 -4.54 11.72
N LEU A 53 4.22 -4.53 10.86
CA LEU A 53 4.06 -4.61 9.39
C LEU A 53 3.29 -5.86 8.84
N LYS A 54 3.52 -7.07 9.40
CA LYS A 54 2.75 -8.29 9.04
C LYS A 54 1.24 -8.28 9.45
N VAL A 55 0.87 -7.90 10.69
CA VAL A 55 -0.58 -7.63 11.04
C VAL A 55 -1.21 -6.45 10.20
N ALA A 56 -0.41 -5.43 9.85
CA ALA A 56 -0.81 -4.37 8.88
C ALA A 56 -1.16 -4.89 7.46
N MET A 57 -0.30 -5.76 6.88
CA MET A 57 -0.60 -6.51 5.62
C MET A 57 -1.73 -7.60 5.76
N ARG A 58 -2.08 -8.12 6.96
CA ARG A 58 -3.32 -8.95 7.14
C ARG A 58 -4.61 -8.07 6.91
N ALA A 59 -4.78 -6.90 7.57
CA ALA A 59 -5.89 -5.95 7.24
C ALA A 59 -5.84 -5.28 5.82
N LEU A 60 -4.72 -4.64 5.42
CA LEU A 60 -4.57 -3.97 4.10
C LEU A 60 -4.42 -4.93 2.88
N GLY A 61 -3.67 -6.04 3.01
CA GLY A 61 -3.49 -7.03 1.92
C GLY A 61 -4.76 -7.67 1.31
N PHE A 62 -5.73 -8.10 2.14
CA PHE A 62 -7.07 -8.56 1.68
C PHE A 62 -6.96 -10.03 1.19
N GLU A 63 -7.87 -10.92 1.62
CA GLU A 63 -7.66 -12.39 1.35
C GLU A 63 -7.56 -12.89 -0.14
N PRO A 64 -7.96 -12.28 -1.29
CA PRO A 64 -7.51 -12.73 -2.65
C PRO A 64 -6.02 -13.21 -2.88
N LYS A 65 -5.04 -12.69 -2.12
CA LYS A 65 -3.57 -13.01 -2.19
C LYS A 65 -2.88 -12.19 -3.32
N LYS A 66 -2.96 -12.62 -4.60
CA LYS A 66 -2.17 -12.06 -5.74
C LYS A 66 -0.61 -12.15 -5.56
N GLU A 67 0.15 -11.90 -6.65
CA GLU A 67 1.65 -11.88 -6.60
C GLU A 67 2.21 -10.51 -6.07
N GLU A 68 2.03 -10.26 -4.76
CA GLU A 68 2.38 -8.96 -4.13
C GLU A 68 2.59 -9.06 -2.59
N ILE A 69 1.68 -9.60 -1.75
CA ILE A 69 1.83 -9.48 -0.25
C ILE A 69 2.91 -10.45 0.33
N LYS A 70 2.95 -11.73 -0.10
CA LYS A 70 4.10 -12.63 0.21
C LYS A 70 5.46 -12.15 -0.39
N LYS A 71 5.45 -11.60 -1.63
CA LYS A 71 6.64 -10.89 -2.22
C LYS A 71 7.08 -9.63 -1.41
N MET A 72 6.20 -8.66 -1.07
CA MET A 72 6.57 -7.45 -0.26
C MET A 72 7.22 -7.80 1.13
N ILE A 73 6.66 -8.72 1.95
CA ILE A 73 7.34 -9.18 3.22
C ILE A 73 8.71 -9.90 2.94
N SER A 74 8.81 -10.88 2.01
CA SER A 74 10.11 -11.53 1.64
C SER A 74 11.19 -10.62 0.93
N GLU A 75 10.78 -9.55 0.24
CA GLU A 75 11.65 -8.56 -0.43
C GLU A 75 12.25 -7.51 0.55
N ILE A 76 11.49 -6.96 1.53
CA ILE A 76 12.07 -6.10 2.61
C ILE A 76 12.74 -6.95 3.77
N ASP A 77 12.23 -8.16 4.10
CA ASP A 77 12.95 -9.13 4.99
C ASP A 77 14.08 -9.86 4.17
N LYS A 78 15.21 -9.15 3.98
CA LYS A 78 16.29 -9.59 3.04
C LYS A 78 17.74 -9.23 3.50
N GLU A 79 17.98 -7.98 3.95
CA GLU A 79 19.33 -7.49 4.40
C GLU A 79 19.46 -7.58 5.95
N GLY A 80 18.58 -6.88 6.68
CA GLY A 80 18.44 -7.03 8.15
C GLY A 80 16.98 -7.00 8.62
N THR A 81 16.15 -7.93 8.11
CA THR A 81 14.68 -8.04 8.39
C THR A 81 13.88 -6.77 7.91
N GLY A 82 12.55 -6.90 7.85
CA GLY A 82 11.66 -5.89 7.22
C GLY A 82 11.14 -4.77 8.11
N LYS A 83 11.96 -3.74 8.13
CA LYS A 83 11.63 -2.41 8.71
C LYS A 83 11.24 -1.47 7.54
N MET A 84 10.00 -0.99 7.55
CA MET A 84 9.41 -0.24 6.43
C MET A 84 9.20 1.24 6.82
N ASN A 85 9.60 2.18 5.94
CA ASN A 85 9.24 3.61 6.11
C ASN A 85 8.02 3.96 5.19
N PHE A 86 7.43 5.16 5.40
CA PHE A 86 6.23 5.57 4.60
C PHE A 86 6.53 5.84 3.08
N GLY A 87 7.77 6.21 2.68
CA GLY A 87 8.19 6.24 1.25
C GLY A 87 8.15 4.83 0.56
N ASP A 88 8.69 3.76 1.18
CA ASP A 88 8.51 2.34 0.72
C ASP A 88 6.97 1.96 0.63
N PHE A 89 6.22 2.16 1.73
CA PHE A 89 4.76 1.90 1.83
C PHE A 89 3.86 2.60 0.73
N LEU A 90 4.03 3.92 0.54
CA LEU A 90 3.28 4.71 -0.49
C LEU A 90 3.65 4.28 -1.95
N THR A 91 4.94 4.21 -2.33
CA THR A 91 5.36 3.78 -3.70
C THR A 91 5.01 2.30 -4.05
N VAL A 92 5.30 1.32 -3.16
CA VAL A 92 4.97 -0.11 -3.40
C VAL A 92 3.44 -0.43 -3.45
N MET A 93 2.61 0.07 -2.50
CA MET A 93 1.11 -0.06 -2.59
C MET A 93 0.48 0.66 -3.83
N THR A 94 0.88 1.88 -4.24
CA THR A 94 0.44 2.50 -5.53
C THR A 94 0.86 1.65 -6.79
N GLN A 95 2.16 1.37 -7.00
CA GLN A 95 2.67 0.55 -8.14
C GLN A 95 2.08 -0.91 -8.26
N LYS A 96 1.93 -1.67 -7.16
CA LYS A 96 1.29 -3.02 -7.20
C LYS A 96 -0.27 -3.02 -7.30
N MET A 97 -1.02 -2.26 -6.46
CA MET A 97 -2.52 -2.27 -6.48
C MET A 97 -3.17 -1.41 -7.63
N SER A 98 -2.89 -0.10 -7.75
CA SER A 98 -3.62 0.80 -8.68
C SER A 98 -3.16 0.74 -10.17
N MET A 1 -18.31 -0.79 -27.82
CA MET A 1 -18.96 0.25 -28.67
C MET A 1 -17.94 1.38 -29.03
N ALA A 2 -17.77 2.43 -28.20
CA ALA A 2 -16.75 3.49 -28.44
C ALA A 2 -15.34 3.08 -27.90
N SER A 3 -14.56 2.37 -28.74
CA SER A 3 -13.26 1.77 -28.31
C SER A 3 -12.10 2.84 -28.28
N ASN A 4 -11.91 3.46 -27.11
CA ASN A 4 -10.96 4.60 -26.95
C ASN A 4 -9.50 4.12 -26.71
N PHE A 5 -8.76 3.85 -27.81
CA PHE A 5 -7.28 3.59 -27.76
C PHE A 5 -6.54 4.97 -27.69
N LYS A 6 -6.52 5.56 -26.48
CA LYS A 6 -6.09 6.97 -26.27
C LYS A 6 -5.19 7.09 -25.01
N LYS A 7 -3.86 7.05 -25.19
CA LYS A 7 -2.87 7.13 -24.07
C LYS A 7 -2.56 8.60 -23.64
N ALA A 8 -3.50 9.23 -22.90
CA ALA A 8 -3.29 10.57 -22.32
C ALA A 8 -2.58 10.51 -20.93
N ASN A 9 -1.24 10.35 -20.94
CA ASN A 9 -0.41 10.26 -19.68
C ASN A 9 0.87 11.15 -19.65
N MET A 10 1.34 11.73 -20.76
CA MET A 10 2.60 12.53 -20.83
C MET A 10 2.50 13.93 -20.16
N ALA A 11 3.65 14.48 -19.70
CA ALA A 11 3.72 15.89 -19.22
C ALA A 11 3.86 16.93 -20.38
N SER A 12 2.74 17.23 -21.06
CA SER A 12 2.72 18.18 -22.20
C SER A 12 2.56 19.65 -21.73
N SER A 13 3.69 20.32 -21.43
CA SER A 13 3.68 21.66 -20.77
C SER A 13 3.49 22.89 -21.72
N SER A 14 2.33 22.98 -22.40
CA SER A 14 1.91 24.20 -23.15
C SER A 14 1.45 25.31 -22.15
N GLN A 15 0.35 25.07 -21.41
CA GLN A 15 -0.06 25.91 -20.25
C GLN A 15 0.63 25.25 -19.01
N ARG A 16 1.60 25.96 -18.38
CA ARG A 16 2.48 25.36 -17.34
C ARG A 16 1.73 25.04 -16.00
N LYS A 17 1.54 23.74 -15.70
CA LYS A 17 0.66 23.21 -14.61
C LYS A 17 -0.82 23.22 -15.10
N ARG A 18 -1.28 22.11 -15.73
CA ARG A 18 -2.60 22.06 -16.40
C ARG A 18 -3.26 20.64 -16.28
N MET A 19 -2.86 19.64 -17.09
CA MET A 19 -3.47 18.29 -17.08
C MET A 19 -2.43 17.23 -17.59
N SER A 20 -1.95 16.37 -16.69
CA SER A 20 -1.11 15.19 -17.08
C SER A 20 -1.55 13.94 -16.23
N PRO A 21 -2.51 13.05 -16.64
CA PRO A 21 -2.98 11.92 -15.79
C PRO A 21 -1.92 10.80 -15.56
N LYS A 22 -1.69 10.43 -14.29
CA LYS A 22 -0.61 9.46 -13.89
C LYS A 22 -1.08 8.53 -12.69
N PRO A 23 -0.43 7.39 -12.30
CA PRO A 23 -0.96 6.48 -11.24
C PRO A 23 -0.99 7.08 -9.79
N GLU A 24 -2.14 6.94 -9.12
CA GLU A 24 -2.36 7.45 -7.74
C GLU A 24 -3.41 6.58 -6.99
N LEU A 25 -3.40 6.67 -5.65
CA LEU A 25 -4.33 5.93 -4.76
C LEU A 25 -5.59 6.81 -4.44
N THR A 26 -6.80 6.25 -4.33
CA THR A 26 -8.06 7.07 -4.24
C THR A 26 -8.34 7.42 -2.75
N GLU A 27 -9.56 7.15 -2.26
CA GLU A 27 -10.03 7.62 -0.93
C GLU A 27 -9.93 6.46 0.11
N GLU A 28 -10.65 5.35 -0.15
CA GLU A 28 -10.52 4.08 0.62
C GLU A 28 -9.09 3.44 0.59
N GLN A 29 -8.42 3.27 -0.58
CA GLN A 29 -7.06 2.65 -0.62
C GLN A 29 -5.95 3.44 0.15
N LYS A 30 -5.91 4.79 0.00
CA LYS A 30 -5.02 5.70 0.76
C LYS A 30 -5.27 5.67 2.32
N GLN A 31 -6.54 5.84 2.74
CA GLN A 31 -6.96 5.60 4.15
C GLN A 31 -6.61 4.16 4.70
N GLU A 32 -6.89 3.07 3.96
CA GLU A 32 -6.48 1.67 4.36
C GLU A 32 -4.98 1.46 4.68
N ILE A 33 -4.07 1.85 3.76
CA ILE A 33 -2.61 1.56 3.96
C ILE A 33 -1.99 2.51 5.07
N ARG A 34 -2.35 3.83 5.18
CA ARG A 34 -1.96 4.64 6.36
C ARG A 34 -2.73 4.24 7.67
N GLU A 35 -4.01 3.79 7.71
CA GLU A 35 -4.63 3.22 8.96
C GLU A 35 -3.78 2.06 9.57
N ALA A 36 -3.40 1.02 8.80
CA ALA A 36 -2.41 0.01 9.28
C ALA A 36 -1.01 0.59 9.72
N PHE A 37 -0.35 1.40 8.87
CA PHE A 37 0.94 2.05 9.25
C PHE A 37 0.83 2.97 10.49
N ASP A 38 -0.10 3.95 10.57
CA ASP A 38 -0.43 4.73 11.80
C ASP A 38 -0.82 3.90 13.08
N LEU A 39 -1.53 2.75 12.97
CA LEU A 39 -1.73 1.79 14.08
C LEU A 39 -0.39 1.31 14.74
N PHE A 40 0.62 0.92 13.94
CA PHE A 40 2.00 0.64 14.45
C PHE A 40 2.88 1.93 14.68
N ASP A 41 2.91 2.89 13.73
CA ASP A 41 3.58 4.22 13.85
C ASP A 41 2.72 5.25 14.68
N ALA A 42 2.62 5.04 16.01
CA ALA A 42 1.67 5.81 16.88
C ALA A 42 2.29 6.98 17.69
N ASP A 43 3.39 6.76 18.42
CA ASP A 43 4.01 7.77 19.33
C ASP A 43 5.02 8.76 18.66
N GLY A 44 5.71 8.33 17.59
CA GLY A 44 6.77 9.10 16.92
C GLY A 44 7.93 8.17 16.50
N THR A 45 7.75 7.46 15.38
CA THR A 45 8.67 6.36 14.96
C THR A 45 9.30 6.65 13.56
N GLY A 46 8.52 6.63 12.46
CA GLY A 46 9.13 6.68 11.08
C GLY A 46 9.11 5.29 10.39
N THR A 47 9.70 4.27 11.05
CA THR A 47 9.69 2.86 10.55
C THR A 47 8.74 1.96 11.39
N ILE A 48 8.12 1.03 10.65
CA ILE A 48 7.34 -0.11 11.20
C ILE A 48 8.19 -1.32 10.70
N ASP A 49 8.63 -2.15 11.65
CA ASP A 49 9.63 -3.21 11.36
C ASP A 49 8.94 -4.59 11.15
N VAL A 50 9.68 -5.56 10.57
CA VAL A 50 9.12 -6.85 10.06
C VAL A 50 8.16 -7.66 11.01
N LYS A 51 8.36 -7.62 12.35
CA LYS A 51 7.37 -8.15 13.35
C LYS A 51 5.97 -7.41 13.32
N GLU A 52 5.96 -6.08 13.56
CA GLU A 52 4.77 -5.19 13.39
C GLU A 52 4.18 -5.18 11.93
N LEU A 53 5.00 -5.10 10.86
CA LEU A 53 4.54 -5.31 9.46
C LEU A 53 3.84 -6.69 9.16
N LYS A 54 4.26 -7.80 9.80
CA LYS A 54 3.50 -9.09 9.75
C LYS A 54 2.08 -9.02 10.40
N VAL A 55 1.98 -8.44 11.63
CA VAL A 55 0.65 -8.09 12.25
C VAL A 55 -0.19 -7.07 11.38
N ALA A 56 0.47 -6.10 10.73
CA ALA A 56 -0.19 -5.23 9.70
C ALA A 56 -0.80 -5.98 8.48
N MET A 57 -0.10 -7.00 7.97
CA MET A 57 -0.62 -7.92 6.92
C MET A 57 -1.75 -8.90 7.39
N ARG A 58 -1.78 -9.34 8.67
CA ARG A 58 -2.96 -10.05 9.25
C ARG A 58 -4.27 -9.17 9.22
N ALA A 59 -4.24 -7.89 9.70
CA ALA A 59 -5.35 -6.93 9.50
C ALA A 59 -5.63 -6.44 8.03
N LEU A 60 -4.62 -6.02 7.25
CA LEU A 60 -4.82 -5.48 5.87
C LEU A 60 -5.01 -6.52 4.71
N GLY A 61 -4.35 -7.69 4.77
CA GLY A 61 -4.54 -8.78 3.76
C GLY A 61 -5.97 -9.36 3.62
N PHE A 62 -6.57 -9.83 4.73
CA PHE A 62 -7.95 -10.38 4.84
C PHE A 62 -8.11 -11.74 4.08
N GLU A 63 -8.25 -11.64 2.77
CA GLU A 63 -8.63 -12.74 1.85
C GLU A 63 -7.97 -12.44 0.46
N PRO A 64 -6.67 -12.70 0.00
CA PRO A 64 -6.26 -12.06 -1.28
C PRO A 64 -6.16 -13.05 -2.49
N LYS A 65 -5.45 -12.69 -3.58
CA LYS A 65 -5.50 -13.49 -4.85
C LYS A 65 -4.77 -14.87 -4.80
N LYS A 66 -3.48 -14.92 -4.47
CA LYS A 66 -2.74 -16.18 -4.18
C LYS A 66 -1.60 -15.84 -3.18
N GLU A 67 -0.47 -15.29 -3.67
CA GLU A 67 0.59 -14.70 -2.81
C GLU A 67 0.20 -13.22 -2.43
N GLU A 68 0.92 -12.23 -2.95
CA GLU A 68 0.77 -10.75 -2.70
C GLU A 68 1.50 -10.35 -1.40
N ILE A 69 1.06 -10.96 -0.30
CA ILE A 69 1.54 -10.60 1.05
C ILE A 69 2.99 -11.17 1.30
N LYS A 70 3.26 -12.42 0.86
CA LYS A 70 4.61 -13.04 0.76
C LYS A 70 5.62 -12.23 -0.13
N LYS A 71 5.16 -11.63 -1.25
CA LYS A 71 5.95 -10.65 -2.06
C LYS A 71 6.33 -9.37 -1.26
N MET A 72 5.40 -8.59 -0.68
CA MET A 72 5.74 -7.36 0.12
C MET A 72 6.77 -7.62 1.29
N ILE A 73 6.60 -8.69 2.14
CA ILE A 73 7.67 -9.09 3.12
C ILE A 73 9.03 -9.51 2.43
N SER A 74 9.02 -10.30 1.33
CA SER A 74 10.25 -10.69 0.58
C SER A 74 11.00 -9.54 -0.17
N GLU A 75 10.27 -8.58 -0.79
CA GLU A 75 10.86 -7.35 -1.37
C GLU A 75 11.54 -6.41 -0.31
N ILE A 76 10.93 -6.08 0.85
CA ILE A 76 11.62 -5.23 1.89
C ILE A 76 12.64 -6.03 2.78
N ASP A 77 12.33 -7.27 3.26
CA ASP A 77 13.34 -8.16 3.91
C ASP A 77 13.87 -9.15 2.82
N LYS A 78 14.89 -8.71 2.06
CA LYS A 78 15.37 -9.42 0.84
C LYS A 78 16.66 -10.26 1.05
N GLU A 79 17.76 -9.62 1.47
CA GLU A 79 19.00 -10.31 1.89
C GLU A 79 18.89 -10.74 3.39
N GLY A 80 18.66 -9.77 4.31
CA GLY A 80 18.29 -10.09 5.72
C GLY A 80 18.18 -8.91 6.71
N THR A 81 17.52 -7.81 6.32
CA THR A 81 17.21 -6.68 7.26
C THR A 81 15.84 -6.03 6.86
N GLY A 82 14.74 -6.36 7.57
CA GLY A 82 13.38 -5.89 7.16
C GLY A 82 12.84 -4.73 8.01
N LYS A 83 12.95 -3.57 7.41
CA LYS A 83 12.32 -2.32 7.87
C LYS A 83 11.45 -1.72 6.73
N MET A 84 10.36 -1.07 7.12
CA MET A 84 9.51 -0.31 6.18
C MET A 84 9.26 1.12 6.72
N ASN A 85 9.58 2.15 5.93
CA ASN A 85 9.15 3.55 6.23
C ASN A 85 7.89 3.85 5.35
N PHE A 86 7.18 4.96 5.62
CA PHE A 86 5.93 5.27 4.87
C PHE A 86 6.16 5.70 3.37
N GLY A 87 7.38 6.13 2.95
CA GLY A 87 7.71 6.29 1.52
C GLY A 87 7.84 4.90 0.82
N ASP A 88 8.50 3.92 1.48
CA ASP A 88 8.51 2.50 1.05
C ASP A 88 7.07 1.86 0.96
N PHE A 89 6.19 2.05 1.96
CA PHE A 89 4.80 1.50 1.95
C PHE A 89 3.86 2.13 0.89
N LEU A 90 3.81 3.48 0.79
CA LEU A 90 3.04 4.20 -0.26
C LEU A 90 3.56 4.01 -1.74
N THR A 91 4.90 3.96 -1.97
CA THR A 91 5.47 3.57 -3.30
C THR A 91 5.15 2.08 -3.68
N VAL A 92 5.41 1.08 -2.81
CA VAL A 92 5.07 -0.35 -3.10
C VAL A 92 3.53 -0.62 -3.29
N MET A 93 2.64 -0.08 -2.42
CA MET A 93 1.15 -0.14 -2.64
C MET A 93 0.65 0.53 -3.98
N THR A 94 1.03 1.79 -4.27
CA THR A 94 0.76 2.45 -5.58
C THR A 94 1.38 1.72 -6.82
N GLN A 95 2.70 1.51 -6.90
CA GLN A 95 3.36 0.72 -7.99
C GLN A 95 2.82 -0.74 -8.23
N LYS A 96 2.45 -1.48 -7.17
CA LYS A 96 1.72 -2.78 -7.30
C LYS A 96 0.25 -2.63 -7.82
N MET A 97 -0.64 -1.88 -7.14
CA MET A 97 -2.10 -1.81 -7.49
C MET A 97 -2.45 -0.85 -8.69
N SER A 98 -2.16 0.46 -8.60
CA SER A 98 -2.44 1.44 -9.68
C SER A 98 -1.37 1.43 -10.81
N MET A 1 9.83 10.77 22.47
CA MET A 1 10.05 10.18 23.82
C MET A 1 11.18 9.10 23.78
N ALA A 2 11.99 8.98 24.86
CA ALA A 2 12.96 7.85 25.01
C ALA A 2 12.28 6.47 25.29
N SER A 3 11.60 6.30 26.45
CA SER A 3 10.74 5.13 26.72
C SER A 3 9.23 5.44 26.38
N ASN A 4 8.36 4.42 26.38
CA ASN A 4 6.88 4.64 26.23
C ASN A 4 6.26 5.12 27.59
N PHE A 5 6.34 6.44 27.82
CA PHE A 5 5.79 7.11 29.06
C PHE A 5 4.23 7.28 29.11
N LYS A 6 3.50 7.13 27.97
CA LYS A 6 2.03 7.39 27.84
C LYS A 6 1.71 8.93 27.86
N LYS A 7 0.50 9.29 27.37
CA LYS A 7 0.08 10.71 27.11
C LYS A 7 0.86 11.36 25.90
N ALA A 8 0.67 10.78 24.69
CA ALA A 8 1.20 11.35 23.42
C ALA A 8 0.10 11.22 22.32
N ASN A 9 -0.05 10.08 21.61
CA ASN A 9 -1.18 9.88 20.65
C ASN A 9 -2.50 9.41 21.35
N MET A 10 -3.14 10.32 22.10
CA MET A 10 -4.44 10.04 22.79
C MET A 10 -5.67 10.19 21.85
N ALA A 11 -5.88 11.37 21.21
CA ALA A 11 -6.93 11.53 20.17
C ALA A 11 -6.45 10.98 18.78
N SER A 12 -6.48 9.64 18.63
CA SER A 12 -5.92 8.94 17.43
C SER A 12 -6.97 8.86 16.28
N SER A 13 -7.12 9.96 15.52
CA SER A 13 -8.22 10.11 14.55
C SER A 13 -7.99 9.39 13.18
N SER A 14 -8.82 8.38 12.88
CA SER A 14 -8.87 7.74 11.53
C SER A 14 -9.71 8.55 10.49
N GLN A 15 -9.23 9.78 10.18
CA GLN A 15 -9.82 10.68 9.16
C GLN A 15 -9.55 10.14 7.71
N ARG A 16 -10.64 9.87 6.96
CA ARG A 16 -10.55 9.15 5.65
C ARG A 16 -10.44 10.12 4.42
N LYS A 17 -11.44 10.96 4.10
CA LYS A 17 -11.31 12.02 3.07
C LYS A 17 -10.84 13.36 3.73
N ARG A 18 -9.55 13.70 3.58
CA ARG A 18 -9.00 15.04 3.97
C ARG A 18 -8.12 15.70 2.86
N MET A 19 -7.19 14.96 2.20
CA MET A 19 -6.49 15.48 0.99
C MET A 19 -7.38 15.21 -0.27
N SER A 20 -7.95 16.27 -0.85
CA SER A 20 -8.80 16.19 -2.07
C SER A 20 -7.95 15.85 -3.35
N PRO A 21 -8.10 14.70 -4.06
CA PRO A 21 -7.16 14.30 -5.13
C PRO A 21 -7.29 15.09 -6.47
N LYS A 22 -6.12 15.44 -7.04
CA LYS A 22 -6.01 16.01 -8.42
C LYS A 22 -5.77 14.81 -9.43
N PRO A 23 -4.91 14.77 -10.52
CA PRO A 23 -4.62 13.51 -11.25
C PRO A 23 -3.55 12.64 -10.50
N GLU A 24 -4.08 11.82 -9.61
CA GLU A 24 -3.31 11.03 -8.61
C GLU A 24 -4.16 9.84 -8.01
N LEU A 25 -3.64 9.15 -6.99
CA LEU A 25 -4.39 8.15 -6.18
C LEU A 25 -5.63 8.75 -5.41
N THR A 26 -6.75 8.01 -5.29
CA THR A 26 -8.04 8.62 -4.78
C THR A 26 -8.36 8.07 -3.33
N GLU A 27 -9.62 8.15 -2.88
CA GLU A 27 -10.05 7.89 -1.47
C GLU A 27 -9.66 6.51 -0.90
N GLU A 28 -10.03 5.41 -1.57
CA GLU A 28 -9.54 4.02 -1.27
C GLU A 28 -8.00 3.90 -1.04
N GLN A 29 -7.16 4.35 -2.00
CA GLN A 29 -5.68 4.30 -1.86
C GLN A 29 -5.11 5.23 -0.74
N LYS A 30 -5.40 6.57 -0.81
CA LYS A 30 -5.07 7.57 0.25
C LYS A 30 -5.34 7.12 1.73
N GLN A 31 -6.62 6.80 2.00
CA GLN A 31 -7.10 6.15 3.24
C GLN A 31 -6.36 4.85 3.64
N GLU A 32 -6.33 3.78 2.83
CA GLU A 32 -5.80 2.45 3.31
C GLU A 32 -4.27 2.46 3.66
N ILE A 33 -3.38 3.12 2.88
CA ILE A 33 -1.94 3.28 3.29
C ILE A 33 -1.75 4.27 4.48
N ARG A 34 -2.36 5.50 4.52
CA ARG A 34 -2.27 6.37 5.74
C ARG A 34 -2.94 5.73 7.01
N GLU A 35 -4.19 5.23 6.95
CA GLU A 35 -4.84 4.58 8.11
C GLU A 35 -4.08 3.33 8.66
N ALA A 36 -3.52 2.42 7.82
CA ALA A 36 -2.61 1.35 8.32
C ALA A 36 -1.24 1.85 8.90
N PHE A 37 -0.40 2.60 8.14
CA PHE A 37 0.93 3.06 8.67
C PHE A 37 0.82 3.99 9.93
N ASP A 38 -0.11 4.96 9.97
CA ASP A 38 -0.42 5.74 11.20
C ASP A 38 -1.03 4.88 12.39
N LEU A 39 -1.86 3.82 12.17
CA LEU A 39 -2.26 2.86 13.22
C LEU A 39 -1.05 2.19 13.97
N PHE A 40 -0.03 1.72 13.23
CA PHE A 40 1.22 1.16 13.82
C PHE A 40 2.22 2.28 14.29
N ASP A 41 2.51 3.31 13.47
CA ASP A 41 3.34 4.48 13.85
C ASP A 41 2.47 5.60 14.51
N ALA A 42 2.17 5.45 15.81
CA ALA A 42 1.22 6.35 16.53
C ALA A 42 1.89 7.59 17.20
N ASP A 43 2.88 7.40 18.09
CA ASP A 43 3.52 8.51 18.87
C ASP A 43 4.60 9.37 18.10
N GLY A 44 5.07 8.94 16.92
CA GLY A 44 6.01 9.70 16.07
C GLY A 44 7.38 9.00 15.94
N THR A 45 7.46 8.02 15.04
CA THR A 45 8.64 7.10 14.92
C THR A 45 9.38 7.30 13.57
N GLY A 46 8.78 6.91 12.41
CA GLY A 46 9.50 6.85 11.10
C GLY A 46 9.32 5.51 10.39
N THR A 47 9.89 4.43 10.99
CA THR A 47 9.76 3.06 10.41
C THR A 47 8.80 2.17 11.26
N ILE A 48 8.06 1.36 10.53
CA ILE A 48 7.21 0.25 11.05
C ILE A 48 8.01 -1.08 10.78
N ASP A 49 7.89 -2.12 11.64
CA ASP A 49 8.70 -3.36 11.49
C ASP A 49 7.87 -4.52 10.81
N VAL A 50 8.49 -5.66 10.48
CA VAL A 50 7.76 -6.86 9.91
C VAL A 50 6.62 -7.44 10.78
N LYS A 51 6.70 -7.46 12.12
CA LYS A 51 5.54 -7.79 13.01
C LYS A 51 4.24 -6.93 12.73
N GLU A 52 4.39 -5.60 12.91
CA GLU A 52 3.38 -4.57 12.52
C GLU A 52 3.01 -4.57 10.99
N LEU A 53 3.99 -4.57 10.05
CA LEU A 53 3.75 -4.66 8.60
C LEU A 53 3.02 -5.96 8.10
N LYS A 54 3.26 -7.14 8.69
CA LYS A 54 2.46 -8.38 8.43
C LYS A 54 0.96 -8.19 8.86
N VAL A 55 0.70 -7.65 10.06
CA VAL A 55 -0.70 -7.23 10.46
C VAL A 55 -1.30 -6.13 9.49
N ALA A 56 -0.47 -5.17 9.04
CA ALA A 56 -0.86 -4.18 7.99
C ALA A 56 -1.23 -4.78 6.60
N MET A 57 -0.42 -5.74 6.11
CA MET A 57 -0.72 -6.53 4.89
C MET A 57 -1.97 -7.48 5.01
N ARG A 58 -2.28 -8.06 6.19
CA ARG A 58 -3.57 -8.77 6.43
C ARG A 58 -4.83 -7.84 6.31
N ALA A 59 -4.89 -6.67 7.01
CA ALA A 59 -5.98 -5.68 6.80
C ALA A 59 -6.02 -4.95 5.41
N LEU A 60 -4.89 -4.42 4.89
CA LEU A 60 -4.82 -3.68 3.60
C LEU A 60 -4.77 -4.58 2.32
N GLY A 61 -3.97 -5.66 2.32
CA GLY A 61 -3.91 -6.62 1.18
C GLY A 61 -5.24 -7.21 0.69
N PHE A 62 -6.02 -7.82 1.60
CA PHE A 62 -7.35 -8.48 1.29
C PHE A 62 -7.04 -9.69 0.32
N GLU A 63 -7.27 -9.58 -0.97
CA GLU A 63 -6.82 -10.54 -2.00
C GLU A 63 -6.60 -9.67 -3.32
N PRO A 64 -5.52 -8.92 -3.82
CA PRO A 64 -5.68 -8.16 -5.10
C PRO A 64 -5.70 -9.08 -6.37
N LYS A 65 -4.77 -10.04 -6.50
CA LYS A 65 -4.83 -11.12 -7.52
C LYS A 65 -4.47 -12.45 -6.79
N LYS A 66 -3.17 -12.80 -6.63
CA LYS A 66 -2.72 -13.99 -5.84
C LYS A 66 -1.29 -13.76 -5.23
N GLU A 67 -0.23 -13.85 -6.05
CA GLU A 67 1.19 -13.88 -5.58
C GLU A 67 1.89 -12.47 -5.43
N GLU A 68 1.33 -11.60 -4.56
CA GLU A 68 1.77 -10.18 -4.40
C GLU A 68 2.23 -9.84 -2.94
N ILE A 69 1.34 -10.07 -1.95
CA ILE A 69 1.56 -9.60 -0.55
C ILE A 69 2.74 -10.38 0.17
N LYS A 70 2.82 -11.71 -0.07
CA LYS A 70 4.00 -12.55 0.33
C LYS A 70 5.36 -12.05 -0.29
N LYS A 71 5.34 -11.51 -1.54
CA LYS A 71 6.51 -10.80 -2.15
C LYS A 71 6.91 -9.55 -1.31
N MET A 72 6.02 -8.57 -1.03
CA MET A 72 6.37 -7.35 -0.22
C MET A 72 7.01 -7.64 1.18
N ILE A 73 6.45 -8.57 2.00
CA ILE A 73 7.10 -8.98 3.29
C ILE A 73 8.49 -9.69 3.10
N SER A 74 8.65 -10.65 2.16
CA SER A 74 9.99 -11.22 1.81
C SER A 74 11.02 -10.24 1.12
N GLU A 75 10.53 -9.32 0.28
CA GLU A 75 11.32 -8.31 -0.47
C GLU A 75 12.03 -7.24 0.43
N ILE A 76 11.36 -6.61 1.42
CA ILE A 76 12.03 -5.71 2.41
C ILE A 76 12.77 -6.45 3.60
N ASP A 77 12.45 -7.72 3.92
CA ASP A 77 13.14 -8.51 5.01
C ASP A 77 14.47 -9.18 4.49
N LYS A 78 15.63 -8.47 4.54
CA LYS A 78 16.88 -8.94 3.87
C LYS A 78 18.22 -8.65 4.62
N GLU A 79 18.69 -7.40 4.67
CA GLU A 79 20.05 -7.00 5.16
C GLU A 79 20.04 -6.78 6.70
N GLY A 80 19.22 -5.87 7.20
CA GLY A 80 18.96 -5.73 8.66
C GLY A 80 17.53 -6.19 9.04
N THR A 81 17.13 -7.35 8.51
CA THR A 81 15.75 -7.90 8.53
C THR A 81 14.75 -6.86 7.92
N GLY A 82 13.51 -6.83 8.37
CA GLY A 82 12.43 -6.07 7.73
C GLY A 82 11.96 -4.86 8.53
N LYS A 83 12.41 -3.73 8.01
CA LYS A 83 11.95 -2.37 8.42
C LYS A 83 11.49 -1.58 7.18
N MET A 84 10.31 -0.95 7.28
CA MET A 84 9.69 -0.17 6.19
C MET A 84 9.38 1.28 6.67
N ASN A 85 9.76 2.29 5.86
CA ASN A 85 9.32 3.71 6.10
C ASN A 85 8.11 4.02 5.14
N PHE A 86 7.47 5.19 5.32
CA PHE A 86 6.24 5.54 4.55
C PHE A 86 6.49 5.78 3.03
N GLY A 87 7.65 6.34 2.61
CA GLY A 87 8.03 6.38 1.17
C GLY A 87 8.09 4.98 0.46
N ASP A 88 8.68 3.95 1.11
CA ASP A 88 8.60 2.54 0.65
C ASP A 88 7.11 2.03 0.58
N PHE A 89 6.34 2.13 1.69
CA PHE A 89 4.92 1.67 1.77
C PHE A 89 3.94 2.36 0.78
N LEU A 90 3.97 3.70 0.66
CA LEU A 90 3.22 4.47 -0.36
C LEU A 90 3.57 4.08 -1.83
N THR A 91 4.85 4.14 -2.26
CA THR A 91 5.27 3.77 -3.64
C THR A 91 5.00 2.26 -3.98
N VAL A 92 5.52 1.30 -3.18
CA VAL A 92 5.36 -0.15 -3.46
C VAL A 92 3.88 -0.67 -3.39
N MET A 93 3.11 -0.41 -2.30
CA MET A 93 1.69 -0.81 -2.23
C MET A 93 0.75 -0.11 -3.27
N THR A 94 0.77 1.24 -3.40
CA THR A 94 -0.12 1.95 -4.37
C THR A 94 0.25 1.65 -5.87
N GLN A 95 1.51 1.83 -6.34
CA GLN A 95 1.88 1.47 -7.74
C GLN A 95 1.79 -0.06 -8.10
N LYS A 96 2.03 -1.03 -7.18
CA LYS A 96 1.72 -2.46 -7.46
C LYS A 96 0.20 -2.81 -7.57
N MET A 97 -0.71 -2.22 -6.76
CA MET A 97 -2.18 -2.36 -6.99
C MET A 97 -2.74 -1.52 -8.20
N SER A 98 -2.62 -0.18 -8.22
CA SER A 98 -2.91 0.67 -9.40
C SER A 98 -1.74 0.72 -10.43
N MET A 1 -0.84 27.69 -15.74
CA MET A 1 -2.06 28.02 -16.53
C MET A 1 -2.26 29.56 -16.58
N ALA A 2 -2.53 30.13 -17.78
CA ALA A 2 -2.70 31.60 -17.96
C ALA A 2 -4.15 32.06 -17.61
N SER A 3 -4.32 32.65 -16.40
CA SER A 3 -5.66 32.97 -15.86
C SER A 3 -6.24 34.32 -16.38
N ASN A 4 -6.93 34.28 -17.53
CA ASN A 4 -7.36 35.50 -18.28
C ASN A 4 -8.79 36.04 -17.92
N PHE A 5 -9.84 35.18 -17.86
CA PHE A 5 -11.26 35.64 -17.75
C PHE A 5 -11.61 36.02 -16.27
N LYS A 6 -11.36 37.30 -15.90
CA LYS A 6 -11.41 37.80 -14.49
C LYS A 6 -10.26 37.18 -13.63
N LYS A 7 -10.39 35.91 -13.20
CA LYS A 7 -9.26 35.16 -12.58
C LYS A 7 -9.46 33.62 -12.82
N ALA A 8 -9.45 33.16 -14.09
CA ALA A 8 -9.80 31.76 -14.44
C ALA A 8 -8.60 30.78 -14.35
N ASN A 9 -8.34 30.24 -13.14
CA ASN A 9 -7.15 29.38 -12.87
C ASN A 9 -7.09 28.00 -13.64
N MET A 10 -8.21 27.28 -13.78
CA MET A 10 -8.26 25.98 -14.52
C MET A 10 -8.48 26.19 -16.05
N ALA A 11 -7.75 25.41 -16.89
CA ALA A 11 -7.92 25.44 -18.36
C ALA A 11 -9.12 24.57 -18.85
N SER A 12 -10.25 25.24 -19.18
CA SER A 12 -11.51 24.55 -19.58
C SER A 12 -11.45 23.86 -20.98
N SER A 13 -12.23 22.77 -21.15
CA SER A 13 -12.12 21.88 -22.34
C SER A 13 -12.84 22.37 -23.65
N SER A 14 -12.40 23.54 -24.16
CA SER A 14 -12.79 24.07 -25.49
C SER A 14 -11.74 23.60 -26.56
N GLN A 15 -10.50 24.12 -26.49
CA GLN A 15 -9.34 23.60 -27.29
C GLN A 15 -8.77 22.25 -26.72
N ARG A 16 -8.46 22.16 -25.41
CA ARG A 16 -8.11 20.87 -24.73
C ARG A 16 -9.38 20.00 -24.42
N LYS A 17 -10.04 19.49 -25.48
CA LYS A 17 -11.38 18.84 -25.36
C LYS A 17 -11.37 17.36 -24.86
N ARG A 18 -10.44 16.51 -25.30
CA ARG A 18 -10.25 15.15 -24.69
C ARG A 18 -9.29 15.26 -23.46
N MET A 19 -9.86 15.34 -22.25
CA MET A 19 -9.10 15.66 -21.01
C MET A 19 -9.70 14.84 -19.83
N SER A 20 -8.98 13.80 -19.35
CA SER A 20 -9.45 12.94 -18.23
C SER A 20 -8.30 12.71 -17.20
N PRO A 21 -8.08 13.56 -16.14
CA PRO A 21 -7.05 13.31 -15.09
C PRO A 21 -7.38 12.09 -14.16
N LYS A 22 -6.40 11.22 -13.92
CA LYS A 22 -6.61 9.92 -13.22
C LYS A 22 -5.53 9.72 -12.09
N PRO A 23 -5.71 10.21 -10.82
CA PRO A 23 -4.71 9.99 -9.73
C PRO A 23 -4.53 8.52 -9.23
N GLU A 24 -3.35 8.23 -8.65
CA GLU A 24 -3.09 6.95 -7.92
C GLU A 24 -3.96 6.74 -6.63
N LEU A 25 -4.00 7.75 -5.75
CA LEU A 25 -4.60 7.60 -4.40
C LEU A 25 -6.00 8.27 -4.38
N THR A 26 -7.01 7.47 -4.72
CA THR A 26 -8.40 7.98 -4.97
C THR A 26 -9.20 8.04 -3.64
N GLU A 27 -9.90 6.96 -3.32
CA GLU A 27 -10.74 6.85 -2.09
C GLU A 27 -10.37 5.50 -1.39
N GLU A 28 -10.53 4.37 -2.09
CA GLU A 28 -10.02 3.03 -1.65
C GLU A 28 -8.47 2.98 -1.42
N GLN A 29 -7.61 3.34 -2.40
CA GLN A 29 -6.12 3.25 -2.18
C GLN A 29 -5.57 4.30 -1.15
N LYS A 30 -6.10 5.53 -1.15
CA LYS A 30 -5.86 6.56 -0.09
C LYS A 30 -6.21 6.06 1.36
N GLN A 31 -7.45 5.52 1.54
CA GLN A 31 -7.86 4.81 2.77
C GLN A 31 -6.92 3.61 3.16
N GLU A 32 -6.60 2.66 2.26
CA GLU A 32 -5.65 1.53 2.55
C GLU A 32 -4.27 1.94 3.16
N ILE A 33 -3.54 2.88 2.53
CA ILE A 33 -2.21 3.32 3.04
C ILE A 33 -2.31 4.11 4.40
N ARG A 34 -3.22 5.12 4.60
CA ARG A 34 -3.36 5.70 5.96
C ARG A 34 -3.98 4.69 6.98
N GLU A 35 -5.04 3.91 6.69
CA GLU A 35 -5.56 2.83 7.57
C GLU A 35 -4.46 1.91 8.15
N ALA A 36 -3.61 1.25 7.33
CA ALA A 36 -2.56 0.36 7.91
C ALA A 36 -1.36 1.09 8.59
N PHE A 37 -0.74 2.11 7.94
CA PHE A 37 0.43 2.80 8.54
C PHE A 37 0.08 3.63 9.82
N ASP A 38 -0.99 4.43 9.82
CA ASP A 38 -1.51 5.08 11.07
C ASP A 38 -2.01 4.02 12.15
N LEU A 39 -2.63 2.86 11.79
CA LEU A 39 -2.92 1.74 12.76
C LEU A 39 -1.69 1.36 13.66
N PHE A 40 -0.58 0.97 13.00
CA PHE A 40 0.67 0.54 13.67
C PHE A 40 1.59 1.72 14.17
N ASP A 41 1.72 2.81 13.41
CA ASP A 41 2.37 4.07 13.86
C ASP A 41 1.33 5.24 13.97
N ALA A 42 0.62 5.34 15.11
CA ALA A 42 -0.45 6.35 15.31
C ALA A 42 0.03 7.78 15.75
N ASP A 43 1.09 7.89 16.56
CA ASP A 43 1.76 9.19 16.89
C ASP A 43 2.48 9.89 15.68
N GLY A 44 3.19 9.13 14.82
CA GLY A 44 4.01 9.69 13.71
C GLY A 44 5.52 9.61 13.97
N THR A 45 6.05 8.39 14.07
CA THR A 45 7.45 8.14 14.53
C THR A 45 8.41 7.81 13.36
N GLY A 46 8.14 6.79 12.52
CA GLY A 46 9.04 6.42 11.40
C GLY A 46 8.69 5.12 10.68
N THR A 47 8.88 3.96 11.35
CA THR A 47 8.78 2.62 10.69
C THR A 47 7.70 1.68 11.30
N ILE A 48 7.07 0.94 10.38
CA ILE A 48 6.16 -0.19 10.68
C ILE A 48 6.98 -1.41 10.13
N ASP A 49 7.26 -2.38 11.01
CA ASP A 49 8.21 -3.50 10.71
C ASP A 49 7.41 -4.79 10.29
N VAL A 50 8.12 -5.83 9.78
CA VAL A 50 7.47 -7.03 9.14
C VAL A 50 6.43 -7.83 9.98
N LYS A 51 6.56 -7.98 11.31
CA LYS A 51 5.46 -8.53 12.17
C LYS A 51 4.11 -7.73 12.07
N GLU A 52 4.15 -6.43 12.40
CA GLU A 52 3.05 -5.44 12.18
C GLU A 52 2.52 -5.38 10.71
N LEU A 53 3.38 -5.27 9.68
CA LEU A 53 2.93 -5.34 8.25
C LEU A 53 2.23 -6.69 7.80
N LYS A 54 2.66 -7.87 8.31
CA LYS A 54 1.93 -9.15 8.12
C LYS A 54 0.47 -9.18 8.69
N VAL A 55 0.27 -8.85 10.00
CA VAL A 55 -1.10 -8.64 10.56
C VAL A 55 -1.91 -7.45 9.92
N ALA A 56 -1.23 -6.39 9.45
CA ALA A 56 -1.85 -5.31 8.63
C ALA A 56 -2.51 -5.80 7.29
N MET A 57 -1.80 -6.61 6.49
CA MET A 57 -2.39 -7.30 5.31
C MET A 57 -3.47 -8.38 5.65
N ARG A 58 -3.44 -9.07 6.82
CA ARG A 58 -4.59 -9.94 7.25
C ARG A 58 -5.92 -9.11 7.46
N ALA A 59 -5.92 -7.97 8.20
CA ALA A 59 -7.09 -7.04 8.26
C ALA A 59 -7.44 -6.27 6.94
N LEU A 60 -6.47 -5.65 6.23
CA LEU A 60 -6.71 -4.84 5.01
C LEU A 60 -6.91 -5.63 3.69
N GLY A 61 -6.20 -6.75 3.46
CA GLY A 61 -6.12 -7.49 2.17
C GLY A 61 -7.39 -7.66 1.30
N PHE A 62 -8.53 -8.04 1.91
CA PHE A 62 -9.86 -8.11 1.23
C PHE A 62 -9.95 -9.38 0.34
N GLU A 63 -11.01 -10.20 0.49
CA GLU A 63 -11.11 -11.47 -0.33
C GLU A 63 -11.06 -11.29 -1.91
N PRO A 64 -11.46 -10.23 -2.72
CA PRO A 64 -11.12 -10.16 -4.19
C PRO A 64 -9.57 -10.10 -4.54
N LYS A 65 -8.82 -11.20 -4.35
CA LYS A 65 -7.34 -11.21 -4.43
C LYS A 65 -6.71 -12.58 -4.86
N LYS A 66 -5.47 -12.54 -5.37
CA LYS A 66 -4.64 -13.76 -5.62
C LYS A 66 -3.40 -13.79 -4.67
N GLU A 67 -2.34 -13.00 -4.94
CA GLU A 67 -1.11 -12.98 -4.09
C GLU A 67 -0.42 -11.58 -4.15
N GLU A 68 -0.29 -10.94 -2.98
CA GLU A 68 0.49 -9.68 -2.78
C GLU A 68 1.43 -9.74 -1.52
N ILE A 69 0.98 -10.25 -0.35
CA ILE A 69 1.80 -10.22 0.91
C ILE A 69 3.07 -11.15 0.90
N LYS A 70 3.11 -12.27 0.16
CA LYS A 70 4.37 -13.05 -0.06
C LYS A 70 5.43 -12.22 -0.87
N LYS A 71 5.02 -11.51 -1.94
CA LYS A 71 5.87 -10.51 -2.65
C LYS A 71 6.37 -9.36 -1.71
N MET A 72 5.48 -8.73 -0.91
CA MET A 72 5.88 -7.63 0.02
C MET A 72 6.95 -8.03 1.09
N ILE A 73 6.73 -9.12 1.88
CA ILE A 73 7.73 -9.61 2.88
C ILE A 73 9.06 -10.13 2.21
N SER A 74 8.97 -10.93 1.12
CA SER A 74 10.16 -11.37 0.31
C SER A 74 10.99 -10.25 -0.40
N GLU A 75 10.37 -9.15 -0.85
CA GLU A 75 11.05 -7.99 -1.50
C GLU A 75 11.71 -7.03 -0.48
N ILE A 76 11.03 -6.80 0.66
CA ILE A 76 11.48 -5.94 1.77
C ILE A 76 12.52 -6.55 2.80
N ASP A 77 12.65 -7.88 2.91
CA ASP A 77 13.47 -8.57 3.95
C ASP A 77 14.77 -9.16 3.30
N LYS A 78 15.88 -8.40 3.35
CA LYS A 78 17.13 -8.75 2.58
C LYS A 78 18.47 -8.46 3.33
N GLU A 79 18.68 -7.23 3.85
CA GLU A 79 20.01 -6.79 4.38
C GLU A 79 20.12 -7.06 5.91
N GLY A 80 19.16 -6.52 6.70
CA GLY A 80 19.00 -6.85 8.13
C GLY A 80 17.54 -7.09 8.60
N THR A 81 16.71 -7.72 7.75
CA THR A 81 15.24 -7.94 7.95
C THR A 81 14.43 -6.62 7.70
N GLY A 82 13.19 -6.79 7.25
CA GLY A 82 12.33 -5.68 6.74
C GLY A 82 11.74 -4.69 7.77
N LYS A 83 12.11 -3.46 7.51
CA LYS A 83 11.53 -2.25 8.18
C LYS A 83 11.03 -1.28 7.06
N MET A 84 9.74 -0.91 7.18
CA MET A 84 9.04 -0.07 6.19
C MET A 84 8.77 1.34 6.75
N ASN A 85 9.19 2.40 6.04
CA ASN A 85 8.77 3.79 6.38
C ASN A 85 7.59 4.20 5.43
N PHE A 86 6.94 5.36 5.69
CA PHE A 86 5.76 5.76 4.86
C PHE A 86 6.11 6.11 3.38
N GLY A 87 7.29 6.70 3.08
CA GLY A 87 7.78 6.84 1.68
C GLY A 87 7.97 5.47 0.95
N ASP A 88 8.54 4.44 1.63
CA ASP A 88 8.58 3.03 1.13
C ASP A 88 7.14 2.46 0.89
N PHE A 89 6.24 2.52 1.90
CA PHE A 89 4.83 2.06 1.79
C PHE A 89 4.01 2.71 0.63
N LEU A 90 4.02 4.05 0.52
CA LEU A 90 3.33 4.79 -0.55
C LEU A 90 3.85 4.46 -2.00
N THR A 91 5.19 4.50 -2.24
CA THR A 91 5.78 4.07 -3.55
C THR A 91 5.53 2.55 -3.89
N VAL A 92 5.89 1.61 -3.00
CA VAL A 92 5.72 0.14 -3.26
C VAL A 92 4.23 -0.33 -3.33
N MET A 93 3.33 0.06 -2.39
CA MET A 93 1.88 -0.29 -2.47
C MET A 93 1.11 0.34 -3.67
N THR A 94 1.31 1.64 -4.05
CA THR A 94 0.74 2.19 -5.32
C THR A 94 1.26 1.40 -6.59
N GLN A 95 2.59 1.27 -6.81
CA GLN A 95 3.15 0.42 -7.90
C GLN A 95 2.74 -1.10 -7.91
N LYS A 96 2.58 -1.76 -6.74
CA LYS A 96 2.05 -3.15 -6.66
C LYS A 96 0.51 -3.29 -6.97
N MET A 97 -0.38 -2.51 -6.31
CA MET A 97 -1.85 -2.60 -6.54
C MET A 97 -2.40 -1.87 -7.81
N SER A 98 -2.25 -0.54 -7.94
CA SER A 98 -2.67 0.21 -9.16
C SER A 98 -1.65 0.13 -10.33
N MET A 1 -5.06 -2.04 -44.67
CA MET A 1 -3.56 -2.01 -44.59
C MET A 1 -3.07 -2.82 -43.34
N ALA A 2 -1.99 -3.61 -43.50
CA ALA A 2 -1.40 -4.39 -42.37
C ALA A 2 -0.43 -3.52 -41.51
N SER A 3 -0.90 -3.04 -40.33
CA SER A 3 -0.06 -2.27 -39.38
C SER A 3 -0.69 -2.30 -37.95
N ASN A 4 -1.80 -1.59 -37.68
CA ASN A 4 -2.44 -1.56 -36.34
C ASN A 4 -3.44 -2.75 -36.11
N PHE A 5 -2.91 -3.98 -35.93
CA PHE A 5 -3.73 -5.15 -35.51
C PHE A 5 -3.79 -5.22 -33.94
N LYS A 6 -4.62 -4.37 -33.33
CA LYS A 6 -4.64 -4.15 -31.86
C LYS A 6 -6.10 -4.31 -31.33
N LYS A 7 -6.50 -5.54 -30.98
CA LYS A 7 -7.90 -5.87 -30.58
C LYS A 7 -8.05 -5.83 -29.02
N ALA A 8 -8.29 -4.62 -28.47
CA ALA A 8 -8.45 -4.41 -27.02
C ALA A 8 -9.91 -4.71 -26.51
N ASN A 9 -10.02 -5.41 -25.36
CA ASN A 9 -11.32 -5.74 -24.68
C ASN A 9 -12.24 -6.69 -25.54
N MET A 10 -11.93 -8.00 -25.55
CA MET A 10 -12.72 -9.01 -26.32
C MET A 10 -13.95 -9.51 -25.50
N ALA A 11 -15.08 -8.80 -25.62
CA ALA A 11 -16.27 -9.03 -24.75
C ALA A 11 -17.22 -10.19 -25.21
N SER A 12 -16.80 -11.44 -24.96
CA SER A 12 -17.64 -12.65 -25.23
C SER A 12 -18.72 -12.99 -24.13
N SER A 13 -18.46 -12.74 -22.83
CA SER A 13 -19.43 -12.98 -21.74
C SER A 13 -20.35 -11.74 -21.50
N SER A 14 -21.66 -11.84 -21.79
CA SER A 14 -22.62 -10.73 -21.57
C SER A 14 -22.99 -10.55 -20.06
N GLN A 15 -22.25 -9.67 -19.36
CA GLN A 15 -22.34 -9.51 -17.89
C GLN A 15 -22.11 -8.02 -17.50
N ARG A 16 -23.16 -7.32 -17.01
CA ARG A 16 -22.99 -5.97 -16.39
C ARG A 16 -22.55 -6.11 -14.89
N LYS A 17 -21.29 -6.56 -14.69
CA LYS A 17 -20.75 -6.97 -13.36
C LYS A 17 -19.20 -6.89 -13.44
N ARG A 18 -18.61 -5.71 -13.15
CA ARG A 18 -17.16 -5.45 -13.41
C ARG A 18 -16.59 -4.39 -12.42
N MET A 19 -15.44 -4.69 -11.79
CA MET A 19 -14.67 -3.69 -10.99
C MET A 19 -13.37 -3.33 -11.78
N SER A 20 -13.39 -2.20 -12.50
CA SER A 20 -12.23 -1.72 -13.31
C SER A 20 -11.37 -0.67 -12.52
N PRO A 21 -10.15 -0.94 -11.99
CA PRO A 21 -9.38 0.05 -11.18
C PRO A 21 -8.70 1.20 -12.01
N LYS A 22 -8.57 2.37 -11.37
CA LYS A 22 -7.78 3.52 -11.91
C LYS A 22 -6.41 3.72 -11.13
N PRO A 23 -5.37 4.47 -11.63
CA PRO A 23 -4.18 4.83 -10.81
C PRO A 23 -4.44 5.51 -9.42
N GLU A 24 -3.67 5.08 -8.41
CA GLU A 24 -3.87 5.41 -6.97
C GLU A 24 -5.08 4.64 -6.35
N LEU A 25 -4.83 3.96 -5.21
CA LEU A 25 -5.88 3.34 -4.34
C LEU A 25 -6.91 4.41 -3.84
N THR A 26 -8.21 4.06 -3.80
CA THR A 26 -9.30 5.08 -3.56
C THR A 26 -9.48 5.37 -2.03
N GLU A 27 -10.59 6.00 -1.62
CA GLU A 27 -10.75 6.51 -0.24
C GLU A 27 -10.68 5.43 0.89
N GLU A 28 -11.37 4.27 0.75
CA GLU A 28 -11.19 3.10 1.65
C GLU A 28 -9.72 2.54 1.67
N GLN A 29 -9.11 2.20 0.51
CA GLN A 29 -7.72 1.65 0.45
C GLN A 29 -6.58 2.64 0.89
N LYS A 30 -6.66 3.92 0.48
CA LYS A 30 -5.79 5.02 0.98
C LYS A 30 -5.88 5.25 2.53
N GLN A 31 -7.12 5.31 3.08
CA GLN A 31 -7.35 5.29 4.56
C GLN A 31 -6.83 3.99 5.27
N GLU A 32 -7.01 2.77 4.71
CA GLU A 32 -6.38 1.52 5.23
C GLU A 32 -4.82 1.56 5.37
N ILE A 33 -4.06 2.02 4.35
CA ILE A 33 -2.57 2.17 4.46
C ILE A 33 -2.16 3.28 5.50
N ARG A 34 -2.73 4.51 5.53
CA ARG A 34 -2.40 5.47 6.63
C ARG A 34 -2.81 4.97 8.05
N GLU A 35 -4.05 4.49 8.27
CA GLU A 35 -4.47 3.88 9.57
C GLU A 35 -3.61 2.63 10.02
N ALA A 36 -3.24 1.69 9.12
CA ALA A 36 -2.28 0.59 9.46
C ALA A 36 -0.85 1.06 9.89
N PHE A 37 -0.15 1.86 9.05
CA PHE A 37 1.17 2.44 9.42
C PHE A 37 1.12 3.38 10.68
N ASP A 38 0.12 4.25 10.83
CA ASP A 38 -0.13 5.02 12.09
C ASP A 38 -0.45 4.13 13.37
N LEU A 39 -1.19 3.00 13.25
CA LEU A 39 -1.34 2.00 14.36
C LEU A 39 0.02 1.48 14.92
N PHE A 40 0.95 1.07 14.03
CA PHE A 40 2.32 0.64 14.44
C PHE A 40 3.28 1.85 14.74
N ASP A 41 3.29 2.91 13.92
CA ASP A 41 4.00 4.20 14.22
C ASP A 41 3.10 5.13 15.11
N ALA A 42 2.97 4.80 16.41
CA ALA A 42 1.97 5.47 17.31
C ALA A 42 2.28 6.94 17.73
N ASP A 43 3.51 7.23 18.18
CA ASP A 43 3.92 8.59 18.62
C ASP A 43 4.44 9.57 17.49
N GLY A 44 4.69 9.09 16.27
CA GLY A 44 5.37 9.87 15.20
C GLY A 44 6.88 9.60 15.17
N THR A 45 7.29 8.51 14.50
CA THR A 45 8.68 7.98 14.56
C THR A 45 9.34 7.97 13.14
N GLY A 46 8.87 7.11 12.22
CA GLY A 46 9.55 6.90 10.91
C GLY A 46 9.30 5.50 10.32
N THR A 47 9.93 4.47 10.89
CA THR A 47 9.90 3.10 10.32
C THR A 47 9.00 2.13 11.13
N ILE A 48 8.25 1.31 10.38
CA ILE A 48 7.49 0.15 10.91
C ILE A 48 8.33 -1.07 10.44
N ASP A 49 8.79 -1.87 11.41
CA ASP A 49 9.79 -2.94 11.15
C ASP A 49 9.10 -4.34 11.04
N VAL A 50 9.85 -5.28 10.44
CA VAL A 50 9.36 -6.63 10.01
C VAL A 50 8.38 -7.41 10.96
N LYS A 51 8.59 -7.42 12.29
CA LYS A 51 7.60 -7.95 13.29
C LYS A 51 6.18 -7.27 13.20
N GLU A 52 6.15 -5.92 13.37
CA GLU A 52 4.97 -5.05 13.12
C GLU A 52 4.41 -5.14 11.65
N LEU A 53 5.26 -5.08 10.60
CA LEU A 53 4.83 -5.33 9.19
C LEU A 53 4.17 -6.74 8.90
N LYS A 54 4.64 -7.81 9.53
CA LYS A 54 3.99 -9.16 9.51
C LYS A 54 2.56 -9.21 10.12
N VAL A 55 2.33 -8.72 11.37
CA VAL A 55 0.94 -8.53 11.91
C VAL A 55 0.09 -7.48 11.09
N ALA A 56 0.72 -6.43 10.55
CA ALA A 56 0.09 -5.49 9.59
C ALA A 56 -0.40 -6.19 8.27
N MET A 57 0.44 -7.07 7.67
CA MET A 57 0.06 -7.97 6.56
C MET A 57 -1.04 -9.02 6.90
N ARG A 58 -1.16 -9.51 8.16
CA ARG A 58 -2.33 -10.33 8.59
C ARG A 58 -3.67 -9.51 8.46
N ALA A 59 -3.82 -8.34 9.13
CA ALA A 59 -5.01 -7.46 8.94
C ALA A 59 -5.22 -6.82 7.51
N LEU A 60 -4.20 -6.15 6.92
CA LEU A 60 -4.29 -5.52 5.57
C LEU A 60 -4.32 -6.51 4.35
N GLY A 61 -3.60 -7.65 4.41
CA GLY A 61 -3.75 -8.74 3.41
C GLY A 61 -5.16 -9.36 3.24
N PHE A 62 -5.87 -9.66 4.36
CA PHE A 62 -7.30 -10.05 4.39
C PHE A 62 -7.45 -11.54 3.96
N GLU A 63 -8.07 -12.35 4.81
CA GLU A 63 -8.21 -13.83 4.55
C GLU A 63 -8.89 -14.18 3.17
N PRO A 64 -10.07 -13.68 2.68
CA PRO A 64 -10.50 -13.89 1.26
C PRO A 64 -9.52 -13.48 0.09
N LYS A 65 -8.55 -12.57 0.31
CA LYS A 65 -7.54 -12.17 -0.70
C LYS A 65 -6.14 -12.80 -0.38
N LYS A 66 -5.25 -12.13 0.38
CA LYS A 66 -3.81 -12.50 0.59
C LYS A 66 -2.97 -12.89 -0.68
N GLU A 67 -3.17 -12.20 -1.82
CA GLU A 67 -2.30 -12.31 -3.03
C GLU A 67 -1.20 -11.19 -3.03
N GLU A 68 -0.03 -11.45 -3.63
CA GLU A 68 1.14 -10.50 -3.79
C GLU A 68 1.91 -10.18 -2.45
N ILE A 69 1.17 -10.10 -1.33
CA ILE A 69 1.71 -9.78 0.04
C ILE A 69 2.73 -10.80 0.61
N LYS A 70 2.67 -12.09 0.24
CA LYS A 70 3.74 -13.08 0.57
C LYS A 70 5.14 -12.75 -0.09
N LYS A 71 5.14 -12.35 -1.37
CA LYS A 71 6.36 -11.79 -2.04
C LYS A 71 6.81 -10.39 -1.49
N MET A 72 5.92 -9.41 -1.20
CA MET A 72 6.34 -8.12 -0.54
C MET A 72 7.06 -8.35 0.85
N ILE A 73 6.54 -9.17 1.80
CA ILE A 73 7.31 -9.54 3.06
C ILE A 73 8.67 -10.29 2.77
N SER A 74 8.72 -11.26 1.85
CA SER A 74 9.99 -11.94 1.47
C SER A 74 11.05 -11.10 0.65
N GLU A 75 10.61 -10.07 -0.10
CA GLU A 75 11.48 -9.11 -0.82
C GLU A 75 12.04 -7.95 0.07
N ILE A 76 11.28 -7.55 1.10
CA ILE A 76 11.55 -6.34 1.92
C ILE A 76 12.70 -6.49 3.00
N ASP A 77 13.07 -7.72 3.42
CA ASP A 77 14.28 -7.98 4.27
C ASP A 77 15.56 -7.86 3.36
N LYS A 78 16.30 -6.73 3.45
CA LYS A 78 17.40 -6.42 2.48
C LYS A 78 18.82 -6.05 3.04
N GLU A 79 18.97 -4.90 3.71
CA GLU A 79 20.32 -4.35 4.09
C GLU A 79 20.70 -4.65 5.57
N GLY A 80 19.84 -4.22 6.50
CA GLY A 80 19.93 -4.60 7.93
C GLY A 80 18.62 -5.22 8.45
N THR A 81 18.10 -6.22 7.71
CA THR A 81 16.75 -6.83 7.92
C THR A 81 15.59 -5.83 7.57
N GLY A 82 14.35 -6.35 7.56
CA GLY A 82 13.16 -5.62 7.05
C GLY A 82 12.68 -4.45 7.90
N LYS A 83 12.72 -3.29 7.26
CA LYS A 83 12.31 -2.00 7.84
C LYS A 83 11.74 -1.08 6.72
N MET A 84 10.51 -0.59 6.92
CA MET A 84 9.78 0.22 5.91
C MET A 84 9.44 1.61 6.50
N ASN A 85 9.69 2.69 5.74
CA ASN A 85 9.20 4.06 6.12
C ASN A 85 7.90 4.37 5.28
N PHE A 86 7.20 5.47 5.62
CA PHE A 86 5.87 5.78 4.99
C PHE A 86 5.97 6.20 3.48
N GLY A 87 7.05 6.89 3.06
CA GLY A 87 7.34 7.12 1.61
C GLY A 87 7.53 5.80 0.81
N ASP A 88 8.28 4.81 1.35
CA ASP A 88 8.35 3.43 0.79
C ASP A 88 6.94 2.74 0.77
N PHE A 89 6.21 2.73 1.90
CA PHE A 89 4.84 2.14 2.03
C PHE A 89 3.81 2.59 0.97
N LEU A 90 3.68 3.89 0.71
CA LEU A 90 2.74 4.42 -0.33
C LEU A 90 3.28 4.33 -1.78
N THR A 91 4.55 4.67 -2.08
CA THR A 91 5.15 4.42 -3.43
C THR A 91 5.13 2.90 -3.85
N VAL A 92 5.62 1.98 -3.01
CA VAL A 92 5.56 0.50 -3.26
C VAL A 92 4.09 -0.01 -3.37
N MET A 93 3.21 0.12 -2.35
CA MET A 93 1.83 -0.44 -2.41
C MET A 93 0.88 0.23 -3.46
N THR A 94 0.87 1.57 -3.65
CA THR A 94 0.12 2.22 -4.77
C THR A 94 0.67 1.82 -6.19
N GLN A 95 1.97 2.04 -6.54
CA GLN A 95 2.52 1.62 -7.86
C GLN A 95 2.49 0.09 -8.19
N LYS A 96 2.68 -0.82 -7.21
CA LYS A 96 2.45 -2.28 -7.42
C LYS A 96 0.94 -2.70 -7.63
N MET A 97 -0.01 -2.27 -6.79
CA MET A 97 -1.45 -2.65 -6.93
C MET A 97 -2.20 -1.93 -8.10
N SER A 98 -2.30 -0.58 -8.10
CA SER A 98 -2.81 0.19 -9.27
C SER A 98 -1.73 0.40 -10.37
N MET A 1 -28.76 -15.83 -17.39
CA MET A 1 -27.66 -16.79 -17.03
C MET A 1 -27.52 -16.89 -15.49
N ALA A 2 -27.41 -18.11 -14.93
CA ALA A 2 -27.21 -18.31 -13.47
C ALA A 2 -25.70 -18.20 -13.03
N SER A 3 -25.18 -16.97 -13.03
CA SER A 3 -23.76 -16.66 -12.67
C SER A 3 -23.59 -15.12 -12.58
N ASN A 4 -23.19 -14.60 -11.40
CA ASN A 4 -23.05 -13.14 -11.17
C ASN A 4 -21.65 -12.60 -11.65
N PHE A 5 -21.50 -12.38 -12.96
CA PHE A 5 -20.19 -12.09 -13.61
C PHE A 5 -19.58 -10.70 -13.23
N LYS A 6 -18.33 -10.68 -12.73
CA LYS A 6 -17.60 -9.45 -12.37
C LYS A 6 -16.13 -9.52 -12.90
N LYS A 7 -15.87 -8.99 -14.10
CA LYS A 7 -14.50 -8.93 -14.69
C LYS A 7 -14.38 -7.69 -15.63
N ALA A 8 -13.82 -6.58 -15.12
CA ALA A 8 -13.62 -5.34 -15.93
C ALA A 8 -12.27 -5.33 -16.72
N ASN A 9 -12.21 -6.08 -17.83
CA ASN A 9 -11.00 -6.15 -18.70
C ASN A 9 -11.39 -5.93 -20.19
N MET A 10 -11.51 -4.66 -20.62
CA MET A 10 -11.78 -4.31 -22.06
C MET A 10 -11.08 -2.94 -22.39
N ALA A 11 -11.72 -1.79 -22.11
CA ALA A 11 -11.16 -0.46 -22.45
C ALA A 11 -10.33 0.15 -21.28
N SER A 12 -9.03 -0.18 -21.23
CA SER A 12 -8.08 0.33 -20.18
C SER A 12 -7.94 1.88 -20.11
N SER A 13 -7.59 2.57 -21.22
CA SER A 13 -7.63 4.05 -21.31
C SER A 13 -9.07 4.59 -21.61
N SER A 14 -10.00 4.47 -20.64
CA SER A 14 -11.41 4.96 -20.80
C SER A 14 -11.53 6.48 -20.43
N GLN A 15 -11.01 7.35 -21.31
CA GLN A 15 -11.01 8.83 -21.11
C GLN A 15 -12.07 9.48 -22.07
N ARG A 16 -13.36 9.40 -21.69
CA ARG A 16 -14.48 9.79 -22.59
C ARG A 16 -14.87 11.31 -22.47
N LYS A 17 -13.98 12.20 -22.96
CA LYS A 17 -14.24 13.66 -23.04
C LYS A 17 -13.38 14.24 -24.22
N ARG A 18 -12.33 15.03 -23.92
CA ARG A 18 -11.30 15.46 -24.92
C ARG A 18 -9.99 15.68 -24.09
N MET A 19 -9.79 16.87 -23.47
CA MET A 19 -8.69 17.10 -22.49
C MET A 19 -9.12 16.47 -21.13
N SER A 20 -8.57 15.28 -20.83
CA SER A 20 -9.03 14.44 -19.69
C SER A 20 -7.92 14.27 -18.61
N PRO A 21 -7.91 14.99 -17.45
CA PRO A 21 -6.91 14.78 -16.36
C PRO A 21 -6.93 13.36 -15.69
N LYS A 22 -5.73 12.80 -15.43
CA LYS A 22 -5.59 11.42 -14.92
C LYS A 22 -4.84 11.40 -13.54
N PRO A 23 -5.47 11.58 -12.34
CA PRO A 23 -4.71 11.64 -11.05
C PRO A 23 -4.29 10.25 -10.49
N GLU A 24 -2.97 10.11 -10.32
CA GLU A 24 -2.31 8.87 -9.84
C GLU A 24 -2.23 8.80 -8.27
N LEU A 25 -3.39 8.42 -7.71
CA LEU A 25 -3.78 8.43 -6.25
C LEU A 25 -4.93 9.48 -6.06
N THR A 26 -6.11 9.02 -5.61
CA THR A 26 -7.23 9.92 -5.19
C THR A 26 -7.54 9.68 -3.67
N GLU A 27 -8.76 10.03 -3.26
CA GLU A 27 -9.16 10.08 -1.83
C GLU A 27 -9.28 8.71 -1.08
N GLU A 28 -9.96 7.69 -1.67
CA GLU A 28 -9.97 6.29 -1.16
C GLU A 28 -8.54 5.66 -0.95
N GLN A 29 -7.68 5.67 -1.98
CA GLN A 29 -6.25 5.20 -1.88
C GLN A 29 -5.40 5.95 -0.79
N LYS A 30 -5.43 7.30 -0.81
CA LYS A 30 -4.87 8.20 0.25
C LYS A 30 -5.30 7.84 1.72
N GLN A 31 -6.62 7.71 2.00
CA GLN A 31 -7.09 7.24 3.34
C GLN A 31 -6.73 5.75 3.65
N GLU A 32 -6.84 4.75 2.74
CA GLU A 32 -6.36 3.36 3.02
C GLU A 32 -4.89 3.23 3.52
N ILE A 33 -3.93 3.85 2.82
CA ILE A 33 -2.49 3.78 3.19
C ILE A 33 -2.13 4.67 4.44
N ARG A 34 -2.63 5.92 4.61
CA ARG A 34 -2.47 6.66 5.88
C ARG A 34 -3.28 6.04 7.06
N GLU A 35 -4.57 5.65 6.95
CA GLU A 35 -5.30 4.90 8.02
C GLU A 35 -4.53 3.65 8.56
N ALA A 36 -3.99 2.74 7.69
CA ALA A 36 -3.10 1.65 8.18
C ALA A 36 -1.73 2.11 8.79
N PHE A 37 -0.90 2.87 8.04
CA PHE A 37 0.44 3.32 8.53
C PHE A 37 0.36 4.28 9.76
N ASP A 38 -0.48 5.32 9.76
CA ASP A 38 -0.78 6.16 10.97
C ASP A 38 -1.40 5.36 12.18
N LEU A 39 -2.26 4.31 12.00
CA LEU A 39 -2.69 3.40 13.11
C LEU A 39 -1.48 2.76 13.86
N PHE A 40 -0.50 2.17 13.14
CA PHE A 40 0.72 1.59 13.77
C PHE A 40 1.80 2.67 14.13
N ASP A 41 2.11 3.64 13.24
CA ASP A 41 2.95 4.83 13.55
C ASP A 41 2.08 5.96 14.21
N ALA A 42 1.77 5.80 15.51
CA ALA A 42 0.82 6.71 16.23
C ALA A 42 1.35 8.15 16.52
N ASP A 43 2.60 8.27 16.97
CA ASP A 43 3.27 9.56 17.24
C ASP A 43 3.79 10.35 15.98
N GLY A 44 4.11 9.66 14.87
CA GLY A 44 4.75 10.27 13.67
C GLY A 44 6.29 10.19 13.73
N THR A 45 6.83 8.98 13.57
CA THR A 45 8.28 8.70 13.83
C THR A 45 9.03 7.99 12.64
N GLY A 46 8.48 7.09 11.79
CA GLY A 46 9.29 6.52 10.67
C GLY A 46 8.86 5.13 10.15
N THR A 47 9.06 4.10 10.98
CA THR A 47 8.90 2.67 10.54
C THR A 47 7.74 1.92 11.27
N ILE A 48 7.06 1.09 10.47
CA ILE A 48 6.07 0.09 10.96
C ILE A 48 6.81 -1.27 10.71
N ASP A 49 7.00 -2.02 11.80
CA ASP A 49 7.88 -3.23 11.80
C ASP A 49 7.07 -4.56 11.67
N VAL A 50 7.74 -5.65 11.22
CA VAL A 50 7.10 -6.96 10.82
C VAL A 50 5.95 -7.52 11.72
N LYS A 51 5.96 -7.42 13.06
CA LYS A 51 4.76 -7.75 13.90
C LYS A 51 3.45 -6.92 13.52
N GLU A 52 3.57 -5.58 13.66
CA GLU A 52 2.55 -4.57 13.28
C GLU A 52 2.30 -4.50 11.74
N LEU A 53 3.35 -4.56 10.87
CA LEU A 53 3.18 -4.73 9.41
C LEU A 53 2.45 -6.05 8.97
N LYS A 54 2.70 -7.23 9.58
CA LYS A 54 1.89 -8.46 9.35
C LYS A 54 0.36 -8.32 9.63
N VAL A 55 -0.06 -7.82 10.82
CA VAL A 55 -1.51 -7.46 11.03
C VAL A 55 -2.04 -6.33 10.06
N ALA A 56 -1.17 -5.38 9.67
CA ALA A 56 -1.47 -4.39 8.58
C ALA A 56 -1.69 -5.02 7.16
N MET A 57 -0.80 -5.95 6.75
CA MET A 57 -0.96 -6.80 5.53
C MET A 57 -2.22 -7.73 5.54
N ARG A 58 -2.64 -8.30 6.69
CA ARG A 58 -3.95 -9.02 6.80
C ARG A 58 -5.19 -8.08 6.52
N ALA A 59 -5.31 -6.89 7.15
CA ALA A 59 -6.34 -5.87 6.78
C ALA A 59 -6.25 -5.28 5.33
N LEU A 60 -5.07 -4.82 4.86
CA LEU A 60 -4.90 -4.22 3.50
C LEU A 60 -4.78 -5.23 2.30
N GLY A 61 -4.33 -6.49 2.51
CA GLY A 61 -4.17 -7.50 1.44
C GLY A 61 -5.36 -7.76 0.48
N PHE A 62 -6.60 -7.81 1.01
CA PHE A 62 -7.86 -7.84 0.22
C PHE A 62 -8.21 -9.29 -0.20
N GLU A 63 -9.49 -9.65 -0.05
CA GLU A 63 -10.00 -11.01 -0.44
C GLU A 63 -9.65 -11.48 -1.91
N PRO A 64 -9.83 -10.78 -3.08
CA PRO A 64 -9.26 -11.23 -4.39
C PRO A 64 -7.73 -11.60 -4.36
N LYS A 65 -7.41 -12.89 -4.56
CA LYS A 65 -6.03 -13.42 -4.34
C LYS A 65 -4.99 -13.04 -5.44
N LYS A 66 -4.34 -11.88 -5.23
CA LYS A 66 -3.16 -11.43 -6.01
C LYS A 66 -1.88 -11.63 -5.13
N GLU A 67 -0.81 -12.26 -5.67
CA GLU A 67 0.45 -12.48 -4.91
C GLU A 67 1.29 -11.15 -4.74
N GLU A 68 0.97 -10.41 -3.67
CA GLU A 68 1.65 -9.15 -3.29
C GLU A 68 2.23 -9.22 -1.85
N ILE A 69 1.42 -9.43 -0.80
CA ILE A 69 1.88 -9.36 0.63
C ILE A 69 3.04 -10.37 1.00
N LYS A 70 3.00 -11.60 0.47
CA LYS A 70 4.09 -12.60 0.51
C LYS A 70 5.45 -12.12 -0.15
N LYS A 71 5.36 -11.60 -1.40
CA LYS A 71 6.50 -10.93 -2.07
C LYS A 71 6.95 -9.58 -1.42
N MET A 72 6.06 -8.73 -0.86
CA MET A 72 6.47 -7.55 -0.04
C MET A 72 7.36 -7.97 1.18
N ILE A 73 6.97 -8.89 2.09
CA ILE A 73 7.84 -9.34 3.22
C ILE A 73 9.21 -9.96 2.78
N SER A 74 9.24 -10.79 1.72
CA SER A 74 10.53 -11.28 1.14
C SER A 74 11.47 -10.23 0.43
N GLU A 75 10.88 -9.24 -0.29
CA GLU A 75 11.58 -8.18 -1.05
C GLU A 75 12.07 -6.96 -0.19
N ILE A 76 11.36 -6.67 0.90
CA ILE A 76 11.51 -5.43 1.69
C ILE A 76 12.68 -5.34 2.73
N ASP A 77 13.29 -6.41 3.25
CA ASP A 77 14.55 -6.31 4.05
C ASP A 77 15.67 -7.15 3.35
N LYS A 78 16.80 -6.50 3.05
CA LYS A 78 18.03 -7.16 2.49
C LYS A 78 19.30 -7.17 3.42
N GLU A 79 19.16 -6.93 4.73
CA GLU A 79 20.28 -6.72 5.68
C GLU A 79 20.26 -7.79 6.83
N GLY A 80 19.09 -7.96 7.47
CA GLY A 80 18.88 -8.91 8.59
C GLY A 80 17.91 -8.40 9.68
N THR A 81 16.78 -7.80 9.27
CA THR A 81 15.86 -7.06 10.17
C THR A 81 14.40 -7.40 9.76
N GLY A 82 13.57 -6.39 9.52
CA GLY A 82 12.13 -6.55 9.27
C GLY A 82 11.36 -5.28 9.64
N LYS A 83 11.41 -4.40 8.67
CA LYS A 83 10.96 -2.98 8.78
C LYS A 83 10.35 -2.46 7.45
N MET A 84 9.55 -1.38 7.57
CA MET A 84 9.08 -0.63 6.38
C MET A 84 8.85 0.87 6.75
N ASN A 85 9.25 1.83 5.89
CA ASN A 85 8.85 3.25 6.09
C ASN A 85 7.64 3.59 5.17
N PHE A 86 7.13 4.80 5.40
CA PHE A 86 6.07 5.37 4.52
C PHE A 86 6.58 5.75 3.08
N GLY A 87 7.90 5.93 2.83
CA GLY A 87 8.41 6.06 1.42
C GLY A 87 8.25 4.73 0.63
N ASP A 88 8.69 3.58 1.21
CA ASP A 88 8.42 2.21 0.69
C ASP A 88 6.88 1.94 0.54
N PHE A 89 6.09 2.13 1.62
CA PHE A 89 4.63 1.87 1.66
C PHE A 89 3.79 2.62 0.57
N LEU A 90 3.93 3.95 0.49
CA LEU A 90 3.27 4.78 -0.56
C LEU A 90 3.74 4.46 -2.03
N THR A 91 5.05 4.37 -2.32
CA THR A 91 5.55 4.00 -3.69
C THR A 91 5.23 2.53 -4.12
N VAL A 92 5.53 1.52 -3.28
CA VAL A 92 5.23 0.09 -3.60
C VAL A 92 3.70 -0.23 -3.72
N MET A 93 2.84 0.20 -2.78
CA MET A 93 1.36 0.01 -2.90
C MET A 93 0.69 0.83 -4.05
N THR A 94 1.08 2.09 -4.38
CA THR A 94 0.59 2.76 -5.62
C THR A 94 0.94 1.95 -6.92
N GLN A 95 2.24 1.69 -7.21
CA GLN A 95 2.67 0.84 -8.35
C GLN A 95 2.06 -0.60 -8.41
N LYS A 96 2.22 -1.42 -7.35
CA LYS A 96 1.79 -2.85 -7.36
C LYS A 96 0.25 -3.10 -7.11
N MET A 97 -0.48 -2.34 -6.27
CA MET A 97 -1.97 -2.44 -6.19
C MET A 97 -2.75 -1.70 -7.34
N SER A 98 -2.54 -0.38 -7.59
CA SER A 98 -3.39 0.42 -8.52
C SER A 98 -3.07 0.27 -10.02
N MET A 1 -22.99 -21.18 17.66
CA MET A 1 -22.04 -22.32 17.59
C MET A 1 -20.75 -21.93 16.79
N ALA A 2 -20.79 -21.84 15.46
CA ALA A 2 -19.64 -21.33 14.65
C ALA A 2 -19.54 -19.77 14.69
N SER A 3 -18.39 -19.23 15.14
CA SER A 3 -18.18 -17.76 15.25
C SER A 3 -17.99 -17.04 13.88
N ASN A 4 -16.95 -17.37 13.09
CA ASN A 4 -16.83 -16.88 11.69
C ASN A 4 -17.59 -17.84 10.70
N PHE A 5 -18.91 -17.65 10.58
CA PHE A 5 -19.77 -18.44 9.65
C PHE A 5 -19.69 -17.88 8.19
N LYS A 6 -18.58 -18.21 7.49
CA LYS A 6 -18.24 -17.59 6.18
C LYS A 6 -18.97 -18.27 4.97
N LYS A 7 -20.25 -17.94 4.79
CA LYS A 7 -21.10 -18.50 3.69
C LYS A 7 -21.48 -17.41 2.63
N ALA A 8 -22.24 -16.35 3.01
CA ALA A 8 -22.62 -15.25 2.08
C ALA A 8 -21.50 -14.18 1.90
N ASN A 9 -20.48 -14.51 1.09
CA ASN A 9 -19.27 -13.65 0.91
C ASN A 9 -18.91 -13.48 -0.59
N MET A 10 -18.49 -14.55 -1.31
CA MET A 10 -18.12 -14.46 -2.76
C MET A 10 -19.39 -14.60 -3.67
N ALA A 11 -20.14 -13.49 -3.81
CA ALA A 11 -21.41 -13.44 -4.59
C ALA A 11 -21.48 -12.24 -5.59
N SER A 12 -21.34 -10.98 -5.12
CA SER A 12 -21.39 -9.77 -6.00
C SER A 12 -20.08 -9.58 -6.83
N SER A 13 -20.21 -9.34 -8.14
CA SER A 13 -19.05 -9.22 -9.07
C SER A 13 -18.33 -7.83 -8.97
N SER A 14 -17.41 -7.68 -8.01
CA SER A 14 -16.75 -6.37 -7.71
C SER A 14 -15.61 -5.96 -8.68
N GLN A 15 -14.58 -6.80 -8.90
CA GLN A 15 -13.44 -6.46 -9.81
C GLN A 15 -13.79 -6.72 -11.32
N ARG A 16 -14.62 -5.84 -11.90
CA ARG A 16 -15.24 -6.02 -13.24
C ARG A 16 -14.99 -4.88 -14.30
N LYS A 17 -14.54 -3.68 -13.89
CA LYS A 17 -14.13 -2.55 -14.78
C LYS A 17 -15.35 -1.83 -15.47
N ARG A 18 -15.74 -0.67 -14.91
CA ARG A 18 -16.72 0.26 -15.55
C ARG A 18 -16.08 1.68 -15.48
N MET A 19 -16.17 2.39 -14.34
CA MET A 19 -15.42 3.65 -14.10
C MET A 19 -13.95 3.26 -13.70
N SER A 20 -12.99 3.54 -14.61
CA SER A 20 -11.59 3.04 -14.49
C SER A 20 -10.65 4.01 -13.69
N PRO A 21 -10.06 3.67 -12.50
CA PRO A 21 -9.16 4.59 -11.75
C PRO A 21 -7.80 4.95 -12.42
N LYS A 22 -7.23 6.11 -12.02
CA LYS A 22 -5.84 6.51 -12.37
C LYS A 22 -4.74 5.68 -11.60
N PRO A 23 -3.42 5.67 -11.95
CA PRO A 23 -2.37 5.07 -11.08
C PRO A 23 -2.05 5.97 -9.83
N GLU A 24 -2.92 5.75 -8.85
CA GLU A 24 -3.08 6.54 -7.62
C GLU A 24 -3.86 5.67 -6.58
N LEU A 25 -3.55 5.77 -5.28
CA LEU A 25 -4.40 5.16 -4.21
C LEU A 25 -5.60 6.14 -4.05
N THR A 26 -6.83 5.68 -4.35
CA THR A 26 -8.05 6.55 -4.48
C THR A 26 -8.51 7.33 -3.22
N GLU A 27 -9.18 6.66 -2.29
CA GLU A 27 -9.85 7.31 -1.13
C GLU A 27 -9.88 6.27 0.05
N GLU A 28 -10.54 5.15 -0.24
CA GLU A 28 -10.57 3.89 0.52
C GLU A 28 -9.15 3.25 0.73
N GLN A 29 -8.35 3.07 -0.36
CA GLN A 29 -6.93 2.68 -0.30
C GLN A 29 -6.02 3.76 0.38
N LYS A 30 -6.15 5.04 -0.01
CA LYS A 30 -5.44 6.20 0.57
C LYS A 30 -5.58 6.36 2.11
N GLN A 31 -6.81 6.37 2.67
CA GLN A 31 -7.04 6.29 4.14
C GLN A 31 -6.61 4.93 4.80
N GLU A 32 -6.77 3.76 4.14
CA GLU A 32 -6.23 2.45 4.66
C GLU A 32 -4.68 2.50 4.91
N ILE A 33 -3.82 2.87 3.94
CA ILE A 33 -2.35 2.99 4.15
C ILE A 33 -1.97 4.13 5.17
N ARG A 34 -2.58 5.35 5.09
CA ARG A 34 -2.37 6.42 6.10
C ARG A 34 -2.75 6.02 7.56
N GLU A 35 -3.96 5.51 7.80
CA GLU A 35 -4.42 4.97 9.11
C GLU A 35 -3.62 3.71 9.62
N ALA A 36 -3.31 2.70 8.78
CA ALA A 36 -2.48 1.53 9.21
C ALA A 36 -1.02 1.86 9.67
N PHE A 37 -0.23 2.55 8.82
CA PHE A 37 1.11 3.06 9.22
C PHE A 37 1.08 4.03 10.45
N ASP A 38 0.11 4.96 10.57
CA ASP A 38 -0.13 5.76 11.81
C ASP A 38 -0.56 4.93 13.09
N LEU A 39 -1.42 3.88 12.98
CA LEU A 39 -1.68 2.92 14.10
C LEU A 39 -0.40 2.34 14.76
N PHE A 40 0.54 1.82 13.93
CA PHE A 40 1.85 1.32 14.41
C PHE A 40 2.91 2.45 14.68
N ASP A 41 3.03 3.49 13.84
CA ASP A 41 3.85 4.71 14.12
C ASP A 41 3.05 5.73 15.01
N ALA A 42 2.90 5.42 16.32
CA ALA A 42 1.98 6.19 17.21
C ALA A 42 2.47 7.59 17.70
N ASP A 43 3.70 7.69 18.22
CA ASP A 43 4.27 8.98 18.76
C ASP A 43 5.02 9.89 17.71
N GLY A 44 5.25 9.43 16.46
CA GLY A 44 6.07 10.16 15.46
C GLY A 44 7.51 9.59 15.38
N THR A 45 7.69 8.55 14.58
CA THR A 45 8.96 7.75 14.55
C THR A 45 9.62 7.78 13.14
N GLY A 46 9.01 7.15 12.11
CA GLY A 46 9.70 6.95 10.79
C GLY A 46 9.46 5.54 10.19
N THR A 47 9.87 4.50 10.93
CA THR A 47 9.76 3.07 10.49
C THR A 47 8.73 2.27 11.33
N ILE A 48 7.98 1.42 10.61
CA ILE A 48 7.09 0.38 11.20
C ILE A 48 7.88 -0.94 10.93
N ASP A 49 8.23 -1.63 12.03
CA ASP A 49 9.18 -2.78 11.98
C ASP A 49 8.44 -4.16 11.98
N VAL A 50 9.19 -5.15 11.49
CA VAL A 50 8.76 -6.53 11.15
C VAL A 50 7.58 -7.20 11.94
N LYS A 51 7.61 -7.19 13.29
CA LYS A 51 6.43 -7.60 14.13
C LYS A 51 5.09 -6.84 13.81
N GLU A 52 5.13 -5.51 13.97
CA GLU A 52 4.05 -4.55 13.63
C GLU A 52 3.75 -4.46 12.09
N LEU A 53 4.75 -4.45 11.19
CA LEU A 53 4.53 -4.59 9.72
C LEU A 53 3.77 -5.88 9.24
N LYS A 54 4.07 -7.06 9.80
CA LYS A 54 3.32 -8.32 9.49
C LYS A 54 1.85 -8.33 10.02
N VAL A 55 1.56 -7.94 11.28
CA VAL A 55 0.12 -7.73 11.72
C VAL A 55 -0.62 -6.59 10.92
N ALA A 56 0.13 -5.56 10.47
CA ALA A 56 -0.38 -4.53 9.52
C ALA A 56 -0.82 -5.12 8.14
N MET A 57 0.01 -5.99 7.53
CA MET A 57 -0.38 -6.79 6.33
C MET A 57 -1.48 -7.88 6.60
N ARG A 58 -1.74 -8.35 7.85
CA ARG A 58 -2.93 -9.19 8.16
C ARG A 58 -4.26 -8.35 8.00
N ALA A 59 -4.40 -7.16 8.64
CA ALA A 59 -5.54 -6.23 8.36
C ALA A 59 -5.64 -5.62 6.92
N LEU A 60 -4.56 -5.03 6.37
CA LEU A 60 -4.50 -4.52 4.96
C LEU A 60 -4.53 -5.59 3.82
N GLY A 61 -4.08 -6.83 4.09
CA GLY A 61 -3.83 -7.90 3.10
C GLY A 61 -4.87 -8.18 2.00
N PHE A 62 -6.18 -8.08 2.31
CA PHE A 62 -7.28 -8.12 1.30
C PHE A 62 -7.61 -9.59 0.95
N GLU A 63 -8.90 -9.88 0.74
CA GLU A 63 -9.31 -11.21 0.17
C GLU A 63 -8.76 -11.36 -1.30
N PRO A 64 -9.10 -10.64 -2.42
CA PRO A 64 -8.31 -10.74 -3.68
C PRO A 64 -6.84 -10.18 -3.52
N LYS A 65 -5.86 -11.07 -3.29
CA LYS A 65 -4.46 -10.67 -2.90
C LYS A 65 -3.48 -10.25 -4.03
N LYS A 66 -3.44 -10.95 -5.18
CA LYS A 66 -2.40 -10.76 -6.24
C LYS A 66 -0.94 -11.16 -5.76
N GLU A 67 0.01 -11.17 -6.70
CA GLU A 67 1.46 -11.45 -6.39
C GLU A 67 2.17 -10.20 -5.78
N GLU A 68 1.91 -9.91 -4.50
CA GLU A 68 2.40 -8.67 -3.84
C GLU A 68 2.58 -8.82 -2.31
N ILE A 69 1.63 -9.27 -1.46
CA ILE A 69 1.81 -9.19 0.03
C ILE A 69 2.87 -10.22 0.58
N LYS A 70 2.85 -11.50 0.13
CA LYS A 70 3.95 -12.46 0.42
C LYS A 70 5.33 -12.06 -0.21
N LYS A 71 5.34 -11.52 -1.45
CA LYS A 71 6.56 -10.90 -2.06
C LYS A 71 7.07 -9.64 -1.27
N MET A 72 6.25 -8.63 -0.93
CA MET A 72 6.68 -7.44 -0.13
C MET A 72 7.33 -7.78 1.25
N ILE A 73 6.81 -8.74 2.07
CA ILE A 73 7.56 -9.22 3.29
C ILE A 73 8.90 -9.95 2.93
N SER A 74 8.92 -10.96 2.02
CA SER A 74 10.18 -11.63 1.58
C SER A 74 11.25 -10.72 0.84
N GLU A 75 10.79 -9.69 0.12
CA GLU A 75 11.62 -8.63 -0.53
C GLU A 75 12.28 -7.65 0.48
N ILE A 76 11.53 -6.97 1.40
CA ILE A 76 12.14 -6.05 2.41
C ILE A 76 12.84 -6.80 3.61
N ASP A 77 12.54 -8.09 3.94
CA ASP A 77 13.34 -8.89 4.92
C ASP A 77 14.70 -9.27 4.23
N LYS A 78 15.72 -8.41 4.35
CA LYS A 78 16.98 -8.52 3.56
C LYS A 78 18.31 -8.32 4.35
N GLU A 79 18.48 -7.20 5.06
CA GLU A 79 19.77 -6.78 5.68
C GLU A 79 19.78 -7.17 7.20
N GLY A 80 18.82 -6.63 7.95
CA GLY A 80 18.52 -7.03 9.33
C GLY A 80 17.00 -7.20 9.55
N THR A 81 16.37 -8.08 8.73
CA THR A 81 14.89 -8.28 8.67
C THR A 81 14.13 -6.99 8.13
N GLY A 82 12.81 -7.06 8.00
CA GLY A 82 11.99 -6.04 7.30
C GLY A 82 11.45 -4.87 8.14
N LYS A 83 12.24 -3.81 8.07
CA LYS A 83 11.87 -2.47 8.59
C LYS A 83 11.43 -1.59 7.38
N MET A 84 10.24 -0.99 7.49
CA MET A 84 9.61 -0.24 6.37
C MET A 84 9.34 1.22 6.77
N ASN A 85 9.67 2.18 5.88
CA ASN A 85 9.27 3.59 6.05
C ASN A 85 8.00 3.90 5.18
N PHE A 86 7.37 5.07 5.41
CA PHE A 86 6.14 5.45 4.66
C PHE A 86 6.39 5.72 3.13
N GLY A 87 7.59 6.16 2.70
CA GLY A 87 7.96 6.21 1.25
C GLY A 87 7.97 4.81 0.55
N ASP A 88 8.54 3.75 1.19
CA ASP A 88 8.42 2.33 0.70
C ASP A 88 6.90 1.88 0.65
N PHE A 89 6.17 2.04 1.77
CA PHE A 89 4.72 1.72 1.89
C PHE A 89 3.77 2.39 0.84
N LEU A 90 3.87 3.72 0.66
CA LEU A 90 3.07 4.47 -0.35
C LEU A 90 3.44 4.10 -1.83
N THR A 91 4.73 4.13 -2.22
CA THR A 91 5.16 3.75 -3.61
C THR A 91 4.89 2.26 -3.97
N VAL A 92 5.20 1.28 -3.10
CA VAL A 92 4.93 -0.16 -3.37
C VAL A 92 3.41 -0.52 -3.45
N MET A 93 2.55 -0.11 -2.48
CA MET A 93 1.07 -0.27 -2.60
C MET A 93 0.42 0.45 -3.84
N THR A 94 0.78 1.71 -4.17
CA THR A 94 0.34 2.38 -5.45
C THR A 94 0.82 1.64 -6.75
N GLN A 95 2.13 1.43 -6.95
CA GLN A 95 2.68 0.71 -8.14
C GLN A 95 2.19 -0.77 -8.35
N LYS A 96 1.98 -1.56 -7.28
CA LYS A 96 1.38 -2.93 -7.41
C LYS A 96 -0.17 -2.94 -7.64
N MET A 97 -1.02 -2.25 -6.84
CA MET A 97 -2.49 -2.25 -7.04
C MET A 97 -3.03 -1.30 -8.17
N SER A 98 -2.81 0.03 -8.09
CA SER A 98 -3.44 1.02 -9.01
C SER A 98 -2.72 1.16 -10.39
N MET A 1 -19.20 -3.76 -28.06
CA MET A 1 -20.26 -2.81 -28.51
C MET A 1 -19.67 -1.37 -28.66
N ALA A 2 -19.63 -0.54 -27.60
CA ALA A 2 -19.00 0.81 -27.67
C ALA A 2 -17.45 0.76 -27.45
N SER A 3 -16.70 0.50 -28.53
CA SER A 3 -15.22 0.26 -28.45
C SER A 3 -14.41 1.58 -28.30
N ASN A 4 -14.15 1.98 -27.04
CA ASN A 4 -13.51 3.29 -26.72
C ASN A 4 -11.95 3.23 -26.83
N PHE A 5 -11.42 3.44 -28.05
CA PHE A 5 -9.95 3.65 -28.29
C PHE A 5 -9.59 5.13 -27.95
N LYS A 6 -9.49 5.43 -26.63
CA LYS A 6 -9.38 6.82 -26.12
C LYS A 6 -8.28 6.91 -25.02
N LYS A 7 -7.02 7.13 -25.44
CA LYS A 7 -5.86 7.15 -24.50
C LYS A 7 -5.58 8.57 -23.90
N ALA A 8 -6.39 8.96 -22.90
CA ALA A 8 -6.16 10.19 -22.11
C ALA A 8 -5.14 9.96 -20.94
N ASN A 9 -3.84 10.00 -21.26
CA ASN A 9 -2.73 9.84 -20.26
C ASN A 9 -1.49 10.76 -20.51
N MET A 10 -1.06 10.99 -21.76
CA MET A 10 0.15 11.80 -22.10
C MET A 10 0.02 13.33 -21.76
N ALA A 11 1.16 13.99 -21.48
CA ALA A 11 1.19 15.45 -21.23
C ALA A 11 1.23 16.29 -22.54
N SER A 12 0.05 16.51 -23.16
CA SER A 12 -0.09 17.33 -24.40
C SER A 12 -0.14 18.85 -24.07
N SER A 13 1.02 19.53 -24.10
CA SER A 13 1.14 20.93 -23.59
C SER A 13 0.67 22.08 -24.55
N SER A 14 -0.61 22.05 -24.97
CA SER A 14 -1.27 23.18 -25.70
C SER A 14 -1.66 24.29 -24.67
N GLN A 15 -2.64 24.02 -23.78
CA GLN A 15 -2.94 24.88 -22.61
C GLN A 15 -2.05 24.34 -21.45
N ARG A 16 -0.97 25.08 -21.08
CA ARG A 16 0.08 24.57 -20.16
C ARG A 16 -0.43 24.43 -18.68
N LYS A 17 -0.57 23.17 -18.21
CA LYS A 17 -1.23 22.79 -16.92
C LYS A 17 -2.78 22.74 -17.15
N ARG A 18 -3.32 21.57 -17.54
CA ARG A 18 -4.73 21.44 -17.98
C ARG A 18 -5.34 20.05 -17.58
N MET A 19 -5.06 18.97 -18.34
CA MET A 19 -5.66 17.62 -18.07
C MET A 19 -4.73 16.51 -18.66
N SER A 20 -4.03 15.75 -17.79
CA SER A 20 -3.28 14.53 -18.20
C SER A 20 -3.42 13.44 -17.08
N PRO A 21 -4.43 12.52 -17.07
CA PRO A 21 -4.56 11.47 -16.01
C PRO A 21 -3.42 10.42 -15.92
N LYS A 22 -2.92 10.16 -14.70
CA LYS A 22 -1.75 9.24 -14.47
C LYS A 22 -1.96 8.35 -13.18
N PRO A 23 -1.20 7.25 -12.87
CA PRO A 23 -1.51 6.35 -11.71
C PRO A 23 -1.36 7.00 -10.29
N GLU A 24 -2.42 6.83 -9.48
CA GLU A 24 -2.49 7.34 -8.08
C GLU A 24 -3.47 6.46 -7.22
N LEU A 25 -3.34 6.56 -5.90
CA LEU A 25 -4.25 5.88 -4.94
C LEU A 25 -5.50 6.78 -4.63
N THR A 26 -6.73 6.23 -4.55
CA THR A 26 -7.97 7.08 -4.50
C THR A 26 -8.27 7.44 -3.00
N GLU A 27 -9.49 7.19 -2.52
CA GLU A 27 -9.97 7.66 -1.20
C GLU A 27 -9.88 6.51 -0.16
N GLU A 28 -10.60 5.39 -0.42
CA GLU A 28 -10.48 4.13 0.36
C GLU A 28 -9.07 3.48 0.34
N GLN A 29 -8.39 3.29 -0.82
CA GLN A 29 -7.03 2.67 -0.85
C GLN A 29 -5.91 3.45 -0.07
N LYS A 30 -5.87 4.80 -0.24
CA LYS A 30 -4.97 5.71 0.53
C LYS A 30 -5.23 5.69 2.08
N GLN A 31 -6.51 5.86 2.50
CA GLN A 31 -6.94 5.65 3.90
C GLN A 31 -6.62 4.22 4.46
N GLU A 32 -6.90 3.11 3.74
CA GLU A 32 -6.51 1.72 4.16
C GLU A 32 -5.01 1.49 4.49
N ILE A 33 -4.09 1.87 3.58
CA ILE A 33 -2.63 1.59 3.82
C ILE A 33 -2.03 2.55 4.92
N ARG A 34 -2.40 3.86 5.01
CA ARG A 34 -2.03 4.70 6.19
C ARG A 34 -2.79 4.28 7.49
N GLU A 35 -4.08 3.85 7.53
CA GLU A 35 -4.70 3.27 8.78
C GLU A 35 -3.86 2.10 9.39
N ALA A 36 -3.46 1.07 8.60
CA ALA A 36 -2.47 0.05 9.08
C ALA A 36 -1.10 0.63 9.58
N PHE A 37 -0.41 1.46 8.76
CA PHE A 37 0.86 2.13 9.19
C PHE A 37 0.68 3.03 10.46
N ASP A 38 -0.28 3.97 10.51
CA ASP A 38 -0.67 4.73 11.73
C ASP A 38 -1.08 3.88 12.99
N LEU A 39 -1.77 2.72 12.84
CA LEU A 39 -2.00 1.75 13.93
C LEU A 39 -0.67 1.28 14.63
N PHE A 40 0.37 0.92 13.85
CA PHE A 40 1.74 0.66 14.42
C PHE A 40 2.58 1.97 14.69
N ASP A 41 2.61 2.95 13.76
CA ASP A 41 3.24 4.29 13.95
C ASP A 41 2.35 5.27 14.78
N ALA A 42 2.23 5.03 16.09
CA ALA A 42 1.23 5.74 16.96
C ALA A 42 1.80 6.92 17.81
N ASP A 43 2.90 6.72 18.55
CA ASP A 43 3.47 7.73 19.50
C ASP A 43 4.45 8.77 18.87
N GLY A 44 5.17 8.38 17.79
CA GLY A 44 6.21 9.21 17.15
C GLY A 44 7.41 8.33 16.74
N THR A 45 7.29 7.63 15.60
CA THR A 45 8.26 6.58 15.18
C THR A 45 8.89 6.91 13.79
N GLY A 46 8.12 6.89 12.68
CA GLY A 46 8.74 6.97 11.30
C GLY A 46 8.82 5.60 10.60
N THR A 47 9.44 4.60 11.27
CA THR A 47 9.48 3.19 10.79
C THR A 47 8.52 2.28 11.60
N ILE A 48 7.96 1.34 10.83
CA ILE A 48 7.17 0.18 11.34
C ILE A 48 8.09 -1.00 10.90
N ASP A 49 8.45 -1.87 11.84
CA ASP A 49 9.49 -2.90 11.61
C ASP A 49 8.82 -4.27 11.29
N VAL A 50 9.60 -5.19 10.70
CA VAL A 50 9.07 -6.47 10.12
C VAL A 50 8.10 -7.34 11.00
N LYS A 51 8.23 -7.37 12.34
CA LYS A 51 7.22 -7.99 13.25
C LYS A 51 5.80 -7.30 13.14
N GLU A 52 5.73 -5.98 13.42
CA GLU A 52 4.54 -5.12 13.17
C GLU A 52 4.06 -5.10 11.67
N LEU A 53 4.95 -5.01 10.65
CA LEU A 53 4.55 -5.17 9.22
C LEU A 53 3.90 -6.55 8.86
N LYS A 54 4.33 -7.69 9.44
CA LYS A 54 3.61 -8.99 9.31
C LYS A 54 2.14 -8.93 9.88
N VAL A 55 1.96 -8.43 11.12
CA VAL A 55 0.60 -8.11 11.69
C VAL A 55 -0.22 -7.07 10.82
N ALA A 56 0.44 -6.03 10.26
CA ALA A 56 -0.17 -5.12 9.27
C ALA A 56 -0.68 -5.79 7.95
N MET A 57 0.11 -6.74 7.42
CA MET A 57 -0.30 -7.59 6.26
C MET A 57 -1.42 -8.63 6.58
N ARG A 58 -1.56 -9.16 7.83
CA ARG A 58 -2.74 -9.97 8.23
C ARG A 58 -4.07 -9.10 8.18
N ALA A 59 -4.11 -7.89 8.80
CA ALA A 59 -5.24 -6.93 8.61
C ALA A 59 -5.46 -6.37 7.17
N LEU A 60 -4.42 -5.95 6.42
CA LEU A 60 -4.55 -5.45 5.02
C LEU A 60 -4.77 -6.53 3.91
N GLY A 61 -4.26 -7.76 4.07
CA GLY A 61 -4.59 -8.90 3.17
C GLY A 61 -6.09 -9.32 3.10
N PHE A 62 -6.73 -9.55 4.26
CA PHE A 62 -8.18 -9.92 4.41
C PHE A 62 -8.44 -11.36 3.88
N GLU A 63 -8.59 -11.47 2.57
CA GLU A 63 -8.80 -12.73 1.82
C GLU A 63 -7.97 -12.54 0.47
N PRO A 64 -6.59 -12.51 0.20
CA PRO A 64 -6.11 -12.08 -1.15
C PRO A 64 -6.08 -13.23 -2.24
N LYS A 65 -5.52 -12.97 -3.44
CA LYS A 65 -5.65 -13.90 -4.60
C LYS A 65 -4.96 -15.30 -4.42
N LYS A 66 -3.66 -15.35 -4.08
CA LYS A 66 -2.96 -16.59 -3.67
C LYS A 66 -1.80 -16.15 -2.72
N GLU A 67 -0.68 -15.65 -3.28
CA GLU A 67 0.39 -14.99 -2.48
C GLU A 67 0.02 -13.47 -2.26
N GLU A 68 0.76 -12.55 -2.87
CA GLU A 68 0.65 -11.05 -2.77
C GLU A 68 1.40 -10.55 -1.52
N ILE A 69 0.96 -11.04 -0.36
CA ILE A 69 1.45 -10.56 0.96
C ILE A 69 2.91 -11.11 1.25
N LYS A 70 3.15 -12.41 0.94
CA LYS A 70 4.48 -13.06 0.91
C LYS A 70 5.51 -12.36 -0.06
N LYS A 71 5.05 -11.88 -1.24
CA LYS A 71 5.86 -11.02 -2.16
C LYS A 71 6.27 -9.65 -1.51
N MET A 72 5.35 -8.80 -1.01
CA MET A 72 5.72 -7.50 -0.35
C MET A 72 6.72 -7.65 0.87
N ILE A 73 6.54 -8.63 1.80
CA ILE A 73 7.58 -8.93 2.85
C ILE A 73 8.95 -9.43 2.24
N SER A 74 8.96 -10.33 1.23
CA SER A 74 10.21 -10.79 0.54
C SER A 74 10.97 -9.69 -0.29
N GLU A 75 10.22 -8.80 -0.98
CA GLU A 75 10.75 -7.58 -1.65
C GLU A 75 11.51 -6.60 -0.69
N ILE A 76 10.87 -6.09 0.40
CA ILE A 76 11.53 -5.14 1.34
C ILE A 76 12.49 -5.82 2.39
N ASP A 77 12.19 -7.03 2.92
CA ASP A 77 13.14 -7.84 3.75
C ASP A 77 13.77 -8.92 2.81
N LYS A 78 14.90 -8.56 2.17
CA LYS A 78 15.52 -9.38 1.08
C LYS A 78 16.52 -10.47 1.58
N GLU A 79 17.59 -10.09 2.28
CA GLU A 79 18.56 -11.03 2.90
C GLU A 79 18.09 -11.43 4.33
N GLY A 80 17.95 -10.45 5.25
CA GLY A 80 17.30 -10.68 6.56
C GLY A 80 17.33 -9.51 7.57
N THR A 81 17.02 -8.27 7.14
CA THR A 81 16.85 -7.10 8.07
C THR A 81 15.76 -6.14 7.49
N GLY A 82 14.52 -6.16 8.01
CA GLY A 82 13.39 -5.39 7.41
C GLY A 82 12.83 -4.28 8.31
N LYS A 83 13.07 -3.07 7.83
CA LYS A 83 12.46 -1.83 8.38
C LYS A 83 11.72 -1.11 7.22
N MET A 84 10.45 -0.74 7.45
CA MET A 84 9.64 -0.01 6.44
C MET A 84 9.29 1.41 6.96
N ASN A 85 9.58 2.44 6.14
CA ASN A 85 9.09 3.81 6.41
C ASN A 85 7.83 4.06 5.52
N PHE A 86 7.08 5.16 5.74
CA PHE A 86 5.83 5.41 4.94
C PHE A 86 6.08 5.77 3.43
N GLY A 87 7.28 6.23 3.03
CA GLY A 87 7.64 6.37 1.60
C GLY A 87 7.82 4.96 0.93
N ASP A 88 8.50 4.01 1.62
CA ASP A 88 8.56 2.59 1.24
C ASP A 88 7.15 1.89 1.10
N PHE A 89 6.19 2.13 2.04
CA PHE A 89 4.83 1.53 2.00
C PHE A 89 3.89 2.13 0.90
N LEU A 90 3.82 3.47 0.79
CA LEU A 90 3.08 4.16 -0.29
C LEU A 90 3.66 3.96 -1.75
N THR A 91 4.99 3.87 -1.94
CA THR A 91 5.60 3.46 -3.24
C THR A 91 5.27 1.98 -3.61
N VAL A 92 5.52 0.98 -2.75
CA VAL A 92 5.18 -0.45 -3.03
C VAL A 92 3.64 -0.73 -3.25
N MET A 93 2.73 -0.18 -2.42
CA MET A 93 1.26 -0.23 -2.64
C MET A 93 0.77 0.43 -3.98
N THR A 94 1.16 1.69 -4.28
CA THR A 94 0.90 2.36 -5.59
C THR A 94 1.53 1.61 -6.83
N GLN A 95 2.86 1.35 -6.86
CA GLN A 95 3.52 0.50 -7.90
C GLN A 95 2.89 -0.92 -8.14
N LYS A 96 2.44 -1.63 -7.09
CA LYS A 96 1.64 -2.88 -7.24
C LYS A 96 0.18 -2.63 -7.79
N MET A 97 -0.66 -1.84 -7.10
CA MET A 97 -2.11 -1.71 -7.44
C MET A 97 -2.46 -0.75 -8.63
N SER A 98 -2.09 0.55 -8.57
CA SER A 98 -2.38 1.53 -9.63
C SER A 98 -1.40 1.46 -10.84
#